data_8AYN
#
_entry.id   8AYN
#
_cell.length_a   1.00
_cell.length_b   1.00
_cell.length_c   1.00
_cell.angle_alpha   90.00
_cell.angle_beta   90.00
_cell.angle_gamma   90.00
#
_symmetry.space_group_name_H-M   'P 1'
#
loop_
_entity.id
_entity.type
_entity.pdbx_description
1 polymer 'Isoform Flip of Glutamate receptor 2'
2 polymer 'Voltage-dependent calcium channel gamma-8 subunit'
3 polymer 'Isoform Flip of Glutamate receptor 1'
4 non-polymer '{[7-morpholin-4-yl-2,3-dioxo-6-(trifluoromethyl)-3,4-dihydroquinoxalin-1(2H)-yl]methyl}phosphonic acid'
5 non-polymer '(2R)-2,3-dihydroxypropyl (9Z)-octadec-9-enoate'
6 non-polymer 'PALMITIC ACID'
7 non-polymer '(2S)-3-(hexadecanoyloxy)-2-[(9Z)-octadec-9-enoyloxy]propyl 2-(trimethylammonio)ethyl phosphate'
8 non-polymer 6-[(1~{S})-1-[1-[5-(2-hydroxyethyloxy)pyridin-2-yl]pyrazol-3-yl]ethyl]-3~{H}-1,3-benzothiazol-2-one
#
loop_
_entity_poly.entity_id
_entity_poly.type
_entity_poly.pdbx_seq_one_letter_code
_entity_poly.pdbx_strand_id
1 'polypeptide(L)'
;MQKIMHISVLLSPVLWGLIFGVSSNSIQIGGLFPRGADQEYSAFRVGMVQFSTSEFRLTPHIDNLEVANSFAVTNAFCSQ
FSRGVYAIFGFYDKKSVNTITSFCGTLHVSFITPSFPTDGTHPFVIQMRPDLKGALLSLIEYYQWDKFAYLYDSDRGLST
LQAVLDSAAEKKWQVTAINVGNINNDKKDETYRSLFQDLELKKERRVILDCERDKVNDIVDQVITIGKHVKGYHYIIANL
GFTDGDLLKIQFGGANVSGFQIVDYDDSLVSKFIERWSTLEEKEYPGAHTATIKYTSALTYDAVQVMTEAFRNLRKQRIE
ISRRGNAGDCLANPAVPWGQGVEIERALKQVQVEGLSGNIKFDQNGKRINYTINIMELKTNGPRKIGYWSEVDKMVVTLT
ELPSGNDTSGLENKTVVVTTILESPYVMMKKNHEMLEGNERYEGYCVDLAAEIAKHCGFKYKLTIVGDGKYGARDADTKI
WNGMVGELVYGKADIAIAPLTITLVREEVIDFSKPFMSLGISIMIKKPQKSKPGVFSFLDPLAYEIWMCIVFAYIGVSVV
LFLVSRFSPYEWHTEEFEDGRETQSSESTNEFGIFNSLWFSLGAFMRQGCDISPRSLSGRIVGGVWWFFTLIIISSYTAN
LAAFLTVERMVSPIESAEDLSKQTEIAYGTLDSGSTKEFFRRSKIAVFDKMWTYMRSAEPSVFVRTTAEGVARVRKSKGK
YAYLLESTMNEYIEQRKPCDTMKVGGNLDSKGYGIATPKGSSLGTPVNLAVLKLSEQGVLDKLKNKWWYDKGECGAKDSG
SKEKTSALSLSNVAGVFYILVGGLGLAMLVALIEFCYKSRAEAKRMKVAKNPQNINPSSS
;
B,D
2 'polypeptide(L)'
;GESLKRWNEERGLWCEKGVQVLLTTIGAFAAFGLMTIAISTDYWLYTRALICNTTNLTAGDDGPPHRGGSGSSEKKDPGG
LTHSGLWRICCLEGLKRGVCVKINHFPEDTDYDHDSAEYLLRVVRASSIFPILSAILLLLGGVCVAASRVYKSKRNIILG
AGILFVAAGLSNIIGVIVYISANAGEPGPKRDEEKKNHYSYGWSFYFGGLSFILAEVIGVLAVNIYIERSREAHCQSRSD
LLKAGGGAGGSGGSGPSAILRLPSYRFRYRRRSRSSSRGSSEASPSRDASPGGPGGPGFASTDISMYTLSRDPSKGSVAA
GLASAGGGGGGAGVGAYGGAAGAAGGGGTGSERDRGSSAGFLTLHNAFPKEAASGVTVTVTGPPAAPAPAPPAPAAPAPG
TLSKEAAASNTNTLNRKLEVLFQ
;
I,J
3 'polypeptide(L)'
;MPYIFAFFCTGFLGAVVGADYKDDDDKNFPNNIQIGGLFPNQQSQEHAAFRFALSQLTEPPKLLPQIDIVNISDSFEMTY
RFCSQFSKGVYAIFGFYERRTVNMLTSFCGALHVCFITPSFPVDTSNQFVLQLRPELQEALISIIDHYKWQTFVYIYDAD
RGLSVLQRVLDTAAEKNWQVTAVNILTTTEEGYRMLFQDLEKKKERLVVVDCESERLNAILGQIVKLEKNGIGYHYILAN
LGFMDIDLNKFKESGANVTGFQLVNYTDTIPARIMQQWRTSDSRDHTRVDWKRPKYTSALTYDGVKVMAEAFQSLRRQRI
DISRRGNAGDCLANPAVPWGQGIDIQRALQQVRFEGLTGNVQFNEKGRRTNYTLHVIEMKHDGIRKIGYWNEDDKFVPAA
TDAQAGGDNSSVQNRTYIVTTILEDPYVMLKKNANQFEGNDRYEGYCVELAAEIAKHVGYSYRLEIVSDGKYGARDPDTK
AWNGMVGELVYGRADVAVAPLTITLVREEVIDFSKPFMSLGISIMIKKPQKSKPGVFSFLDPLAYEIWMCIVFAYIGVSV
VLFLVSRFSPYEWHSEEFEEGRDQTTSDQSNEFGIFNSLWFSLGAFMQQGCDISPRSLSGRIVGGVWWFFTLIIISSYTA
NLAAFLTVERMVSPIESAEDLAKQTEIAYGTLEAGSTKEFFRRSKIAVFEKMWTYMKSAEPSVFVRTTEEGMIRVRKSKG
KYAYLLESTMNEYIEQRKPCDTMKVGGNLDSKGYGIATPKGSALRGPVNLAVLKLSEQGVLDKLKSKWWYDKGECGSKDS
GSKDKTSALSLSNVAGVFYILIGGLGLAMLVALIEFCYKSRSESKRMKGFCLIPQQSINEAIRTSTLPRNSGAGASGGGG
SGENGRVVSQDFPKSMQSIPCMSHSSGMPLGATGL
;
C,A
#
# COMPACT_ATOMS: atom_id res chain seq x y z
N VAL A 416 39.00 21.72 -36.22
CA VAL A 416 38.38 20.41 -36.26
C VAL A 416 36.86 20.56 -36.34
N VAL A 417 36.24 19.73 -37.17
CA VAL A 417 34.79 19.69 -37.32
C VAL A 417 34.29 18.31 -36.91
N VAL A 418 33.33 18.28 -35.99
CA VAL A 418 32.83 17.03 -35.44
C VAL A 418 31.66 16.57 -36.30
N THR A 419 31.84 15.44 -36.99
CA THR A 419 30.74 14.82 -37.72
C THR A 419 29.73 14.23 -36.74
N THR A 420 28.47 14.26 -37.13
CA THR A 420 27.39 13.72 -36.31
C THR A 420 26.30 13.19 -37.23
N ILE A 421 25.12 12.93 -36.64
CA ILE A 421 23.99 12.42 -37.40
C ILE A 421 22.74 12.69 -36.59
N LEU A 422 21.60 12.70 -37.25
CA LEU A 422 20.32 13.05 -36.63
C LEU A 422 19.65 11.77 -36.14
N GLU A 423 19.74 11.55 -34.82
CA GLU A 423 19.05 10.41 -34.20
C GLU A 423 18.89 10.75 -32.73
N SER A 424 17.66 11.02 -32.31
CA SER A 424 17.42 11.44 -30.95
C SER A 424 17.66 10.27 -29.99
N PRO A 425 18.06 10.56 -28.74
CA PRO A 425 18.32 11.87 -28.17
C PRO A 425 19.77 12.32 -28.33
N TYR A 426 20.46 11.78 -29.33
CA TYR A 426 21.87 12.09 -29.49
C TYR A 426 22.06 13.40 -30.25
N VAL A 427 21.33 13.60 -31.33
CA VAL A 427 21.29 14.87 -32.05
C VAL A 427 19.84 15.18 -32.40
N MET A 428 19.40 16.37 -32.01
CA MET A 428 18.05 16.81 -32.32
C MET A 428 18.04 18.34 -32.36
N MET A 429 17.23 18.89 -33.27
CA MET A 429 17.22 20.33 -33.49
C MET A 429 16.77 21.05 -32.23
N LYS A 430 17.39 22.20 -31.97
CA LYS A 430 17.11 22.96 -30.76
C LYS A 430 15.71 23.56 -30.83
N LYS A 431 15.15 23.85 -29.65
CA LYS A 431 13.80 24.38 -29.58
C LYS A 431 13.64 25.62 -30.45
N ASN A 432 14.61 26.53 -30.41
CA ASN A 432 14.63 27.72 -31.26
C ASN A 432 16.00 27.74 -31.94
N HIS A 433 16.11 27.07 -33.09
CA HIS A 433 17.37 27.00 -33.81
C HIS A 433 17.52 28.10 -34.85
N GLU A 434 16.41 28.62 -35.39
CA GLU A 434 16.50 29.71 -36.36
C GLU A 434 17.14 30.94 -35.73
N MET A 435 16.76 31.27 -34.50
CA MET A 435 17.30 32.43 -33.82
C MET A 435 18.68 32.11 -33.25
N LEU A 436 19.66 32.94 -33.60
CA LEU A 436 21.03 32.79 -33.11
C LEU A 436 21.49 31.34 -33.23
N GLU A 437 21.51 30.85 -34.47
CA GLU A 437 21.76 29.44 -34.70
C GLU A 437 23.14 29.03 -34.18
N GLY A 438 24.18 29.80 -34.53
CA GLY A 438 25.53 29.52 -34.08
C GLY A 438 25.86 28.05 -34.03
N ASN A 439 26.35 27.60 -32.88
CA ASN A 439 26.54 26.18 -32.62
C ASN A 439 25.41 25.59 -31.80
N GLU A 440 24.42 26.41 -31.42
CA GLU A 440 23.33 25.97 -30.57
C GLU A 440 22.09 25.57 -31.36
N ARG A 441 22.14 25.59 -32.69
CA ARG A 441 21.05 25.05 -33.47
C ARG A 441 20.86 23.55 -33.23
N TYR A 442 21.88 22.87 -32.73
CA TYR A 442 21.84 21.45 -32.42
C TYR A 442 21.99 21.23 -30.92
N GLU A 443 21.27 20.26 -30.40
CA GLU A 443 21.41 19.85 -29.00
C GLU A 443 21.26 18.33 -28.91
N GLY A 444 21.88 17.76 -27.89
CA GLY A 444 21.79 16.32 -27.69
C GLY A 444 22.93 15.81 -26.84
N TYR A 445 22.86 14.51 -26.57
CA TYR A 445 23.89 13.85 -25.77
C TYR A 445 25.25 13.96 -26.43
N CYS A 446 25.30 13.72 -27.74
CA CYS A 446 26.56 13.80 -28.47
C CYS A 446 27.13 15.21 -28.45
N VAL A 447 26.27 16.23 -28.43
CA VAL A 447 26.74 17.61 -28.43
C VAL A 447 27.47 17.92 -27.14
N ASP A 448 26.86 17.60 -26.00
CA ASP A 448 27.51 17.82 -24.72
C ASP A 448 28.78 16.98 -24.62
N LEU A 449 28.75 15.76 -25.15
CA LEU A 449 29.95 14.93 -25.15
C LEU A 449 31.07 15.58 -25.94
N ALA A 450 30.76 16.13 -27.11
CA ALA A 450 31.76 16.79 -27.93
C ALA A 450 32.32 18.00 -27.19
N ALA A 451 31.45 18.76 -26.53
CA ALA A 451 31.93 19.88 -25.72
C ALA A 451 32.95 19.40 -24.70
N GLU A 452 32.60 18.35 -23.95
CA GLU A 452 33.48 17.88 -22.89
C GLU A 452 34.82 17.39 -23.43
N ILE A 453 34.79 16.62 -24.51
CA ILE A 453 36.04 16.06 -25.00
C ILE A 453 36.87 17.09 -25.75
N ALA A 454 36.24 18.14 -26.30
CA ALA A 454 37.02 19.23 -26.88
C ALA A 454 37.67 20.07 -25.80
N LYS A 455 36.97 20.29 -24.68
CA LYS A 455 37.60 20.93 -23.53
C LYS A 455 38.81 20.13 -23.08
N HIS A 456 38.65 18.81 -22.94
CA HIS A 456 39.76 17.98 -22.48
C HIS A 456 40.90 17.97 -23.49
N CYS A 457 40.57 17.90 -24.79
CA CYS A 457 41.58 17.87 -25.83
C CYS A 457 42.09 19.26 -26.20
N GLY A 458 41.42 20.33 -25.76
CA GLY A 458 41.87 21.67 -26.04
C GLY A 458 41.80 22.03 -27.51
N PHE A 459 40.65 21.81 -28.13
CA PHE A 459 40.45 22.07 -29.54
C PHE A 459 39.13 22.80 -29.75
N LYS A 460 39.02 23.47 -30.89
CA LYS A 460 37.78 24.11 -31.31
C LYS A 460 37.01 23.17 -32.22
N TYR A 461 35.69 23.14 -32.06
CA TYR A 461 34.84 22.21 -32.80
C TYR A 461 33.66 22.94 -33.40
N LYS A 462 33.35 22.62 -34.65
CA LYS A 462 32.20 23.15 -35.36
C LYS A 462 31.44 21.98 -35.96
N LEU A 463 30.18 21.83 -35.59
CA LEU A 463 29.43 20.63 -35.92
C LEU A 463 29.16 20.54 -37.42
N THR A 464 28.88 19.31 -37.86
CA THR A 464 28.67 19.05 -39.29
C THR A 464 27.86 17.78 -39.42
N ILE A 465 26.61 17.90 -39.88
CA ILE A 465 25.81 16.72 -40.18
C ILE A 465 26.36 16.05 -41.43
N VAL A 466 26.17 14.73 -41.51
CA VAL A 466 26.64 13.96 -42.66
C VAL A 466 25.66 14.13 -43.81
N GLY A 467 26.19 14.25 -45.02
CA GLY A 467 25.34 14.42 -46.18
C GLY A 467 24.42 13.23 -46.40
N ASP A 468 24.98 12.03 -46.35
CA ASP A 468 24.23 10.80 -46.51
C ASP A 468 23.89 10.26 -45.13
N GLY A 469 22.59 10.16 -44.84
CA GLY A 469 22.17 9.76 -43.51
C GLY A 469 22.66 8.38 -43.12
N LYS A 470 22.75 7.47 -44.09
CA LYS A 470 23.13 6.09 -43.80
C LYS A 470 24.43 6.06 -42.99
N TYR A 471 24.42 5.30 -41.90
CA TYR A 471 25.64 5.10 -41.13
C TYR A 471 26.68 4.40 -41.99
N GLY A 472 27.95 4.74 -41.73
CA GLY A 472 29.05 4.24 -42.53
C GLY A 472 28.90 2.80 -42.95
N ALA A 473 29.08 2.55 -44.24
CA ALA A 473 29.04 1.21 -44.80
C ALA A 473 29.77 1.21 -46.13
N ARG A 474 30.10 0.02 -46.60
CA ARG A 474 30.97 -0.15 -47.76
C ARG A 474 30.28 -1.04 -48.79
N ASP A 475 30.15 -0.53 -50.01
CA ASP A 475 29.46 -1.26 -51.06
C ASP A 475 30.38 -2.31 -51.68
N ALA A 476 29.81 -3.49 -51.95
CA ALA A 476 30.62 -4.61 -52.41
C ALA A 476 31.28 -4.31 -53.75
N ASP A 477 30.49 -3.89 -54.74
CA ASP A 477 31.03 -3.64 -56.07
C ASP A 477 31.91 -2.40 -56.09
N THR A 478 31.40 -1.30 -55.53
CA THR A 478 32.12 -0.03 -55.61
C THR A 478 33.36 -0.04 -54.72
N LYS A 479 33.22 -0.55 -53.49
CA LYS A 479 34.30 -0.53 -52.51
C LYS A 479 34.58 0.89 -52.01
N ILE A 480 33.53 1.66 -51.75
CA ILE A 480 33.62 2.99 -51.18
C ILE A 480 32.76 3.04 -49.92
N TRP A 481 33.16 3.90 -48.99
CA TRP A 481 32.46 4.07 -47.72
C TRP A 481 31.56 5.29 -47.78
N ASN A 482 30.27 5.08 -47.49
CA ASN A 482 29.25 6.12 -47.61
C ASN A 482 28.71 6.44 -46.22
N GLY A 483 29.06 7.62 -45.73
CA GLY A 483 28.53 8.11 -44.47
C GLY A 483 29.61 8.80 -43.67
N MET A 484 29.37 8.88 -42.36
CA MET A 484 30.35 9.48 -41.45
C MET A 484 31.72 8.85 -41.63
N VAL A 485 31.75 7.53 -41.85
CA VAL A 485 33.00 6.85 -42.13
C VAL A 485 33.64 7.41 -43.39
N GLY A 486 32.84 7.61 -44.44
CA GLY A 486 33.36 8.24 -45.64
C GLY A 486 33.89 9.64 -45.37
N GLU A 487 33.19 10.40 -44.52
CA GLU A 487 33.64 11.75 -44.21
C GLU A 487 35.00 11.72 -43.51
N LEU A 488 35.19 10.81 -42.57
CA LEU A 488 36.45 10.76 -41.84
C LEU A 488 37.58 10.25 -42.73
N VAL A 489 37.35 9.14 -43.43
CA VAL A 489 38.42 8.49 -44.18
C VAL A 489 38.88 9.36 -45.34
N TYR A 490 38.01 10.20 -45.89
CA TYR A 490 38.32 10.99 -47.07
C TYR A 490 38.68 12.44 -46.73
N GLY A 491 38.89 12.76 -45.47
CA GLY A 491 39.40 14.05 -45.07
C GLY A 491 38.37 15.14 -44.90
N LYS A 492 37.09 14.87 -45.19
CA LYS A 492 36.07 15.89 -45.02
C LYS A 492 35.98 16.34 -43.56
N ALA A 493 36.13 15.39 -42.63
CA ALA A 493 36.03 15.68 -41.21
C ALA A 493 37.15 14.98 -40.47
N ASP A 494 37.48 15.52 -39.30
CA ASP A 494 38.55 14.97 -38.47
C ASP A 494 38.03 13.92 -37.50
N ILE A 495 36.92 14.20 -36.82
CA ILE A 495 36.40 13.34 -35.77
C ILE A 495 34.90 13.18 -35.96
N ALA A 496 34.37 12.07 -35.44
CA ALA A 496 32.95 11.76 -35.52
C ALA A 496 32.44 11.41 -34.14
N ILE A 497 31.62 12.28 -33.57
CA ILE A 497 31.03 12.08 -32.26
C ILE A 497 29.56 11.77 -32.48
N ALA A 498 29.26 10.48 -32.60
CA ALA A 498 27.91 10.03 -32.89
C ALA A 498 27.77 8.59 -32.44
N PRO A 499 26.55 8.09 -32.30
CA PRO A 499 26.36 6.70 -31.89
C PRO A 499 26.80 5.73 -32.97
N LEU A 500 28.09 5.71 -33.26
CA LEU A 500 28.65 4.84 -34.29
C LEU A 500 29.10 3.53 -33.64
N THR A 501 28.56 2.42 -34.12
CA THR A 501 28.85 1.12 -33.54
C THR A 501 30.24 0.64 -33.94
N ILE A 502 30.93 0.02 -33.01
CA ILE A 502 32.27 -0.50 -33.26
C ILE A 502 32.15 -1.84 -33.95
N THR A 503 32.87 -1.99 -35.06
CA THR A 503 32.76 -3.18 -35.90
C THR A 503 34.11 -3.44 -36.53
N LEU A 504 34.36 -4.71 -36.86
CA LEU A 504 35.67 -5.10 -37.37
C LEU A 504 35.98 -4.43 -38.69
N VAL A 505 35.07 -4.55 -39.65
CA VAL A 505 35.31 -3.96 -40.97
C VAL A 505 35.46 -2.45 -40.86
N ARG A 506 34.71 -1.85 -39.93
CA ARG A 506 34.75 -0.42 -39.74
C ARG A 506 35.99 0.04 -38.99
N GLU A 507 36.69 -0.86 -38.30
CA GLU A 507 37.92 -0.47 -37.64
C GLU A 507 39.13 -0.61 -38.56
N GLU A 508 39.05 -1.49 -39.55
CA GLU A 508 40.18 -1.70 -40.45
C GLU A 508 40.53 -0.44 -41.23
N VAL A 509 39.68 0.58 -41.18
CA VAL A 509 39.91 1.81 -41.91
C VAL A 509 39.99 3.03 -41.00
N ILE A 510 39.36 3.01 -39.83
CA ILE A 510 39.43 4.12 -38.89
C ILE A 510 39.70 3.56 -37.50
N ASP A 511 40.11 4.46 -36.61
CA ASP A 511 40.42 4.12 -35.24
C ASP A 511 39.30 4.60 -34.32
N PHE A 512 38.62 3.66 -33.68
CA PHE A 512 37.62 3.98 -32.69
C PHE A 512 38.27 4.25 -31.34
N SER A 513 37.49 4.83 -30.44
CA SER A 513 37.90 5.03 -29.06
C SER A 513 37.32 3.91 -28.21
N LYS A 514 37.55 3.99 -26.92
CA LYS A 514 36.91 3.07 -26.01
C LYS A 514 35.44 3.43 -25.88
N PRO A 515 34.54 2.45 -25.76
CA PRO A 515 33.11 2.76 -25.77
C PRO A 515 32.73 3.77 -24.70
N PHE A 516 31.87 4.70 -25.08
CA PHE A 516 31.28 5.64 -24.14
C PHE A 516 29.88 5.25 -23.72
N MET A 517 29.26 4.30 -24.41
CA MET A 517 28.13 3.56 -23.85
C MET A 517 28.09 2.17 -24.45
N SER A 518 27.76 1.21 -23.60
CA SER A 518 27.64 -0.18 -23.98
C SER A 518 26.17 -0.56 -24.03
N LEU A 519 25.80 -1.36 -25.02
CA LEU A 519 24.40 -1.65 -25.29
C LEU A 519 24.30 -3.03 -25.91
N GLY A 520 23.12 -3.35 -26.42
CA GLY A 520 22.90 -4.62 -27.07
C GLY A 520 21.46 -4.75 -27.50
N ILE A 521 21.16 -5.90 -28.09
CA ILE A 521 19.81 -6.18 -28.55
C ILE A 521 18.93 -6.49 -27.34
N SER A 522 17.70 -5.97 -27.37
CA SER A 522 16.78 -6.06 -26.25
C SER A 522 15.37 -6.17 -26.80
N ILE A 523 14.45 -6.51 -25.89
CA ILE A 523 13.07 -6.84 -26.23
C ILE A 523 12.15 -5.74 -25.70
N MET A 524 11.33 -5.20 -26.60
CA MET A 524 10.30 -4.23 -26.29
C MET A 524 8.95 -4.91 -26.35
N ILE A 525 8.15 -4.71 -25.31
CA ILE A 525 6.80 -5.26 -25.25
C ILE A 525 5.83 -4.16 -24.85
N LYS A 526 4.57 -4.37 -25.21
CA LYS A 526 3.50 -3.50 -24.75
C LYS A 526 3.36 -3.60 -23.23
N LYS A 527 3.22 -2.45 -22.60
CA LYS A 527 3.08 -2.42 -21.15
C LYS A 527 1.83 -3.20 -20.73
N PRO A 528 1.95 -4.15 -19.82
CA PRO A 528 0.76 -4.89 -19.38
C PRO A 528 -0.27 -3.96 -18.76
N GLN A 529 -1.54 -4.28 -19.00
CA GLN A 529 -2.65 -3.50 -18.48
C GLN A 529 -3.74 -4.47 -18.05
N LYS A 530 -4.64 -3.98 -17.20
CA LYS A 530 -5.78 -4.77 -16.76
C LYS A 530 -6.50 -5.39 -17.95
N SER A 531 -6.49 -6.72 -18.00
CA SER A 531 -7.20 -7.42 -19.06
C SER A 531 -8.67 -7.54 -18.71
N LYS A 532 -9.49 -7.69 -19.74
CA LYS A 532 -10.92 -7.78 -19.52
C LYS A 532 -11.23 -9.07 -18.76
N PRO A 533 -12.01 -9.02 -17.69
CA PRO A 533 -12.26 -10.25 -16.93
C PRO A 533 -12.97 -11.29 -17.76
N GLY A 534 -12.59 -12.53 -17.56
CA GLY A 534 -13.19 -13.63 -18.26
C GLY A 534 -14.29 -14.29 -17.46
N VAL A 535 -15.26 -14.88 -18.16
CA VAL A 535 -16.25 -15.68 -17.49
C VAL A 535 -15.54 -16.78 -16.73
N PHE A 536 -15.98 -17.02 -15.51
CA PHE A 536 -15.35 -17.96 -14.58
C PHE A 536 -14.08 -17.39 -13.96
N SER A 537 -13.96 -16.07 -13.92
CA SER A 537 -12.94 -15.42 -13.12
C SER A 537 -13.28 -15.39 -11.64
N PHE A 538 -14.52 -15.71 -11.29
CA PHE A 538 -14.91 -15.81 -9.88
C PHE A 538 -14.25 -16.99 -9.20
N LEU A 539 -13.63 -17.89 -9.95
CA LEU A 539 -12.92 -19.02 -9.38
C LEU A 539 -11.45 -18.71 -9.12
N ASP A 540 -10.98 -17.54 -9.56
CA ASP A 540 -9.57 -17.21 -9.48
C ASP A 540 -9.00 -17.26 -8.06
N PRO A 541 -9.67 -16.74 -7.04
CA PRO A 541 -9.04 -16.71 -5.70
C PRO A 541 -8.62 -18.07 -5.19
N LEU A 542 -9.21 -19.14 -5.67
CA LEU A 542 -8.84 -20.50 -5.28
C LEU A 542 -8.30 -21.25 -6.48
N ALA A 543 -7.26 -22.05 -6.25
CA ALA A 543 -6.68 -22.84 -7.29
C ALA A 543 -7.62 -23.98 -7.70
N TYR A 544 -7.51 -24.38 -8.97
CA TYR A 544 -8.41 -25.40 -9.51
C TYR A 544 -8.32 -26.69 -8.71
N GLU A 545 -7.13 -27.02 -8.21
CA GLU A 545 -6.97 -28.24 -7.43
C GLU A 545 -7.81 -28.19 -6.16
N ILE A 546 -7.94 -27.01 -5.55
CA ILE A 546 -8.80 -26.88 -4.38
C ILE A 546 -10.24 -27.15 -4.76
N TRP A 547 -10.68 -26.64 -5.90
CA TRP A 547 -12.07 -26.87 -6.33
C TRP A 547 -12.33 -28.36 -6.56
N MET A 548 -11.42 -29.04 -7.25
CA MET A 548 -11.62 -30.48 -7.46
C MET A 548 -11.60 -31.24 -6.15
N CYS A 549 -10.70 -30.89 -5.25
CA CYS A 549 -10.69 -31.56 -3.95
C CYS A 549 -11.94 -31.25 -3.15
N ILE A 550 -12.51 -30.05 -3.32
CA ILE A 550 -13.78 -29.73 -2.68
C ILE A 550 -14.88 -30.64 -3.19
N VAL A 551 -14.93 -30.86 -4.51
CA VAL A 551 -15.93 -31.76 -5.06
C VAL A 551 -15.73 -33.17 -4.53
N PHE A 552 -14.49 -33.63 -4.50
CA PHE A 552 -14.20 -34.97 -4.01
C PHE A 552 -14.59 -35.11 -2.54
N ALA A 553 -14.31 -34.08 -1.75
CA ALA A 553 -14.69 -34.09 -0.34
C ALA A 553 -16.19 -34.10 -0.17
N TYR A 554 -16.92 -33.36 -0.99
CA TYR A 554 -18.37 -33.39 -0.95
C TYR A 554 -18.89 -34.79 -1.20
N ILE A 555 -18.38 -35.44 -2.25
CA ILE A 555 -18.82 -36.81 -2.54
C ILE A 555 -18.48 -37.73 -1.39
N GLY A 556 -17.26 -37.63 -0.87
CA GLY A 556 -16.82 -38.53 0.18
C GLY A 556 -17.60 -38.35 1.47
N VAL A 557 -17.83 -37.11 1.88
CA VAL A 557 -18.57 -36.86 3.10
C VAL A 557 -20.01 -37.31 2.97
N SER A 558 -20.63 -37.06 1.81
CA SER A 558 -21.99 -37.54 1.61
C SER A 558 -22.05 -39.06 1.70
N VAL A 559 -21.10 -39.74 1.05
CA VAL A 559 -21.09 -41.20 1.05
C VAL A 559 -20.86 -41.74 2.45
N VAL A 560 -19.92 -41.16 3.19
CA VAL A 560 -19.63 -41.62 4.54
C VAL A 560 -20.84 -41.44 5.43
N LEU A 561 -21.51 -40.30 5.32
CA LEU A 561 -22.71 -40.07 6.12
C LEU A 561 -23.79 -41.08 5.78
N PHE A 562 -23.96 -41.38 4.50
CA PHE A 562 -24.95 -42.36 4.09
C PHE A 562 -24.64 -43.73 4.67
N LEU A 563 -23.39 -44.18 4.55
CA LEU A 563 -23.00 -45.48 5.08
C LEU A 563 -23.24 -45.55 6.57
N VAL A 564 -22.80 -44.53 7.30
CA VAL A 564 -22.95 -44.49 8.74
C VAL A 564 -24.42 -44.54 9.13
N SER A 565 -25.27 -43.79 8.44
CA SER A 565 -26.68 -43.76 8.78
C SER A 565 -27.35 -45.10 8.47
N ARG A 566 -26.93 -45.76 7.40
CA ARG A 566 -27.55 -47.02 7.03
C ARG A 566 -27.14 -48.14 7.98
N PHE A 567 -25.84 -48.25 8.26
CA PHE A 567 -25.33 -49.34 9.07
C PHE A 567 -25.64 -49.15 10.55
N SER A 568 -25.51 -47.93 11.06
CA SER A 568 -25.66 -47.64 12.48
C SER A 568 -26.69 -46.53 12.67
N PRO A 569 -27.96 -46.81 12.34
CA PRO A 569 -29.00 -45.81 12.55
C PRO A 569 -29.27 -45.57 14.03
N TYR A 570 -29.77 -44.38 14.32
CA TYR A 570 -30.10 -43.99 15.68
C TYR A 570 -31.24 -44.84 16.24
N GLU A 591 -33.58 -41.61 7.19
CA GLU A 591 -33.70 -40.21 6.78
C GLU A 591 -32.53 -39.80 5.90
N PHE A 592 -31.35 -40.34 6.17
CA PHE A 592 -30.14 -39.95 5.46
C PHE A 592 -29.79 -40.99 4.41
N GLY A 593 -30.55 -40.95 3.32
CA GLY A 593 -30.15 -41.61 2.11
C GLY A 593 -29.06 -40.85 1.40
N ILE A 594 -28.61 -41.41 0.28
CA ILE A 594 -27.55 -40.77 -0.49
C ILE A 594 -28.02 -39.43 -1.03
N PHE A 595 -29.27 -39.36 -1.50
CA PHE A 595 -29.81 -38.12 -2.03
C PHE A 595 -29.86 -37.04 -0.96
N ASN A 596 -30.47 -37.36 0.18
CA ASN A 596 -30.57 -36.39 1.25
C ASN A 596 -29.23 -36.13 1.91
N SER A 597 -28.33 -37.10 1.89
CA SER A 597 -26.98 -36.88 2.38
C SER A 597 -26.26 -35.83 1.54
N LEU A 598 -26.37 -35.96 0.21
CA LEU A 598 -25.80 -34.97 -0.68
C LEU A 598 -26.44 -33.61 -0.48
N TRP A 599 -27.75 -33.58 -0.30
CA TRP A 599 -28.44 -32.32 -0.05
C TRP A 599 -27.96 -31.66 1.24
N PHE A 600 -27.81 -32.44 2.30
CA PHE A 600 -27.31 -31.90 3.57
C PHE A 600 -25.91 -31.33 3.40
N SER A 601 -25.03 -32.07 2.74
CA SER A 601 -23.67 -31.60 2.54
C SER A 601 -23.64 -30.32 1.72
N LEU A 602 -24.42 -30.25 0.66
CA LEU A 602 -24.44 -29.05 -0.17
C LEU A 602 -24.99 -27.86 0.59
N GLY A 603 -26.07 -28.05 1.33
CA GLY A 603 -26.60 -26.96 2.14
C GLY A 603 -25.64 -26.49 3.20
N ALA A 604 -24.86 -27.42 3.77
CA ALA A 604 -23.83 -27.04 4.72
C ALA A 604 -22.75 -26.21 4.06
N PHE A 605 -22.30 -26.61 2.87
CA PHE A 605 -21.24 -25.85 2.20
C PHE A 605 -21.68 -24.45 1.82
N MET A 606 -22.98 -24.24 1.62
CA MET A 606 -23.50 -22.95 1.21
C MET A 606 -24.04 -22.13 2.36
N ARG A 607 -23.95 -22.63 3.58
CA ARG A 607 -24.36 -21.86 4.75
C ARG A 607 -25.85 -21.55 4.68
N GLN A 608 -26.63 -22.60 4.36
CA GLN A 608 -28.07 -22.49 4.22
C GLN A 608 -28.85 -23.37 5.18
N GLY A 609 -28.20 -24.34 5.82
CA GLY A 609 -28.89 -25.24 6.70
C GLY A 609 -29.79 -26.19 5.93
N CYS A 610 -30.27 -27.24 6.60
CA CYS A 610 -31.09 -28.25 5.98
C CYS A 610 -32.31 -28.51 6.86
N ASP A 611 -33.25 -29.28 6.32
CA ASP A 611 -34.46 -29.64 7.04
C ASP A 611 -34.25 -30.85 7.94
N ILE A 612 -33.06 -31.45 7.92
CA ILE A 612 -32.75 -32.59 8.76
C ILE A 612 -31.29 -32.50 9.19
N SER A 613 -31.02 -32.94 10.41
CA SER A 613 -29.68 -32.98 10.94
C SER A 613 -29.39 -34.33 11.55
N PRO A 614 -28.14 -34.76 11.56
CA PRO A 614 -27.81 -36.07 12.14
C PRO A 614 -28.15 -36.13 13.62
N ARG A 615 -28.46 -37.34 14.06
CA ARG A 615 -28.83 -37.60 15.44
C ARG A 615 -27.87 -38.54 16.13
N SER A 616 -26.97 -39.19 15.40
CA SER A 616 -26.00 -40.12 15.95
C SER A 616 -24.63 -39.49 16.01
N LEU A 617 -23.80 -40.04 16.91
CA LEU A 617 -22.49 -39.45 17.15
C LEU A 617 -21.62 -39.46 15.91
N SER A 618 -21.67 -40.53 15.13
CA SER A 618 -20.83 -40.63 13.95
C SER A 618 -21.27 -39.64 12.88
N GLY A 619 -22.57 -39.58 12.61
CA GLY A 619 -23.08 -38.60 11.67
C GLY A 619 -22.79 -37.18 12.12
N ARG A 620 -22.86 -36.94 13.42
CA ARG A 620 -22.59 -35.62 13.94
C ARG A 620 -21.11 -35.26 13.84
N ILE A 621 -20.22 -36.24 13.99
CA ILE A 621 -18.81 -36.01 13.74
C ILE A 621 -18.59 -35.60 12.30
N VAL A 622 -19.19 -36.35 11.38
CA VAL A 622 -19.09 -36.03 9.96
C VAL A 622 -19.57 -34.61 9.69
N GLY A 623 -20.75 -34.28 10.22
CA GLY A 623 -21.31 -32.96 10.00
C GLY A 623 -20.46 -31.84 10.56
N GLY A 624 -19.97 -32.01 11.79
CA GLY A 624 -19.15 -30.98 12.39
C GLY A 624 -17.87 -30.73 11.63
N VAL A 625 -17.21 -31.79 11.20
CA VAL A 625 -15.97 -31.62 10.46
C VAL A 625 -16.23 -30.97 9.11
N TRP A 626 -17.30 -31.36 8.44
CA TRP A 626 -17.67 -30.72 7.19
C TRP A 626 -17.97 -29.24 7.40
N TRP A 627 -18.63 -28.91 8.51
CA TRP A 627 -18.93 -27.53 8.84
C TRP A 627 -17.67 -26.70 9.00
N PHE A 628 -16.70 -27.22 9.75
CA PHE A 628 -15.43 -26.53 9.91
C PHE A 628 -14.74 -26.31 8.57
N PHE A 629 -14.71 -27.35 7.75
CA PHE A 629 -14.12 -27.24 6.42
C PHE A 629 -14.76 -26.10 5.63
N THR A 630 -16.09 -26.06 5.60
CA THR A 630 -16.79 -25.04 4.84
C THR A 630 -16.47 -23.65 5.35
N LEU A 631 -16.49 -23.48 6.67
CA LEU A 631 -16.18 -22.19 7.26
C LEU A 631 -14.82 -21.70 6.79
N ILE A 632 -13.80 -22.53 6.94
CA ILE A 632 -12.46 -22.13 6.56
C ILE A 632 -12.39 -21.80 5.07
N ILE A 633 -12.95 -22.66 4.23
CA ILE A 633 -12.82 -22.50 2.79
C ILE A 633 -13.50 -21.22 2.31
N ILE A 634 -14.71 -20.95 2.80
CA ILE A 634 -15.42 -19.77 2.34
C ILE A 634 -14.77 -18.50 2.86
N SER A 635 -14.29 -18.51 4.10
CA SER A 635 -13.54 -17.36 4.59
C SER A 635 -12.31 -17.11 3.76
N SER A 636 -11.59 -18.18 3.38
CA SER A 636 -10.42 -18.04 2.53
C SER A 636 -10.77 -17.46 1.17
N TYR A 637 -11.86 -17.93 0.56
CA TYR A 637 -12.27 -17.39 -0.73
C TYR A 637 -12.53 -15.89 -0.63
N THR A 638 -13.33 -15.48 0.36
CA THR A 638 -13.63 -14.06 0.50
C THR A 638 -12.37 -13.24 0.75
N ALA A 639 -11.48 -13.74 1.61
CA ALA A 639 -10.28 -13.00 1.95
C ALA A 639 -9.35 -12.82 0.75
N ASN A 640 -9.13 -13.89 0.00
CA ASN A 640 -8.25 -13.78 -1.15
C ASN A 640 -8.87 -12.98 -2.27
N LEU A 641 -10.20 -13.01 -2.41
CA LEU A 641 -10.84 -12.10 -3.35
C LEU A 641 -10.63 -10.65 -2.95
N ALA A 642 -10.73 -10.35 -1.66
CA ALA A 642 -10.43 -9.01 -1.19
C ALA A 642 -9.01 -8.61 -1.51
N ALA A 643 -8.07 -9.52 -1.29
CA ALA A 643 -6.69 -9.27 -1.67
C ALA A 643 -6.56 -8.95 -3.15
N PHE A 644 -7.15 -9.78 -4.01
CA PHE A 644 -7.08 -9.56 -5.44
C PHE A 644 -7.62 -8.19 -5.82
N LEU A 645 -8.76 -7.81 -5.25
CA LEU A 645 -9.40 -6.56 -5.63
C LEU A 645 -8.77 -5.35 -4.97
N THR A 646 -7.92 -5.52 -3.96
CA THR A 646 -7.33 -4.39 -3.27
C THR A 646 -6.06 -3.91 -3.95
N VAL A 647 -5.16 -4.83 -4.31
CA VAL A 647 -3.89 -4.50 -4.91
C VAL A 647 -3.81 -5.16 -6.28
N GLU A 648 -3.49 -4.37 -7.30
CA GLU A 648 -3.23 -4.90 -8.62
C GLU A 648 -1.80 -5.41 -8.70
N ARG A 649 -1.62 -6.53 -9.39
CA ARG A 649 -0.28 -7.10 -9.52
C ARG A 649 -0.22 -7.74 -10.91
N MET A 650 0.28 -6.98 -11.87
CA MET A 650 0.42 -7.47 -13.24
C MET A 650 1.77 -8.13 -13.43
N VAL A 651 1.78 -9.21 -14.20
CA VAL A 651 2.98 -9.99 -14.44
C VAL A 651 3.21 -10.05 -15.94
N SER A 652 4.46 -9.83 -16.35
CA SER A 652 4.77 -9.83 -17.77
C SER A 652 4.68 -11.26 -18.32
N PRO A 653 4.10 -11.43 -19.50
CA PRO A 653 4.04 -12.79 -20.08
C PRO A 653 5.42 -13.38 -20.29
N ILE A 654 6.41 -12.55 -20.61
CA ILE A 654 7.76 -12.98 -20.90
C ILE A 654 8.73 -12.11 -20.11
N GLU A 655 9.90 -12.68 -19.84
CA GLU A 655 10.94 -11.97 -19.10
C GLU A 655 12.33 -12.23 -19.68
N SER A 656 12.42 -12.76 -20.88
CA SER A 656 13.70 -13.08 -21.51
C SER A 656 13.44 -13.50 -22.94
N ALA A 657 14.51 -13.88 -23.63
CA ALA A 657 14.38 -14.43 -24.98
C ALA A 657 14.07 -15.91 -24.95
N GLU A 658 14.66 -16.65 -24.02
CA GLU A 658 14.36 -18.07 -23.89
C GLU A 658 12.87 -18.28 -23.69
N ASP A 659 12.28 -17.61 -22.70
CA ASP A 659 10.84 -17.68 -22.51
C ASP A 659 10.10 -17.29 -23.78
N LEU A 660 10.52 -16.19 -24.40
CA LEU A 660 9.97 -15.80 -25.69
C LEU A 660 10.31 -16.79 -26.79
N SER A 661 11.32 -17.63 -26.59
CA SER A 661 11.71 -18.57 -27.64
C SER A 661 10.81 -19.79 -27.66
N LYS A 662 10.52 -20.33 -26.48
CA LYS A 662 9.81 -21.59 -26.38
C LYS A 662 8.37 -21.46 -26.87
N GLN A 663 7.65 -20.44 -26.40
CA GLN A 663 6.26 -20.30 -26.78
C GLN A 663 6.15 -19.70 -28.17
N THR A 664 4.93 -19.72 -28.70
CA THR A 664 4.65 -19.20 -30.04
C THR A 664 3.51 -18.20 -30.07
N GLU A 665 2.86 -17.92 -28.93
CA GLU A 665 1.71 -17.04 -28.95
C GLU A 665 2.08 -15.62 -29.39
N ILE A 666 3.21 -15.12 -28.91
CA ILE A 666 3.64 -13.75 -29.23
C ILE A 666 4.59 -13.81 -30.41
N ALA A 667 4.56 -12.75 -31.21
CA ALA A 667 5.28 -12.70 -32.48
C ALA A 667 6.53 -11.86 -32.33
N TYR A 668 7.54 -12.17 -33.15
CA TYR A 668 8.84 -11.56 -33.00
C TYR A 668 8.86 -10.30 -33.85
N GLY A 669 10.01 -9.64 -33.93
CA GLY A 669 10.11 -8.55 -34.87
C GLY A 669 11.42 -7.80 -34.87
N THR A 670 11.98 -7.60 -36.06
CA THR A 670 13.18 -6.81 -36.24
C THR A 670 13.03 -5.94 -37.47
N LEU A 671 13.81 -4.87 -37.51
CA LEU A 671 13.93 -4.07 -38.71
C LEU A 671 14.36 -4.95 -39.87
N ASP A 672 13.76 -4.72 -41.03
CA ASP A 672 13.99 -5.62 -42.16
C ASP A 672 15.43 -5.63 -42.62
N SER A 673 16.17 -4.55 -42.37
CA SER A 673 17.59 -4.47 -42.73
C SER A 673 18.34 -3.79 -41.60
N GLY A 674 19.26 -4.52 -40.98
CA GLY A 674 20.03 -3.95 -39.89
C GLY A 674 20.99 -4.98 -39.32
N SER A 675 21.66 -4.58 -38.25
CA SER A 675 22.60 -5.47 -37.58
C SER A 675 21.88 -6.54 -36.76
N THR A 676 20.69 -6.24 -36.25
CA THR A 676 19.95 -7.24 -35.48
C THR A 676 19.57 -8.43 -36.35
N LYS A 677 19.05 -8.16 -37.55
CA LYS A 677 18.65 -9.23 -38.43
C LYS A 677 19.85 -10.07 -38.84
N GLU A 678 20.98 -9.43 -39.10
CA GLU A 678 22.20 -10.17 -39.42
C GLU A 678 22.65 -11.01 -38.23
N PHE A 679 22.59 -10.45 -37.03
CA PHE A 679 23.02 -11.19 -35.84
C PHE A 679 22.20 -12.45 -35.67
N PHE A 680 20.89 -12.36 -35.88
CA PHE A 680 20.07 -13.56 -35.84
C PHE A 680 20.40 -14.49 -37.02
N ARG A 681 20.69 -13.90 -38.18
CA ARG A 681 20.97 -14.69 -39.37
C ARG A 681 22.23 -15.52 -39.22
N ARG A 682 23.29 -14.92 -38.65
CA ARG A 682 24.60 -15.57 -38.56
C ARG A 682 24.81 -16.31 -37.26
N SER A 683 23.84 -16.32 -36.35
CA SER A 683 24.08 -16.83 -35.02
C SER A 683 24.12 -18.36 -35.01
N LYS A 684 24.93 -18.90 -34.10
CA LYS A 684 24.98 -20.33 -33.84
C LYS A 684 24.36 -20.70 -32.49
N ILE A 685 24.02 -19.72 -31.65
CA ILE A 685 23.37 -20.03 -30.39
C ILE A 685 21.97 -20.56 -30.66
N ALA A 686 21.61 -21.64 -29.97
CA ALA A 686 20.39 -22.36 -30.31
C ALA A 686 19.16 -21.45 -30.25
N VAL A 687 19.06 -20.63 -29.21
CA VAL A 687 17.86 -19.84 -29.01
C VAL A 687 17.65 -18.88 -30.18
N PHE A 688 18.72 -18.22 -30.61
CA PHE A 688 18.57 -17.26 -31.70
C PHE A 688 18.42 -17.96 -33.04
N ASP A 689 18.94 -19.19 -33.17
CA ASP A 689 18.67 -19.97 -34.37
C ASP A 689 17.17 -20.28 -34.48
N LYS A 690 16.56 -20.72 -33.38
CA LYS A 690 15.12 -20.94 -33.37
C LYS A 690 14.38 -19.65 -33.67
N MET A 691 14.86 -18.54 -33.11
CA MET A 691 14.22 -17.26 -33.35
C MET A 691 14.24 -16.91 -34.83
N TRP A 692 15.38 -17.14 -35.48
CA TRP A 692 15.51 -16.88 -36.92
C TRP A 692 14.58 -17.78 -37.71
N THR A 693 14.52 -19.06 -37.34
CA THR A 693 13.60 -19.98 -38.01
C THR A 693 12.18 -19.44 -37.97
N TYR A 694 11.71 -19.10 -36.77
CA TYR A 694 10.36 -18.57 -36.63
C TYR A 694 10.17 -17.30 -37.45
N MET A 695 11.14 -16.39 -37.38
CA MET A 695 10.97 -15.09 -38.03
C MET A 695 10.92 -15.23 -39.54
N ARG A 696 11.71 -16.17 -40.10
CA ARG A 696 11.65 -16.42 -41.53
C ARG A 696 10.33 -17.08 -41.92
N SER A 697 9.95 -18.13 -41.21
CA SER A 697 8.78 -18.92 -41.62
C SER A 697 7.49 -18.13 -41.43
N ALA A 698 7.39 -17.36 -40.34
CA ALA A 698 6.11 -16.80 -39.93
C ALA A 698 5.52 -15.89 -41.01
N GLU A 699 4.23 -16.10 -41.29
CA GLU A 699 3.45 -15.24 -42.16
C GLU A 699 2.24 -14.78 -41.37
N PRO A 700 1.90 -13.47 -41.38
CA PRO A 700 2.51 -12.36 -42.12
C PRO A 700 3.94 -12.05 -41.67
N SER A 701 4.65 -11.28 -42.49
CA SER A 701 6.02 -10.93 -42.17
C SER A 701 6.08 -10.16 -40.86
N VAL A 702 7.01 -10.56 -39.99
CA VAL A 702 7.20 -9.87 -38.71
C VAL A 702 8.08 -8.64 -38.86
N PHE A 703 8.90 -8.59 -39.89
CA PHE A 703 9.83 -7.49 -40.06
C PHE A 703 9.09 -6.21 -40.41
N VAL A 704 9.64 -5.08 -39.97
CA VAL A 704 9.10 -3.76 -40.26
C VAL A 704 10.15 -2.97 -41.02
N ARG A 705 9.69 -1.92 -41.70
CA ARG A 705 10.61 -1.09 -42.47
C ARG A 705 11.27 -0.01 -41.62
N THR A 706 10.61 0.43 -40.54
CA THR A 706 11.14 1.48 -39.69
C THR A 706 10.85 1.15 -38.23
N THR A 707 11.68 1.71 -37.34
CA THR A 707 11.51 1.42 -35.92
C THR A 707 10.22 2.02 -35.39
N ALA A 708 9.81 3.17 -35.92
CA ALA A 708 8.52 3.73 -35.54
C ALA A 708 7.38 2.78 -35.89
N GLU A 709 7.49 2.12 -37.04
CA GLU A 709 6.52 1.09 -37.39
C GLU A 709 6.52 -0.04 -36.39
N GLY A 710 7.70 -0.46 -35.94
CA GLY A 710 7.78 -1.53 -34.95
C GLY A 710 7.13 -1.16 -33.63
N VAL A 711 7.42 0.05 -33.14
CA VAL A 711 6.81 0.47 -31.88
C VAL A 711 5.30 0.62 -32.03
N ALA A 712 4.84 1.12 -33.18
CA ALA A 712 3.40 1.23 -33.39
C ALA A 712 2.75 -0.15 -33.41
N ARG A 713 3.37 -1.10 -34.11
CA ARG A 713 2.81 -2.46 -34.16
C ARG A 713 2.79 -3.10 -32.78
N VAL A 714 3.83 -2.83 -31.97
CA VAL A 714 3.83 -3.29 -30.58
C VAL A 714 2.65 -2.68 -29.84
N ARG A 715 2.42 -1.38 -30.03
CA ARG A 715 1.36 -0.70 -29.30
C ARG A 715 -0.02 -1.13 -29.76
N LYS A 716 -0.13 -1.68 -30.97
CA LYS A 716 -1.44 -2.05 -31.51
C LYS A 716 -1.86 -3.44 -31.08
N SER A 717 -0.95 -4.42 -31.15
CA SER A 717 -1.28 -5.81 -30.94
C SER A 717 -1.78 -6.11 -29.53
N LYS A 718 -1.83 -5.13 -28.64
CA LYS A 718 -2.36 -5.32 -27.29
C LYS A 718 -1.67 -6.49 -26.60
N GLY A 719 -0.36 -6.57 -26.75
CA GLY A 719 0.45 -7.55 -26.06
C GLY A 719 0.78 -8.81 -26.84
N LYS A 720 0.56 -8.81 -28.15
CA LYS A 720 0.85 -9.98 -28.99
C LYS A 720 2.06 -9.75 -29.89
N TYR A 721 2.77 -8.63 -29.72
CA TYR A 721 3.94 -8.32 -30.53
C TYR A 721 5.10 -7.94 -29.63
N ALA A 722 6.28 -8.49 -29.92
CA ALA A 722 7.51 -8.18 -29.21
C ALA A 722 8.55 -7.74 -30.22
N TYR A 723 9.02 -6.51 -30.10
CA TYR A 723 10.01 -5.97 -31.01
C TYR A 723 11.41 -6.19 -30.45
N LEU A 724 12.38 -6.35 -31.35
CA LEU A 724 13.78 -6.53 -30.99
C LEU A 724 14.57 -5.36 -31.54
N LEU A 725 15.22 -4.61 -30.64
CA LEU A 725 15.92 -3.41 -31.07
C LEU A 725 17.05 -3.10 -30.09
N GLU A 726 17.77 -2.01 -30.37
CA GLU A 726 18.86 -1.61 -29.51
C GLU A 726 18.33 -1.08 -28.18
N SER A 727 19.09 -1.35 -27.13
CA SER A 727 18.62 -1.09 -25.77
C SER A 727 18.42 0.40 -25.51
N THR A 728 19.32 1.24 -26.03
CA THR A 728 19.23 2.67 -25.76
C THR A 728 17.94 3.26 -26.34
N MET A 729 17.60 2.88 -27.57
CA MET A 729 16.37 3.34 -28.17
C MET A 729 15.17 2.85 -27.37
N ASN A 730 15.23 1.59 -26.91
CA ASN A 730 14.13 1.03 -26.13
C ASN A 730 13.90 1.83 -24.85
N GLU A 731 14.98 2.17 -24.14
CA GLU A 731 14.82 2.96 -22.93
C GLU A 731 14.30 4.35 -23.25
N TYR A 732 14.84 4.98 -24.29
CA TYR A 732 14.36 6.30 -24.70
C TYR A 732 12.86 6.28 -24.91
N ILE A 733 12.39 5.30 -25.69
CA ILE A 733 10.96 5.19 -25.96
C ILE A 733 10.18 4.92 -24.69
N GLU A 734 10.67 4.01 -23.86
CA GLU A 734 9.99 3.69 -22.61
C GLU A 734 9.80 4.93 -21.76
N GLN A 735 10.69 5.92 -21.87
CA GLN A 735 10.57 7.15 -21.09
C GLN A 735 9.87 8.25 -21.86
N ARG A 736 9.30 7.96 -23.04
CA ARG A 736 8.56 8.93 -23.83
C ARG A 736 7.09 8.56 -23.86
N LYS A 737 6.23 9.57 -23.87
CA LYS A 737 4.81 9.32 -23.97
C LYS A 737 4.48 8.70 -25.32
N PRO A 738 3.38 7.93 -25.42
CA PRO A 738 2.34 7.68 -24.42
C PRO A 738 2.72 6.79 -23.23
N CYS A 739 3.98 6.34 -23.15
CA CYS A 739 4.45 5.53 -22.03
C CYS A 739 3.66 4.23 -21.91
N ASP A 740 3.65 3.47 -23.00
CA ASP A 740 2.95 2.20 -23.07
C ASP A 740 3.84 1.11 -23.63
N THR A 741 5.12 1.13 -23.28
CA THR A 741 6.04 0.08 -23.67
C THR A 741 7.08 -0.10 -22.58
N MET A 742 7.70 -1.28 -22.56
CA MET A 742 8.83 -1.51 -21.67
C MET A 742 9.84 -2.44 -22.31
N LYS A 743 11.06 -2.34 -21.80
CA LYS A 743 12.13 -3.27 -22.09
C LYS A 743 12.08 -4.41 -21.09
N VAL A 744 12.25 -5.63 -21.60
CA VAL A 744 12.24 -6.83 -20.76
C VAL A 744 13.50 -7.64 -21.00
N GLY A 745 14.04 -8.19 -19.91
CA GLY A 745 15.14 -9.12 -20.02
C GLY A 745 16.47 -8.41 -20.16
N GLY A 746 17.51 -9.22 -20.22
CA GLY A 746 18.83 -8.72 -20.48
C GLY A 746 19.15 -8.66 -21.94
N ASN A 747 20.19 -7.90 -22.26
CA ASN A 747 20.58 -7.73 -23.65
C ASN A 747 21.11 -9.04 -24.21
N LEU A 748 20.73 -9.32 -25.46
CA LEU A 748 21.09 -10.57 -26.09
C LEU A 748 22.55 -10.57 -26.55
N ASP A 749 23.04 -9.41 -26.98
CA ASP A 749 24.40 -9.25 -27.46
C ASP A 749 25.09 -8.16 -26.65
N SER A 750 26.35 -7.89 -27.02
CA SER A 750 27.12 -6.80 -26.43
C SER A 750 27.72 -5.97 -27.55
N LYS A 751 27.61 -4.66 -27.43
CA LYS A 751 28.11 -3.73 -28.42
C LYS A 751 28.47 -2.44 -27.70
N GLY A 752 29.23 -1.59 -28.38
CA GLY A 752 29.62 -0.32 -27.81
C GLY A 752 29.64 0.76 -28.86
N TYR A 753 29.35 1.98 -28.41
CA TYR A 753 29.43 3.16 -29.26
C TYR A 753 30.72 3.89 -28.94
N GLY A 754 31.48 4.22 -29.98
CA GLY A 754 32.79 4.81 -29.79
C GLY A 754 33.06 5.93 -30.76
N ILE A 755 33.79 6.92 -30.27
CA ILE A 755 34.22 8.04 -31.11
C ILE A 755 35.25 7.56 -32.12
N ALA A 756 35.06 7.95 -33.37
CA ALA A 756 35.89 7.50 -34.47
C ALA A 756 36.93 8.55 -34.84
N THR A 757 37.89 8.12 -35.66
CA THR A 757 39.02 8.94 -36.06
C THR A 757 39.80 8.19 -37.14
N PRO A 758 40.26 8.86 -38.19
CA PRO A 758 40.96 8.15 -39.26
C PRO A 758 42.34 7.69 -38.82
N LYS A 759 42.83 6.67 -39.52
CA LYS A 759 44.13 6.10 -39.20
C LYS A 759 45.22 7.16 -39.28
N GLY A 760 46.11 7.15 -38.28
CA GLY A 760 47.25 8.03 -38.27
C GLY A 760 46.99 9.42 -37.71
N SER A 761 45.74 9.74 -37.38
CA SER A 761 45.44 11.05 -36.84
C SER A 761 46.06 11.23 -35.46
N SER A 762 45.83 12.42 -34.89
CA SER A 762 46.37 12.77 -33.59
C SER A 762 45.30 12.89 -32.51
N LEU A 763 44.03 12.97 -32.89
CA LEU A 763 42.96 13.16 -31.91
C LEU A 763 42.54 11.87 -31.22
N GLY A 764 42.79 10.72 -31.84
CA GLY A 764 42.34 9.47 -31.25
C GLY A 764 42.95 9.22 -29.88
N THR A 765 44.26 9.39 -29.76
CA THR A 765 44.92 9.12 -28.50
C THR A 765 44.42 10.00 -27.36
N PRO A 766 44.24 11.32 -27.54
CA PRO A 766 43.68 12.11 -26.44
C PRO A 766 42.20 11.87 -26.20
N VAL A 767 41.40 11.67 -27.25
CA VAL A 767 39.97 11.46 -27.01
C VAL A 767 39.71 10.15 -26.28
N ASN A 768 40.53 9.12 -26.54
CA ASN A 768 40.40 7.88 -25.80
C ASN A 768 40.56 8.11 -24.29
N LEU A 769 41.65 8.76 -23.91
CA LEU A 769 41.86 9.05 -22.49
C LEU A 769 40.79 9.98 -21.96
N ALA A 770 40.24 10.84 -22.83
CA ALA A 770 39.17 11.72 -22.42
C ALA A 770 37.93 10.93 -22.01
N VAL A 771 37.49 10.00 -22.87
CA VAL A 771 36.31 9.22 -22.58
C VAL A 771 36.54 8.35 -21.34
N LEU A 772 37.74 7.80 -21.21
CA LEU A 772 38.04 7.01 -20.01
C LEU A 772 37.94 7.88 -18.76
N LYS A 773 38.47 9.10 -18.82
CA LYS A 773 38.40 10.00 -17.68
C LYS A 773 36.97 10.36 -17.34
N LEU A 774 36.17 10.67 -18.36
CA LEU A 774 34.76 10.99 -18.12
C LEU A 774 34.03 9.82 -17.48
N SER A 775 34.27 8.60 -17.97
CA SER A 775 33.64 7.44 -17.38
C SER A 775 34.04 7.27 -15.92
N GLU A 776 35.33 7.42 -15.62
CA GLU A 776 35.78 7.28 -14.24
C GLU A 776 35.18 8.35 -13.35
N GLN A 777 35.01 9.56 -13.88
CA GLN A 777 34.49 10.65 -13.06
C GLN A 777 32.99 10.50 -12.81
N GLY A 778 32.23 10.10 -13.82
CA GLY A 778 30.80 9.93 -13.68
C GLY A 778 30.01 10.82 -14.62
N VAL A 779 30.73 11.47 -15.55
CA VAL A 779 30.08 12.44 -16.44
C VAL A 779 29.12 11.73 -17.38
N LEU A 780 29.57 10.65 -18.01
CA LEU A 780 28.73 9.96 -18.99
C LEU A 780 27.46 9.42 -18.33
N ASP A 781 27.60 8.90 -17.11
CA ASP A 781 26.43 8.47 -16.36
C ASP A 781 25.48 9.64 -16.10
N LYS A 782 26.02 10.80 -15.75
CA LYS A 782 25.19 11.96 -15.48
C LYS A 782 24.41 12.36 -16.72
N LEU A 783 25.09 12.42 -17.87
CA LEU A 783 24.41 12.78 -19.10
C LEU A 783 23.37 11.74 -19.50
N LYS A 784 23.68 10.46 -19.31
CA LYS A 784 22.71 9.41 -19.60
C LYS A 784 21.46 9.59 -18.77
N ASN A 785 21.63 9.82 -17.46
CA ASN A 785 20.48 10.02 -16.59
C ASN A 785 19.72 11.27 -16.99
N LYS A 786 20.43 12.31 -17.42
CA LYS A 786 19.79 13.60 -17.64
C LYS A 786 19.05 13.65 -18.97
N TRP A 787 19.50 12.92 -19.99
CA TRP A 787 18.82 12.88 -21.27
C TRP A 787 17.72 11.83 -21.34
N TRP A 788 17.83 10.75 -20.56
CA TRP A 788 16.86 9.65 -20.62
C TRP A 788 15.83 9.73 -19.50
N TYR A 789 16.30 9.72 -18.25
CA TYR A 789 15.39 9.67 -17.11
C TYR A 789 14.86 11.06 -16.80
N ASP A 790 15.74 11.98 -16.42
CA ASP A 790 15.37 13.39 -16.46
C ASP A 790 15.15 13.79 -17.92
N LYS A 791 14.31 14.80 -18.10
CA LYS A 791 13.73 15.09 -19.40
C LYS A 791 12.73 14.03 -19.80
N GLY A 792 12.34 13.17 -18.86
CA GLY A 792 11.45 12.07 -19.12
C GLY A 792 9.98 12.44 -19.04
N GLU A 793 9.29 12.34 -20.16
CA GLU A 793 7.86 12.64 -20.16
C GLU A 793 7.10 11.72 -19.21
N CYS A 794 7.44 10.42 -19.22
CA CYS A 794 6.86 9.49 -18.27
C CYS A 794 7.37 9.80 -16.86
N GLY A 795 6.96 8.98 -15.91
CA GLY A 795 7.35 9.12 -14.53
C GLY A 795 8.44 8.15 -14.13
N ALA A 796 8.52 7.90 -12.83
CA ALA A 796 9.47 6.92 -12.30
C ALA A 796 8.87 5.52 -12.42
N LYS A 797 9.52 4.53 -11.83
CA LYS A 797 8.98 3.18 -11.83
C LYS A 797 7.65 3.13 -11.08
N ASP A 798 7.61 3.72 -9.89
CA ASP A 798 6.39 3.77 -9.09
C ASP A 798 5.69 5.12 -9.30
N SER A 799 5.20 5.29 -10.53
CA SER A 799 4.52 6.54 -10.88
C SER A 799 3.29 6.76 -10.01
N GLY A 800 2.50 5.70 -9.81
CA GLY A 800 1.33 5.79 -8.95
C GLY A 800 0.96 4.42 -8.41
N SER A 801 0.14 4.44 -7.37
CA SER A 801 -0.29 3.21 -6.72
C SER A 801 -1.57 3.49 -5.94
N LYS A 802 -2.22 2.41 -5.52
CA LYS A 802 -3.48 2.49 -4.76
C LYS A 802 -4.54 3.24 -5.56
N GLU A 803 -4.87 2.68 -6.71
CA GLU A 803 -5.88 3.29 -7.57
C GLU A 803 -7.26 3.17 -6.94
N LYS A 804 -8.04 4.23 -7.04
CA LYS A 804 -9.40 4.21 -6.52
C LYS A 804 -10.14 3.02 -7.12
N THR A 805 -10.50 2.05 -6.29
CA THR A 805 -11.05 0.80 -6.80
C THR A 805 -12.41 1.03 -7.43
N SER A 806 -12.69 0.24 -8.45
CA SER A 806 -13.91 0.36 -9.23
C SER A 806 -14.94 -0.66 -8.77
N ALA A 807 -16.20 -0.30 -8.93
CA ALA A 807 -17.29 -1.23 -8.64
C ALA A 807 -17.18 -2.44 -9.55
N LEU A 808 -17.54 -3.61 -9.00
CA LEU A 808 -17.57 -4.81 -9.81
C LEU A 808 -18.60 -4.69 -10.90
N SER A 809 -18.28 -5.23 -12.06
CA SER A 809 -19.12 -5.16 -13.24
C SER A 809 -19.72 -6.52 -13.54
N LEU A 810 -20.80 -6.51 -14.31
CA LEU A 810 -21.47 -7.74 -14.67
C LEU A 810 -20.52 -8.73 -15.32
N SER A 811 -19.57 -8.22 -16.12
CA SER A 811 -18.60 -9.09 -16.76
C SER A 811 -17.74 -9.84 -15.74
N ASN A 812 -17.65 -9.35 -14.51
CA ASN A 812 -16.89 -10.03 -13.48
C ASN A 812 -17.64 -11.25 -12.93
N VAL A 813 -18.97 -11.25 -13.01
CA VAL A 813 -19.79 -12.26 -12.37
C VAL A 813 -20.79 -12.85 -13.36
N ALA A 814 -20.53 -12.67 -14.66
CA ALA A 814 -21.45 -13.15 -15.66
C ALA A 814 -21.49 -14.67 -15.72
N GLY A 815 -20.37 -15.33 -15.43
CA GLY A 815 -20.33 -16.77 -15.51
C GLY A 815 -21.25 -17.44 -14.52
N VAL A 816 -21.40 -16.85 -13.34
CA VAL A 816 -22.30 -17.43 -12.35
C VAL A 816 -23.75 -17.24 -12.76
N PHE A 817 -24.07 -16.14 -13.46
CA PHE A 817 -25.39 -15.99 -14.06
C PHE A 817 -25.64 -17.07 -15.11
N TYR A 818 -24.66 -17.32 -15.97
CA TYR A 818 -24.82 -18.36 -16.98
C TYR A 818 -25.02 -19.72 -16.33
N ILE A 819 -24.24 -20.02 -15.30
CA ILE A 819 -24.38 -21.28 -14.58
C ILE A 819 -25.79 -21.39 -14.00
N LEU A 820 -26.27 -20.32 -13.38
CA LEU A 820 -27.59 -20.33 -12.80
C LEU A 820 -28.66 -20.63 -13.84
N VAL A 821 -28.64 -19.92 -14.96
CA VAL A 821 -29.65 -20.12 -15.99
C VAL A 821 -29.57 -21.52 -16.58
N GLY A 822 -28.36 -22.03 -16.78
CA GLY A 822 -28.21 -23.40 -17.25
C GLY A 822 -28.77 -24.42 -16.28
N GLY A 823 -28.53 -24.21 -14.98
CA GLY A 823 -29.12 -25.08 -13.99
C GLY A 823 -30.63 -25.04 -13.99
N LEU A 824 -31.20 -23.85 -14.17
CA LEU A 824 -32.66 -23.74 -14.25
C LEU A 824 -33.20 -24.51 -15.45
N GLY A 825 -32.55 -24.38 -16.61
CA GLY A 825 -32.95 -25.16 -17.76
C GLY A 825 -32.83 -26.65 -17.53
N LEU A 826 -31.75 -27.08 -16.89
CA LEU A 826 -31.55 -28.49 -16.59
C LEU A 826 -32.64 -29.00 -15.65
N ALA A 827 -33.02 -28.19 -14.67
CA ALA A 827 -34.10 -28.58 -13.77
C ALA A 827 -35.42 -28.74 -14.51
N MET A 828 -35.71 -27.80 -15.41
CA MET A 828 -36.92 -27.91 -16.22
C MET A 828 -36.91 -29.20 -17.03
N LEU A 829 -35.78 -29.49 -17.66
CA LEU A 829 -35.66 -30.69 -18.48
C LEU A 829 -35.84 -31.96 -17.65
N VAL A 830 -35.21 -32.01 -16.48
CA VAL A 830 -35.33 -33.16 -15.61
C VAL A 830 -36.77 -33.36 -15.17
N ALA A 831 -37.46 -32.28 -14.82
CA ALA A 831 -38.85 -32.40 -14.39
C ALA A 831 -39.73 -32.91 -15.51
N LEU A 832 -39.52 -32.39 -16.73
CA LEU A 832 -40.32 -32.86 -17.87
C LEU A 832 -40.04 -34.33 -18.14
N ILE A 833 -38.79 -34.75 -18.00
CA ILE A 833 -38.44 -36.16 -18.21
C ILE A 833 -39.17 -37.03 -17.21
N GLU A 834 -39.16 -36.63 -15.93
CA GLU A 834 -39.87 -37.41 -14.92
C GLU A 834 -41.36 -37.49 -15.25
N PHE A 835 -41.95 -36.35 -15.62
CA PHE A 835 -43.38 -36.32 -15.92
C PHE A 835 -43.71 -37.23 -17.09
N CYS A 836 -42.89 -37.19 -18.14
CA CYS A 836 -43.14 -38.04 -19.31
C CYS A 836 -42.98 -39.51 -18.95
N TYR A 837 -41.99 -39.84 -18.11
CA TYR A 837 -41.81 -41.23 -17.70
C TYR A 837 -43.00 -41.73 -16.93
N LYS A 838 -43.50 -40.91 -15.99
CA LYS A 838 -44.67 -41.32 -15.21
C LYS A 838 -45.93 -41.35 -16.07
N SER A 839 -45.96 -40.62 -17.18
CA SER A 839 -47.11 -40.71 -18.08
C SER A 839 -47.22 -42.07 -18.75
N ARG A 840 -46.17 -42.88 -18.69
CA ARG A 840 -46.19 -44.21 -19.30
C ARG A 840 -46.35 -45.29 -18.24
N GLU B 16 -61.28 -16.44 -12.27
CA GLU B 16 -62.09 -17.23 -13.19
C GLU B 16 -61.22 -17.83 -14.29
N LYS B 17 -61.56 -19.05 -14.71
CA LYS B 17 -60.76 -19.73 -15.72
C LYS B 17 -60.74 -18.95 -17.04
N GLY B 18 -61.90 -18.47 -17.47
CA GLY B 18 -61.96 -17.76 -18.73
C GLY B 18 -61.14 -16.48 -18.72
N VAL B 19 -61.29 -15.68 -17.68
CA VAL B 19 -60.52 -14.44 -17.61
C VAL B 19 -59.04 -14.74 -17.40
N GLN B 20 -58.73 -15.84 -16.71
CA GLN B 20 -57.32 -16.23 -16.57
C GLN B 20 -56.70 -16.53 -17.92
N VAL B 21 -57.42 -17.28 -18.76
CA VAL B 21 -56.91 -17.58 -20.09
C VAL B 21 -56.81 -16.30 -20.92
N LEU B 22 -57.79 -15.42 -20.77
CA LEU B 22 -57.76 -14.17 -21.52
C LEU B 22 -56.54 -13.32 -21.13
N LEU B 23 -56.27 -13.22 -19.84
CA LEU B 23 -55.09 -12.51 -19.37
C LEU B 23 -53.82 -13.16 -19.87
N THR B 24 -53.77 -14.50 -19.87
CA THR B 24 -52.60 -15.19 -20.38
C THR B 24 -52.34 -14.83 -21.84
N THR B 25 -53.39 -14.86 -22.66
CA THR B 25 -53.23 -14.59 -24.08
C THR B 25 -52.86 -13.13 -24.33
N ILE B 26 -53.53 -12.21 -23.64
CA ILE B 26 -53.22 -10.79 -23.80
C ILE B 26 -51.79 -10.51 -23.37
N GLY B 27 -51.36 -11.10 -22.25
CA GLY B 27 -50.00 -10.90 -21.81
C GLY B 27 -48.99 -11.47 -22.77
N ALA B 28 -49.29 -12.63 -23.36
CA ALA B 28 -48.37 -13.19 -24.35
C ALA B 28 -48.22 -12.26 -25.54
N PHE B 29 -49.33 -11.74 -26.05
CA PHE B 29 -49.25 -10.86 -27.21
C PHE B 29 -48.56 -9.54 -26.86
N ALA B 30 -48.84 -9.00 -25.68
CA ALA B 30 -48.17 -7.78 -25.24
C ALA B 30 -46.67 -7.99 -25.08
N ALA B 31 -46.26 -9.10 -24.48
CA ALA B 31 -44.84 -9.37 -24.32
C ALA B 31 -44.16 -9.53 -25.66
N PHE B 32 -44.81 -10.24 -26.59
CA PHE B 32 -44.25 -10.39 -27.93
C PHE B 32 -44.10 -9.04 -28.61
N GLY B 33 -45.12 -8.19 -28.53
CA GLY B 33 -45.02 -6.88 -29.15
C GLY B 33 -43.92 -6.04 -28.53
N LEU B 34 -43.85 -6.03 -27.20
CA LEU B 34 -42.82 -5.27 -26.52
C LEU B 34 -41.43 -5.74 -26.93
N MET B 35 -41.25 -7.05 -27.04
CA MET B 35 -39.94 -7.57 -27.38
C MET B 35 -39.56 -7.26 -28.83
N THR B 36 -40.51 -7.37 -29.75
CA THR B 36 -40.23 -7.01 -31.14
C THR B 36 -39.89 -5.54 -31.25
N ILE B 37 -40.63 -4.68 -30.56
CA ILE B 37 -40.35 -3.26 -30.57
C ILE B 37 -38.96 -2.99 -29.99
N ALA B 38 -38.63 -3.64 -28.88
CA ALA B 38 -37.31 -3.46 -28.30
C ALA B 38 -36.21 -3.86 -29.27
N ILE B 39 -36.42 -4.97 -29.98
CA ILE B 39 -35.41 -5.44 -30.92
C ILE B 39 -35.26 -4.47 -32.09
N SER B 40 -36.34 -3.85 -32.51
CA SER B 40 -36.36 -3.07 -33.75
C SER B 40 -36.68 -1.59 -33.52
N THR B 41 -35.99 -0.94 -32.58
CA THR B 41 -36.18 0.50 -32.38
C THR B 41 -34.90 1.30 -32.29
N ASP B 42 -33.82 0.71 -31.78
CA ASP B 42 -32.51 1.35 -31.76
C ASP B 42 -32.41 2.46 -30.71
N TYR B 43 -33.03 2.29 -29.54
CA TYR B 43 -32.91 3.22 -28.44
C TYR B 43 -32.52 2.51 -27.15
N TRP B 44 -31.64 1.52 -27.25
CA TRP B 44 -31.23 0.77 -26.08
C TRP B 44 -30.27 1.57 -25.22
N LEU B 45 -29.30 2.24 -25.85
CA LEU B 45 -28.19 2.86 -25.14
C LEU B 45 -28.00 4.27 -25.65
N TYR B 46 -27.66 5.17 -24.72
CA TYR B 46 -27.29 6.55 -25.03
C TYR B 46 -25.86 6.75 -24.59
N THR B 47 -25.00 7.23 -25.50
CA THR B 47 -23.60 7.39 -25.11
C THR B 47 -22.87 8.22 -26.17
N ARG B 48 -21.61 8.51 -25.88
CA ARG B 48 -20.69 9.14 -26.81
C ARG B 48 -19.82 8.07 -27.45
N ALA B 49 -19.65 8.14 -28.76
CA ALA B 49 -19.01 7.08 -29.52
C ALA B 49 -17.72 7.48 -30.21
N LEU B 50 -17.67 8.68 -30.80
CA LEU B 50 -16.58 9.17 -31.63
C LEU B 50 -16.70 8.63 -33.05
N ILE B 51 -17.66 7.74 -33.32
CA ILE B 51 -17.98 7.38 -34.70
C ILE B 51 -18.70 8.52 -35.40
N CYS B 52 -19.14 9.53 -34.65
CA CYS B 52 -19.73 10.74 -35.18
C CYS B 52 -19.16 11.94 -34.45
N ASN B 53 -18.89 13.00 -35.20
CA ASN B 53 -18.36 14.24 -34.62
C ASN B 53 -19.48 15.13 -34.11
N ASP B 77 -12.87 14.51 -29.44
CA ASP B 77 -12.17 13.39 -28.81
C ASP B 77 -13.13 12.51 -28.03
N PRO B 78 -13.87 13.08 -27.07
CA PRO B 78 -14.81 12.26 -26.30
C PRO B 78 -15.85 11.58 -27.17
N GLY B 79 -16.28 12.24 -28.23
CA GLY B 79 -17.25 11.71 -29.16
C GLY B 79 -18.52 12.54 -29.18
N GLY B 80 -19.44 12.12 -30.03
CA GLY B 80 -20.72 12.79 -30.20
C GLY B 80 -21.86 11.96 -29.65
N LEU B 81 -22.85 12.63 -29.09
CA LEU B 81 -24.01 11.94 -28.54
C LEU B 81 -24.65 11.08 -29.61
N THR B 82 -25.01 9.86 -29.23
CA THR B 82 -25.60 8.90 -30.15
C THR B 82 -26.43 7.91 -29.37
N HIS B 83 -27.59 7.55 -29.93
CA HIS B 83 -28.43 6.50 -29.39
C HIS B 83 -28.18 5.24 -30.19
N SER B 84 -27.44 4.31 -29.60
CA SER B 84 -27.15 3.04 -30.21
C SER B 84 -28.38 2.15 -30.10
N GLY B 85 -28.24 0.91 -30.48
CA GLY B 85 -29.32 -0.04 -30.40
C GLY B 85 -28.79 -1.43 -30.36
N LEU B 86 -29.55 -2.35 -30.95
CA LEU B 86 -29.13 -3.73 -31.04
C LEU B 86 -28.49 -4.06 -32.38
N TRP B 87 -28.85 -3.32 -33.42
CA TRP B 87 -28.35 -3.56 -34.77
C TRP B 87 -27.58 -2.38 -35.34
N ARG B 88 -28.07 -1.16 -35.14
CA ARG B 88 -27.47 0.02 -35.73
C ARG B 88 -27.35 1.12 -34.70
N ILE B 89 -26.43 2.05 -34.96
CA ILE B 89 -26.12 3.15 -34.08
C ILE B 89 -26.40 4.44 -34.84
N CYS B 90 -27.08 5.36 -34.17
CA CYS B 90 -27.59 6.58 -34.80
C CYS B 90 -27.14 7.77 -33.98
N CYS B 91 -26.22 8.56 -34.55
CA CYS B 91 -25.73 9.75 -33.88
C CYS B 91 -26.60 10.95 -34.18
N LEU B 92 -26.74 11.81 -33.18
CA LEU B 92 -27.68 12.92 -33.23
C LEU B 92 -27.01 14.28 -33.03
N GLU B 93 -25.70 14.35 -33.28
CA GLU B 93 -24.96 15.61 -33.18
C GLU B 93 -24.16 15.83 -34.45
N GLY B 94 -24.16 17.06 -34.93
CA GLY B 94 -23.41 17.42 -36.12
C GLY B 94 -24.24 17.36 -37.38
N LEU B 95 -23.52 17.36 -38.50
CA LEU B 95 -24.18 17.29 -39.80
C LEU B 95 -24.73 15.90 -40.10
N LYS B 96 -24.28 14.88 -39.37
CA LYS B 96 -24.77 13.52 -39.56
C LYS B 96 -25.93 13.26 -38.59
N ARG B 97 -26.92 14.14 -38.68
CA ARG B 97 -28.11 14.04 -37.84
C ARG B 97 -29.10 13.07 -38.48
N GLY B 98 -29.62 12.16 -37.68
CA GLY B 98 -30.54 11.16 -38.20
C GLY B 98 -29.91 10.10 -39.06
N VAL B 99 -28.58 10.05 -39.11
CA VAL B 99 -27.88 9.07 -39.93
C VAL B 99 -27.60 7.84 -39.06
N CYS B 100 -28.14 6.69 -39.47
CA CYS B 100 -28.04 5.45 -38.73
C CYS B 100 -27.11 4.50 -39.48
N VAL B 101 -25.96 4.21 -38.88
CA VAL B 101 -24.96 3.34 -39.48
C VAL B 101 -24.91 2.03 -38.71
N LYS B 102 -24.73 0.95 -39.44
CA LYS B 102 -24.72 -0.38 -38.84
C LYS B 102 -23.57 -0.55 -37.87
N ILE B 103 -23.81 -1.33 -36.82
CA ILE B 103 -22.77 -1.76 -35.92
C ILE B 103 -22.06 -2.97 -36.51
N ASN B 104 -20.78 -3.11 -36.22
CA ASN B 104 -19.96 -4.16 -36.83
C ASN B 104 -19.71 -5.34 -35.90
N HIS B 105 -19.45 -5.08 -34.62
CA HIS B 105 -19.23 -6.10 -33.60
C HIS B 105 -17.88 -6.78 -33.74
N PHE B 106 -17.01 -6.29 -34.62
CA PHE B 106 -15.69 -6.90 -34.82
C PHE B 106 -14.71 -5.82 -35.24
N PRO B 107 -14.34 -4.93 -34.33
CA PRO B 107 -13.36 -3.88 -34.65
C PRO B 107 -11.91 -4.25 -34.40
N GLU B 108 -11.62 -5.52 -34.10
CA GLU B 108 -10.26 -5.96 -33.84
C GLU B 108 -9.95 -7.23 -34.60
N ASP B 109 -8.81 -7.87 -34.28
CA ASP B 109 -8.40 -9.11 -34.92
C ASP B 109 -8.44 -10.24 -33.90
N THR B 110 -9.12 -11.33 -34.24
CA THR B 110 -9.22 -12.49 -33.37
C THR B 110 -9.40 -13.73 -34.23
N ASP B 111 -9.12 -14.89 -33.61
CA ASP B 111 -9.20 -16.16 -34.32
C ASP B 111 -10.65 -16.45 -34.68
N TYR B 112 -10.95 -16.45 -35.98
CA TYR B 112 -12.32 -16.65 -36.43
C TYR B 112 -12.85 -18.02 -36.03
N ASP B 113 -12.03 -19.06 -36.21
CA ASP B 113 -12.48 -20.41 -35.89
C ASP B 113 -12.77 -20.55 -34.40
N HIS B 114 -11.74 -20.41 -33.57
CA HIS B 114 -11.94 -20.40 -32.12
C HIS B 114 -10.75 -19.64 -31.52
N ASP B 115 -10.98 -18.37 -31.17
CA ASP B 115 -9.95 -17.56 -30.53
C ASP B 115 -10.04 -17.69 -29.01
N SER B 116 -11.16 -17.29 -28.43
CA SER B 116 -11.41 -17.38 -27.00
C SER B 116 -12.90 -17.19 -26.78
N ALA B 117 -13.30 -17.05 -25.52
CA ALA B 117 -14.71 -16.81 -25.22
C ALA B 117 -15.20 -15.47 -25.74
N GLU B 118 -14.31 -14.52 -25.98
CA GLU B 118 -14.75 -13.22 -26.46
C GLU B 118 -15.32 -13.31 -27.87
N TYR B 119 -14.75 -14.17 -28.72
CA TYR B 119 -15.32 -14.34 -30.06
C TYR B 119 -16.73 -14.90 -29.98
N LEU B 120 -16.95 -15.90 -29.12
CA LEU B 120 -18.29 -16.45 -28.95
C LEU B 120 -19.24 -15.40 -28.40
N LEU B 121 -18.78 -14.60 -27.44
CA LEU B 121 -19.63 -13.55 -26.89
C LEU B 121 -20.02 -12.54 -27.97
N ARG B 122 -19.08 -12.12 -28.79
CA ARG B 122 -19.37 -11.16 -29.83
C ARG B 122 -20.28 -11.76 -30.89
N VAL B 123 -20.12 -13.05 -31.18
CA VAL B 123 -21.01 -13.70 -32.14
C VAL B 123 -22.43 -13.74 -31.60
N VAL B 124 -22.60 -14.11 -30.33
CA VAL B 124 -23.94 -14.16 -29.74
C VAL B 124 -24.56 -12.78 -29.69
N ARG B 125 -23.76 -11.77 -29.34
CA ARG B 125 -24.25 -10.40 -29.28
C ARG B 125 -24.66 -9.89 -30.65
N ALA B 126 -23.87 -10.22 -31.69
CA ALA B 126 -24.21 -9.80 -33.03
C ALA B 126 -25.48 -10.49 -33.54
N SER B 127 -25.55 -11.81 -33.35
CA SER B 127 -26.72 -12.55 -33.81
C SER B 127 -27.97 -12.12 -33.05
N SER B 128 -27.84 -11.84 -31.76
CA SER B 128 -28.99 -11.54 -30.92
C SER B 128 -30.02 -12.66 -30.99
N ILE B 129 -29.53 -13.91 -30.94
CA ILE B 129 -30.41 -15.04 -31.07
C ILE B 129 -31.24 -15.26 -29.82
N PHE B 130 -30.83 -14.71 -28.69
CA PHE B 130 -31.54 -14.97 -27.44
C PHE B 130 -32.78 -14.09 -27.31
N PRO B 131 -32.70 -12.78 -27.56
CA PRO B 131 -33.93 -11.99 -27.64
C PRO B 131 -34.90 -12.49 -28.69
N ILE B 132 -34.39 -12.86 -29.86
CA ILE B 132 -35.24 -13.38 -30.93
C ILE B 132 -35.88 -14.69 -30.50
N LEU B 133 -35.10 -15.54 -29.82
CA LEU B 133 -35.63 -16.80 -29.32
C LEU B 133 -36.72 -16.55 -28.29
N SER B 134 -36.53 -15.58 -27.42
CA SER B 134 -37.58 -15.26 -26.46
C SER B 134 -38.86 -14.83 -27.16
N ALA B 135 -38.74 -13.98 -28.18
CA ALA B 135 -39.92 -13.56 -28.91
C ALA B 135 -40.59 -14.74 -29.61
N ILE B 136 -39.80 -15.62 -30.21
CA ILE B 136 -40.34 -16.81 -30.88
C ILE B 136 -41.09 -17.68 -29.89
N LEU B 137 -40.48 -17.94 -28.74
CA LEU B 137 -41.10 -18.80 -27.74
C LEU B 137 -42.38 -18.19 -27.20
N LEU B 138 -42.40 -16.87 -27.02
CA LEU B 138 -43.63 -16.22 -26.60
C LEU B 138 -44.72 -16.38 -27.65
N LEU B 139 -44.36 -16.24 -28.92
CA LEU B 139 -45.33 -16.44 -30.00
C LEU B 139 -45.88 -17.86 -29.99
N LEU B 140 -45.01 -18.85 -29.85
CA LEU B 140 -45.45 -20.24 -29.81
C LEU B 140 -46.33 -20.50 -28.60
N GLY B 141 -45.97 -19.93 -27.45
CA GLY B 141 -46.81 -20.09 -26.28
C GLY B 141 -48.20 -19.49 -26.47
N GLY B 142 -48.27 -18.32 -27.10
CA GLY B 142 -49.57 -17.75 -27.39
C GLY B 142 -50.36 -18.60 -28.35
N VAL B 143 -49.69 -19.19 -29.34
CA VAL B 143 -50.36 -20.08 -30.28
C VAL B 143 -50.94 -21.28 -29.54
N CYS B 144 -50.15 -21.86 -28.64
CA CYS B 144 -50.62 -23.00 -27.87
C CYS B 144 -51.80 -22.62 -26.98
N VAL B 145 -51.73 -21.46 -26.34
CA VAL B 145 -52.82 -21.00 -25.49
C VAL B 145 -54.10 -20.85 -26.30
N ALA B 146 -54.00 -20.22 -27.47
CA ALA B 146 -55.17 -20.05 -28.32
C ALA B 146 -55.72 -21.39 -28.78
N ALA B 147 -54.83 -22.31 -29.17
CA ALA B 147 -55.26 -23.63 -29.60
C ALA B 147 -55.86 -24.44 -28.46
N SER B 148 -55.57 -24.07 -27.21
CA SER B 148 -56.18 -24.76 -26.08
C SER B 148 -57.68 -24.55 -26.04
N ARG B 149 -58.16 -23.41 -26.54
CA ARG B 149 -59.60 -23.18 -26.59
C ARG B 149 -60.30 -24.26 -27.41
N VAL B 150 -59.76 -24.57 -28.58
CA VAL B 150 -60.16 -25.78 -29.30
C VAL B 150 -59.35 -26.92 -28.69
N TYR B 151 -59.70 -28.15 -29.03
CA TYR B 151 -59.05 -29.31 -28.41
C TYR B 151 -59.04 -29.16 -26.90
N LYS B 152 -60.15 -28.67 -26.35
CA LYS B 152 -60.23 -28.38 -24.92
C LYS B 152 -60.01 -29.62 -24.07
N SER B 153 -60.17 -30.82 -24.64
CA SER B 153 -59.91 -32.03 -23.88
C SER B 153 -58.45 -32.10 -23.46
N LYS B 154 -57.54 -31.77 -24.36
CA LYS B 154 -56.12 -31.82 -24.06
C LYS B 154 -55.72 -30.65 -23.17
N ARG B 155 -55.08 -30.96 -22.05
CA ARG B 155 -54.67 -29.94 -21.10
C ARG B 155 -53.16 -29.72 -21.06
N ASN B 156 -52.38 -30.61 -21.67
CA ASN B 156 -50.94 -30.44 -21.72
C ASN B 156 -50.52 -29.27 -22.61
N ILE B 157 -51.43 -28.75 -23.43
CA ILE B 157 -51.14 -27.58 -24.24
C ILE B 157 -50.78 -26.39 -23.36
N ILE B 158 -51.55 -26.18 -22.30
CA ILE B 158 -51.28 -25.05 -21.41
C ILE B 158 -49.95 -25.24 -20.69
N LEU B 159 -49.63 -26.49 -20.35
CA LEU B 159 -48.33 -26.75 -19.74
C LEU B 159 -47.20 -26.41 -20.70
N GLY B 160 -47.33 -26.81 -21.95
CA GLY B 160 -46.32 -26.45 -22.93
C GLY B 160 -46.20 -24.94 -23.08
N ALA B 161 -47.32 -24.24 -23.04
CA ALA B 161 -47.29 -22.79 -23.12
C ALA B 161 -46.54 -22.18 -21.95
N GLY B 162 -46.80 -22.67 -20.74
CA GLY B 162 -46.07 -22.16 -19.59
C GLY B 162 -44.59 -22.43 -19.66
N ILE B 163 -44.22 -23.64 -20.11
CA ILE B 163 -42.82 -23.96 -20.27
C ILE B 163 -42.18 -23.01 -21.27
N LEU B 164 -42.87 -22.73 -22.37
CA LEU B 164 -42.33 -21.82 -23.38
C LEU B 164 -42.14 -20.42 -22.81
N PHE B 165 -43.12 -19.94 -22.04
CA PHE B 165 -42.99 -18.62 -21.43
C PHE B 165 -41.80 -18.54 -20.49
N VAL B 166 -41.62 -19.56 -19.65
CA VAL B 166 -40.50 -19.54 -18.71
C VAL B 166 -39.17 -19.60 -19.45
N ALA B 167 -39.08 -20.45 -20.47
CA ALA B 167 -37.87 -20.51 -21.28
C ALA B 167 -37.59 -19.17 -21.96
N ALA B 168 -38.65 -18.49 -22.40
CA ALA B 168 -38.49 -17.19 -23.00
C ALA B 168 -37.90 -16.19 -22.01
N GLY B 169 -38.39 -16.20 -20.78
CA GLY B 169 -37.80 -15.35 -19.76
C GLY B 169 -36.33 -15.63 -19.56
N LEU B 170 -35.96 -16.91 -19.52
CA LEU B 170 -34.55 -17.25 -19.34
C LEU B 170 -33.70 -16.76 -20.51
N SER B 171 -34.20 -16.93 -21.73
CA SER B 171 -33.48 -16.44 -22.90
C SER B 171 -33.31 -14.92 -22.85
N ASN B 172 -34.36 -14.23 -22.39
CA ASN B 172 -34.27 -12.78 -22.21
C ASN B 172 -33.17 -12.41 -21.23
N ILE B 173 -33.07 -13.15 -20.11
CA ILE B 173 -32.04 -12.84 -19.13
C ILE B 173 -30.65 -13.04 -19.72
N ILE B 174 -30.45 -14.16 -20.41
CA ILE B 174 -29.15 -14.39 -21.05
C ILE B 174 -28.86 -13.28 -22.05
N GLY B 175 -29.86 -12.87 -22.81
CA GLY B 175 -29.66 -11.83 -23.79
C GLY B 175 -29.20 -10.52 -23.18
N VAL B 176 -29.84 -10.10 -22.09
CA VAL B 176 -29.45 -8.84 -21.49
C VAL B 176 -28.06 -8.95 -20.87
N ILE B 177 -27.75 -10.10 -20.26
CA ILE B 177 -26.41 -10.26 -19.70
C ILE B 177 -25.37 -10.15 -20.80
N VAL B 178 -25.62 -10.80 -21.94
CA VAL B 178 -24.70 -10.71 -23.08
C VAL B 178 -24.56 -9.28 -23.55
N TYR B 179 -25.69 -8.59 -23.72
CA TYR B 179 -25.67 -7.21 -24.19
C TYR B 179 -24.81 -6.34 -23.28
N ILE B 180 -25.06 -6.40 -21.98
CA ILE B 180 -24.33 -5.55 -21.05
C ILE B 180 -22.85 -5.92 -21.01
N SER B 181 -22.54 -7.21 -21.04
CA SER B 181 -21.15 -7.63 -20.99
C SER B 181 -20.39 -7.18 -22.24
N ALA B 182 -21.03 -7.24 -23.40
CA ALA B 182 -20.37 -6.90 -24.66
C ALA B 182 -20.19 -5.41 -24.86
N ASN B 183 -20.81 -4.58 -24.03
CA ASN B 183 -20.64 -3.14 -24.12
C ASN B 183 -19.44 -2.64 -23.35
N ALA B 184 -18.80 -3.49 -22.55
CA ALA B 184 -17.68 -3.07 -21.74
C ALA B 184 -16.44 -2.88 -22.61
N GLY B 185 -15.94 -1.64 -22.64
CA GLY B 185 -14.76 -1.37 -23.45
C GLY B 185 -13.52 -2.11 -22.95
N GLU B 186 -13.31 -2.12 -21.64
CA GLU B 186 -12.15 -2.78 -21.05
C GLU B 186 -12.15 -2.64 -19.54
N LYS B 196 -13.87 7.10 -18.04
CA LYS B 196 -15.11 7.46 -17.36
C LYS B 196 -16.10 8.07 -18.35
N ASN B 197 -16.70 7.23 -19.19
CA ASN B 197 -17.66 7.65 -20.19
C ASN B 197 -19.08 7.38 -19.67
N HIS B 198 -19.86 8.45 -19.54
CA HIS B 198 -21.22 8.33 -19.06
C HIS B 198 -22.11 7.68 -20.11
N TYR B 199 -22.99 6.79 -19.66
CA TYR B 199 -23.94 6.11 -20.53
C TYR B 199 -25.26 5.96 -19.79
N SER B 200 -26.29 5.66 -20.57
CA SER B 200 -27.64 5.53 -20.04
C SER B 200 -28.42 4.63 -20.97
N TYR B 201 -29.52 4.09 -20.44
CA TYR B 201 -30.35 3.14 -21.15
C TYR B 201 -31.67 3.78 -21.52
N GLY B 202 -32.21 3.35 -22.65
CA GLY B 202 -33.44 3.88 -23.19
C GLY B 202 -34.63 2.97 -23.00
N TRP B 203 -35.69 3.23 -23.76
CA TRP B 203 -36.96 2.59 -23.53
C TRP B 203 -37.07 1.22 -24.18
N SER B 204 -36.23 0.90 -25.16
CA SER B 204 -36.22 -0.46 -25.70
C SER B 204 -35.71 -1.45 -24.67
N PHE B 205 -34.68 -1.07 -23.93
CA PHE B 205 -34.17 -1.86 -22.83
C PHE B 205 -35.28 -2.20 -21.83
N TYR B 206 -36.01 -1.17 -21.40
CA TYR B 206 -37.03 -1.38 -20.39
C TYR B 206 -38.24 -2.08 -20.96
N PHE B 207 -38.48 -1.96 -22.27
CA PHE B 207 -39.50 -2.78 -22.90
C PHE B 207 -39.14 -4.25 -22.85
N GLY B 208 -37.88 -4.58 -23.09
CA GLY B 208 -37.44 -5.95 -22.92
C GLY B 208 -37.63 -6.45 -21.50
N GLY B 209 -37.34 -5.59 -20.52
CA GLY B 209 -37.57 -5.96 -19.14
C GLY B 209 -39.03 -6.24 -18.83
N LEU B 210 -39.92 -5.36 -19.30
CA LEU B 210 -41.35 -5.60 -19.17
C LEU B 210 -41.76 -6.91 -19.81
N SER B 211 -41.19 -7.21 -20.98
CA SER B 211 -41.49 -8.47 -21.63
C SER B 211 -41.12 -9.64 -20.75
N PHE B 212 -39.94 -9.60 -20.12
CA PHE B 212 -39.56 -10.66 -19.20
C PHE B 212 -40.58 -10.81 -18.07
N ILE B 213 -40.95 -9.69 -17.46
CA ILE B 213 -41.86 -9.74 -16.33
C ILE B 213 -43.20 -10.34 -16.73
N LEU B 214 -43.75 -9.87 -17.85
CA LEU B 214 -45.04 -10.38 -18.29
C LEU B 214 -44.95 -11.85 -18.68
N ALA B 215 -43.84 -12.26 -19.29
CA ALA B 215 -43.67 -13.67 -19.63
C ALA B 215 -43.71 -14.54 -18.40
N GLU B 216 -43.01 -14.13 -17.34
CA GLU B 216 -43.03 -14.92 -16.11
C GLU B 216 -44.42 -14.93 -15.50
N VAL B 217 -45.11 -13.79 -15.51
CA VAL B 217 -46.47 -13.72 -14.98
C VAL B 217 -47.39 -14.68 -15.71
N ILE B 218 -47.38 -14.65 -17.04
CA ILE B 218 -48.28 -15.49 -17.80
C ILE B 218 -47.88 -16.95 -17.71
N GLY B 219 -46.60 -17.24 -17.49
CA GLY B 219 -46.21 -18.61 -17.21
C GLY B 219 -46.80 -19.13 -15.92
N VAL B 220 -46.77 -18.29 -14.89
CA VAL B 220 -47.42 -18.65 -13.62
C VAL B 220 -48.90 -18.90 -13.84
N LEU B 221 -49.56 -18.01 -14.56
CA LEU B 221 -50.99 -18.16 -14.80
C LEU B 221 -51.29 -19.45 -15.56
N ALA B 222 -50.50 -19.75 -16.58
CA ALA B 222 -50.73 -20.96 -17.36
C ALA B 222 -50.52 -22.21 -16.51
N VAL B 223 -49.49 -22.22 -15.66
CA VAL B 223 -49.27 -23.38 -14.80
C VAL B 223 -50.43 -23.56 -13.84
N ASN B 224 -50.92 -22.46 -13.28
CA ASN B 224 -52.06 -22.55 -12.36
C ASN B 224 -53.30 -23.05 -13.09
N ILE B 225 -53.49 -22.62 -14.33
CA ILE B 225 -54.62 -23.10 -15.12
C ILE B 225 -54.52 -24.59 -15.35
N TYR B 226 -53.35 -25.06 -15.74
CA TYR B 226 -53.14 -26.49 -15.93
C TYR B 226 -53.43 -27.26 -14.66
N ILE B 227 -53.00 -26.70 -13.52
CA ILE B 227 -53.22 -27.36 -12.24
C ILE B 227 -54.71 -27.44 -11.93
N GLU B 228 -55.44 -26.36 -12.17
CA GLU B 228 -56.89 -26.37 -11.96
C GLU B 228 -57.55 -27.42 -12.85
N ARG B 229 -57.18 -27.46 -14.12
CA ARG B 229 -57.76 -28.44 -15.03
C ARG B 229 -57.50 -29.86 -14.54
N SER B 230 -56.25 -30.17 -14.19
CA SER B 230 -55.91 -31.51 -13.75
C SER B 230 -56.64 -31.88 -12.46
N ARG B 231 -56.73 -30.96 -11.51
CA ARG B 231 -57.44 -31.24 -10.27
C ARG B 231 -58.91 -31.51 -10.55
N GLU B 232 -59.52 -30.71 -11.41
CA GLU B 232 -60.92 -30.92 -11.75
C GLU B 232 -61.15 -32.34 -12.25
N ALA B 233 -60.22 -32.85 -13.07
CA ALA B 233 -60.26 -34.25 -13.52
C ALA B 233 -59.63 -35.13 -12.44
N HIS B 234 -60.32 -35.20 -11.31
CA HIS B 234 -59.87 -36.00 -10.18
C HIS B 234 -60.88 -35.90 -9.03
N GLU C 16 -25.02 -46.04 37.74
CA GLU C 16 -25.58 -46.25 39.06
C GLU C 16 -25.50 -44.96 39.88
N LYS C 17 -26.53 -44.73 40.72
CA LYS C 17 -26.57 -43.51 41.51
C LYS C 17 -25.38 -43.43 42.46
N GLY C 18 -25.07 -44.52 43.14
CA GLY C 18 -23.97 -44.50 44.11
C GLY C 18 -22.64 -44.20 43.46
N VAL C 19 -22.33 -44.89 42.36
CA VAL C 19 -21.06 -44.65 41.69
C VAL C 19 -21.06 -43.27 41.04
N GLN C 20 -22.22 -42.79 40.61
CA GLN C 20 -22.29 -41.43 40.07
C GLN C 20 -21.91 -40.41 41.14
N VAL C 21 -22.45 -40.57 42.35
CA VAL C 21 -22.09 -39.66 43.43
C VAL C 21 -20.63 -39.80 43.79
N LEU C 22 -20.11 -41.03 43.77
CA LEU C 22 -18.71 -41.24 44.09
C LEU C 22 -17.81 -40.54 43.09
N LEU C 23 -18.13 -40.66 41.80
CA LEU C 23 -17.37 -39.98 40.76
C LEU C 23 -17.46 -38.47 40.93
N THR C 24 -18.66 -37.97 41.25
CA THR C 24 -18.81 -36.53 41.48
C THR C 24 -17.89 -36.05 42.59
N THR C 25 -17.87 -36.76 43.71
CA THR C 25 -17.05 -36.34 44.84
C THR C 25 -15.57 -36.45 44.54
N ILE C 26 -15.15 -37.56 43.92
CA ILE C 26 -13.76 -37.74 43.57
C ILE C 26 -13.31 -36.66 42.60
N GLY C 27 -14.14 -36.35 41.61
CA GLY C 27 -13.81 -35.32 40.66
C GLY C 27 -13.71 -33.96 41.29
N ALA C 28 -14.61 -33.67 42.25
CA ALA C 28 -14.53 -32.39 42.95
C ALA C 28 -13.22 -32.27 43.69
N PHE C 29 -12.83 -33.31 44.42
CA PHE C 29 -11.60 -33.24 45.19
C PHE C 29 -10.38 -33.17 44.28
N ALA C 30 -10.40 -33.92 43.17
CA ALA C 30 -9.30 -33.86 42.22
C ALA C 30 -9.18 -32.48 41.59
N ALA C 31 -10.30 -31.89 41.20
CA ALA C 31 -10.27 -30.55 40.62
C ALA C 31 -9.75 -29.53 41.61
N PHE C 32 -10.20 -29.63 42.86
CA PHE C 32 -9.71 -28.72 43.89
C PHE C 32 -8.20 -28.87 44.08
N GLY C 33 -7.72 -30.11 44.14
CA GLY C 33 -6.30 -30.32 44.31
C GLY C 33 -5.50 -29.79 43.14
N LEU C 34 -5.96 -30.08 41.92
CA LEU C 34 -5.28 -29.59 40.73
C LEU C 34 -5.22 -28.07 40.72
N MET C 35 -6.31 -27.42 41.11
CA MET C 35 -6.33 -25.97 41.07
C MET C 35 -5.44 -25.36 42.14
N THR C 36 -5.43 -25.93 43.34
CA THR C 36 -4.52 -25.45 44.38
C THR C 36 -3.07 -25.62 43.95
N ILE C 37 -2.74 -26.77 43.39
CA ILE C 37 -1.39 -27.01 42.91
C ILE C 37 -1.03 -26.00 41.83
N ALA C 38 -1.94 -25.76 40.89
CA ALA C 38 -1.67 -24.79 39.83
C ALA C 38 -1.41 -23.42 40.42
N ILE C 39 -2.19 -23.02 41.42
CA ILE C 39 -2.03 -21.71 42.02
C ILE C 39 -0.69 -21.61 42.74
N SER C 40 -0.24 -22.69 43.35
CA SER C 40 0.91 -22.66 44.25
C SER C 40 2.08 -23.51 43.76
N THR C 41 2.48 -23.37 42.50
CA THR C 41 3.65 -24.10 42.00
C THR C 41 4.65 -23.25 41.24
N ASP C 42 4.20 -22.20 40.55
CA ASP C 42 5.08 -21.26 39.88
C ASP C 42 5.71 -21.83 38.62
N TYR C 43 4.97 -22.63 37.84
CA TYR C 43 5.44 -23.15 36.57
C TYR C 43 4.42 -22.88 35.46
N TRP C 44 3.78 -21.71 35.51
CA TRP C 44 2.77 -21.38 34.51
C TRP C 44 3.41 -21.02 33.17
N LEU C 45 4.47 -20.22 33.20
CA LEU C 45 5.04 -19.63 32.01
C LEU C 45 6.54 -19.81 32.00
N TYR C 46 7.09 -20.07 30.82
CA TYR C 46 8.53 -20.14 30.60
C TYR C 46 8.89 -19.03 29.62
N THR C 47 9.86 -18.19 29.99
CA THR C 47 10.21 -17.09 29.09
C THR C 47 11.51 -16.43 29.55
N ARG C 48 11.96 -15.48 28.76
CA ARG C 48 13.10 -14.64 29.09
C ARG C 48 12.59 -13.31 29.62
N ALA C 49 13.18 -12.84 30.71
CA ALA C 49 12.65 -11.70 31.45
C ALA C 49 13.58 -10.50 31.47
N LEU C 50 14.88 -10.71 31.66
CA LEU C 50 15.89 -9.68 31.87
C LEU C 50 15.89 -9.22 33.33
N ILE C 51 14.97 -9.71 34.17
CA ILE C 51 15.07 -9.51 35.60
C ILE C 51 16.19 -10.37 36.19
N CYS C 52 16.70 -11.32 35.40
CA CYS C 52 17.85 -12.13 35.78
C CYS C 52 18.79 -12.23 34.59
N ASN C 53 20.09 -12.16 34.88
CA ASN C 53 21.11 -12.26 33.84
C ASN C 53 21.45 -13.72 33.55
N ASP C 77 20.77 -8.79 27.14
CA ASP C 77 19.71 -7.94 26.62
C ASP C 77 18.39 -8.69 26.50
N PRO C 78 18.38 -9.81 25.77
CA PRO C 78 17.13 -10.57 25.65
C PRO C 78 16.59 -11.03 26.99
N GLY C 79 17.47 -11.38 27.91
CA GLY C 79 17.09 -11.83 29.23
C GLY C 79 17.54 -13.24 29.49
N GLY C 80 17.26 -13.70 30.70
CA GLY C 80 17.62 -15.04 31.14
C GLY C 80 16.39 -15.91 31.28
N LEU C 81 16.55 -17.19 30.96
CA LEU C 81 15.45 -18.13 31.08
C LEU C 81 14.91 -18.15 32.50
N THR C 82 13.59 -18.14 32.62
CA THR C 82 12.93 -18.09 33.90
C THR C 82 11.55 -18.70 33.78
N HIS C 83 11.16 -19.47 34.80
CA HIS C 83 9.82 -20.00 34.91
C HIS C 83 9.04 -19.12 35.87
N SER C 84 8.17 -18.29 35.31
CA SER C 84 7.32 -17.43 36.10
C SER C 84 6.18 -18.25 36.69
N GLY C 85 5.25 -17.58 37.30
CA GLY C 85 4.10 -18.25 37.89
C GLY C 85 2.96 -17.30 38.03
N LEU C 86 2.17 -17.51 39.07
CA LEU C 86 1.07 -16.62 39.38
C LEU C 86 1.41 -15.59 40.43
N TRP C 87 2.37 -15.89 41.29
CA TRP C 87 2.78 -15.01 42.38
C TRP C 87 4.23 -14.58 42.28
N ARG C 88 5.14 -15.50 41.95
CA ARG C 88 6.56 -15.21 41.94
C ARG C 88 7.19 -15.77 40.69
N ILE C 89 8.34 -15.18 40.33
CA ILE C 89 9.09 -15.53 39.14
C ILE C 89 10.46 -16.03 39.57
N CYS C 90 10.88 -17.14 38.98
CA CYS C 90 12.08 -17.86 39.41
C CYS C 90 12.96 -18.07 38.18
N CYS C 91 14.09 -17.38 38.15
CA CYS C 91 15.03 -17.52 37.06
C CYS C 91 16.02 -18.65 37.32
N LEU C 92 16.39 -19.34 36.25
CA LEU C 92 17.18 -20.56 36.35
C LEU C 92 18.48 -20.48 35.56
N GLU C 93 18.96 -19.27 35.28
CA GLU C 93 20.22 -19.07 34.58
C GLU C 93 21.09 -18.09 35.36
N GLY C 94 22.37 -18.40 35.47
CA GLY C 94 23.30 -17.53 36.16
C GLY C 94 23.51 -17.92 37.60
N LEU C 95 24.09 -16.97 38.34
CA LEU C 95 24.36 -17.21 39.76
C LEU C 95 23.08 -17.14 40.59
N LYS C 96 22.01 -16.57 40.05
CA LYS C 96 20.74 -16.49 40.77
C LYS C 96 19.88 -17.69 40.38
N ARG C 97 20.45 -18.88 40.59
CA ARG C 97 19.78 -20.13 40.31
C ARG C 97 18.90 -20.52 41.50
N GLY C 98 17.65 -20.87 41.22
CA GLY C 98 16.73 -21.22 42.28
C GLY C 98 16.25 -20.05 43.11
N VAL C 99 16.54 -18.82 42.68
CA VAL C 99 16.13 -17.64 43.41
C VAL C 99 14.78 -17.19 42.87
N CYS C 100 13.77 -17.16 43.74
CA CYS C 100 12.40 -16.83 43.38
C CYS C 100 12.05 -15.47 43.96
N VAL C 101 11.85 -14.50 43.09
CA VAL C 101 11.53 -13.13 43.49
C VAL C 101 10.08 -12.83 43.14
N LYS C 102 9.41 -12.08 44.02
CA LYS C 102 8.01 -11.79 43.84
C LYS C 102 7.77 -10.94 42.59
N ILE C 103 6.63 -11.17 41.96
CA ILE C 103 6.17 -10.30 40.88
C ILE C 103 5.46 -9.10 41.48
N ASN C 104 5.54 -7.96 40.79
CA ASN C 104 5.02 -6.71 41.31
C ASN C 104 3.69 -6.32 40.71
N HIS C 105 3.50 -6.51 39.41
CA HIS C 105 2.27 -6.22 38.69
C HIS C 105 2.02 -4.73 38.51
N PHE C 106 2.99 -3.89 38.83
CA PHE C 106 2.84 -2.43 38.70
C PHE C 106 4.21 -1.82 38.44
N PRO C 107 4.77 -2.04 37.25
CA PRO C 107 6.06 -1.45 36.90
C PRO C 107 5.99 -0.07 36.24
N GLU C 108 4.81 0.55 36.21
CA GLU C 108 4.64 1.87 35.59
C GLU C 108 3.84 2.79 36.51
N ASP C 109 3.44 3.94 35.99
CA ASP C 109 2.66 4.92 36.73
C ASP C 109 1.26 5.02 36.14
N THR C 110 0.25 4.86 36.98
CA THR C 110 -1.15 4.95 36.56
C THR C 110 -1.99 5.45 37.72
N ASP C 111 -3.18 5.94 37.38
CA ASP C 111 -4.09 6.50 38.37
C ASP C 111 -4.56 5.40 39.31
N TYR C 112 -4.15 5.46 40.57
CA TYR C 112 -4.50 4.41 41.53
C TYR C 112 -6.00 4.32 41.74
N ASP C 113 -6.67 5.47 41.87
CA ASP C 113 -8.11 5.46 42.10
C ASP C 113 -8.85 4.84 40.93
N HIS C 114 -8.80 5.50 39.77
CA HIS C 114 -9.36 4.95 38.54
C HIS C 114 -8.62 5.59 37.37
N ASP C 115 -7.65 4.85 36.81
CA ASP C 115 -6.92 5.32 35.64
C ASP C 115 -7.61 4.89 34.36
N SER C 116 -7.75 3.59 34.14
CA SER C 116 -8.41 3.02 32.98
C SER C 116 -8.68 1.55 33.28
N ALA C 117 -9.12 0.81 32.26
CA ALA C 117 -9.35 -0.61 32.44
C ALA C 117 -8.07 -1.38 32.73
N GLU C 118 -6.91 -0.85 32.36
CA GLU C 118 -5.67 -1.58 32.60
C GLU C 118 -5.39 -1.69 34.09
N TYR C 119 -5.70 -0.66 34.87
CA TYR C 119 -5.49 -0.76 36.31
C TYR C 119 -6.37 -1.85 36.91
N LEU C 120 -7.63 -1.92 36.49
CA LEU C 120 -8.51 -2.98 36.97
C LEU C 120 -8.00 -4.35 36.56
N LEU C 121 -7.53 -4.47 35.32
CA LEU C 121 -6.99 -5.75 34.85
C LEU C 121 -5.79 -6.17 35.67
N ARG C 122 -4.87 -5.24 35.95
CA ARG C 122 -3.70 -5.57 36.74
C ARG C 122 -4.06 -5.90 38.17
N VAL C 123 -5.08 -5.23 38.72
CA VAL C 123 -5.53 -5.55 40.07
C VAL C 123 -6.11 -6.96 40.12
N VAL C 124 -6.94 -7.31 39.15
CA VAL C 124 -7.53 -8.65 39.13
C VAL C 124 -6.45 -9.71 38.93
N ARG C 125 -5.49 -9.43 38.05
CA ARG C 125 -4.40 -10.37 37.81
C ARG C 125 -3.53 -10.55 39.05
N ALA C 126 -3.26 -9.47 39.78
CA ALA C 126 -2.47 -9.56 40.99
C ALA C 126 -3.20 -10.32 42.09
N SER C 127 -4.47 -9.98 42.30
CA SER C 127 -5.25 -10.65 43.32
C SER C 127 -5.45 -12.12 43.00
N SER C 128 -5.65 -12.44 41.73
CA SER C 128 -5.96 -13.81 41.31
C SER C 128 -7.19 -14.32 42.05
N ILE C 129 -8.20 -13.47 42.16
CA ILE C 129 -9.40 -13.82 42.90
C ILE C 129 -10.25 -14.82 42.15
N PHE C 130 -10.07 -14.93 40.85
CA PHE C 130 -10.93 -15.82 40.06
C PHE C 130 -10.49 -17.27 40.16
N PRO C 131 -9.21 -17.58 39.99
CA PRO C 131 -8.76 -18.96 40.30
C PRO C 131 -9.05 -19.38 41.73
N ILE C 132 -8.84 -18.48 42.69
CA ILE C 132 -9.11 -18.79 44.08
C ILE C 132 -10.61 -19.01 44.29
N LEU C 133 -11.42 -18.20 43.63
CA LEU C 133 -12.87 -18.37 43.71
C LEU C 133 -13.29 -19.70 43.13
N SER C 134 -12.70 -20.11 42.01
CA SER C 134 -13.01 -21.41 41.45
C SER C 134 -12.68 -22.52 42.43
N ALA C 135 -11.51 -22.45 43.06
CA ALA C 135 -11.15 -23.46 44.04
C ALA C 135 -12.12 -23.47 45.21
N ILE C 136 -12.50 -22.29 45.70
CA ILE C 136 -13.44 -22.19 46.81
C ILE C 136 -14.77 -22.81 46.44
N LEU C 137 -15.28 -22.48 45.26
CA LEU C 137 -16.58 -23.00 44.83
C LEU C 137 -16.53 -24.51 44.65
N LEU C 138 -15.42 -25.03 44.14
CA LEU C 138 -15.28 -26.48 44.04
C LEU C 138 -15.30 -27.12 45.42
N LEU C 139 -14.63 -26.51 46.38
CA LEU C 139 -14.64 -27.04 47.74
C LEU C 139 -16.05 -27.05 48.32
N LEU C 140 -16.77 -25.94 48.14
CA LEU C 140 -18.14 -25.86 48.63
C LEU C 140 -19.04 -26.89 47.95
N GLY C 141 -18.87 -27.06 46.64
CA GLY C 141 -19.64 -28.07 45.94
C GLY C 141 -19.38 -29.48 46.46
N GLY C 142 -18.10 -29.79 46.73
CA GLY C 142 -17.80 -31.08 47.31
C GLY C 142 -18.39 -31.25 48.69
N VAL C 143 -18.40 -30.18 49.49
CA VAL C 143 -19.02 -30.22 50.80
C VAL C 143 -20.51 -30.51 50.68
N CYS C 144 -21.18 -29.83 49.74
CA CYS C 144 -22.60 -30.06 49.53
C CYS C 144 -22.86 -31.49 49.06
N VAL C 145 -22.03 -32.00 48.16
CA VAL C 145 -22.21 -33.36 47.68
C VAL C 145 -22.07 -34.36 48.82
N ALA C 146 -21.05 -34.17 49.66
CA ALA C 146 -20.88 -35.08 50.79
C ALA C 146 -22.04 -34.98 51.77
N ALA C 147 -22.51 -33.75 52.03
CA ALA C 147 -23.63 -33.57 52.93
C ALA C 147 -24.92 -34.11 52.34
N SER C 148 -24.98 -34.32 51.03
CA SER C 148 -26.17 -34.92 50.43
C SER C 148 -26.35 -36.35 50.88
N ARG C 149 -25.26 -37.06 51.20
CA ARG C 149 -25.39 -38.42 51.71
C ARG C 149 -26.22 -38.45 52.98
N VAL C 150 -25.95 -37.55 53.90
CA VAL C 150 -26.85 -37.30 55.02
C VAL C 150 -27.90 -36.34 54.49
N TYR C 151 -28.98 -36.14 55.25
CA TYR C 151 -30.08 -35.31 54.78
C TYR C 151 -30.51 -35.74 53.38
N LYS C 152 -30.54 -37.06 53.17
CA LYS C 152 -30.82 -37.60 51.85
C LYS C 152 -32.21 -37.20 51.33
N SER C 153 -33.10 -36.78 52.23
CA SER C 153 -34.41 -36.31 51.77
C SER C 153 -34.27 -35.10 50.88
N LYS C 154 -33.42 -34.15 51.27
CA LYS C 154 -33.23 -32.93 50.49
C LYS C 154 -32.42 -33.22 49.25
N ARG C 155 -32.95 -32.82 48.09
CA ARG C 155 -32.29 -33.06 46.82
C ARG C 155 -31.74 -31.79 46.20
N ASN C 156 -32.14 -30.61 46.68
CA ASN C 156 -31.61 -29.36 46.16
C ASN C 156 -30.13 -29.17 46.48
N ILE C 157 -29.59 -29.96 47.41
CA ILE C 157 -28.16 -29.88 47.71
C ILE C 157 -27.34 -30.20 46.47
N ILE C 158 -27.71 -31.26 45.76
CA ILE C 158 -26.97 -31.64 44.56
C ILE C 158 -27.09 -30.57 43.49
N LEU C 159 -28.25 -29.93 43.39
CA LEU C 159 -28.41 -28.83 42.46
C LEU C 159 -27.46 -27.69 42.80
N GLY C 160 -27.41 -27.32 44.08
CA GLY C 160 -26.47 -26.29 44.49
C GLY C 160 -25.04 -26.66 44.16
N ALA C 161 -24.68 -27.93 44.36
CA ALA C 161 -23.34 -28.39 44.04
C ALA C 161 -23.05 -28.23 42.54
N GLY C 162 -24.00 -28.61 41.69
CA GLY C 162 -23.79 -28.44 40.26
C GLY C 162 -23.65 -26.99 39.86
N ILE C 163 -24.48 -26.12 40.45
CA ILE C 163 -24.37 -24.69 40.18
C ILE C 163 -22.99 -24.20 40.57
N LEU C 164 -22.50 -24.63 41.73
CA LEU C 164 -21.18 -24.20 42.19
C LEU C 164 -20.09 -24.66 41.25
N PHE C 165 -20.18 -25.91 40.78
CA PHE C 165 -19.18 -26.42 39.84
C PHE C 165 -19.17 -25.62 38.54
N VAL C 166 -20.35 -25.32 37.99
CA VAL C 166 -20.42 -24.58 36.75
C VAL C 166 -19.87 -23.16 36.94
N ALA C 167 -20.24 -22.51 38.04
CA ALA C 167 -19.71 -21.19 38.34
C ALA C 167 -18.20 -21.23 38.50
N ALA C 168 -17.67 -22.31 39.08
CA ALA C 168 -16.23 -22.46 39.21
C ALA C 168 -15.56 -22.54 37.85
N GLY C 169 -16.15 -23.29 36.93
CA GLY C 169 -15.61 -23.33 35.58
C GLY C 169 -15.59 -21.96 34.94
N LEU C 170 -16.66 -21.19 35.11
CA LEU C 170 -16.69 -19.85 34.53
C LEU C 170 -15.62 -18.94 35.14
N SER C 171 -15.44 -19.02 36.46
CA SER C 171 -14.39 -18.23 37.10
C SER C 171 -13.01 -18.63 36.59
N ASN C 172 -12.80 -19.93 36.38
CA ASN C 172 -11.55 -20.40 35.79
C ASN C 172 -11.32 -19.80 34.41
N ILE C 173 -12.36 -19.74 33.59
CA ILE C 173 -12.21 -19.18 32.24
C ILE C 173 -11.84 -17.71 32.32
N ILE C 174 -12.54 -16.95 33.17
CA ILE C 174 -12.19 -15.55 33.34
C ILE C 174 -10.76 -15.41 33.82
N GLY C 175 -10.35 -16.26 34.75
CA GLY C 175 -9.01 -16.18 35.28
C GLY C 175 -7.95 -16.38 34.21
N VAL C 176 -8.12 -17.38 33.36
CA VAL C 176 -7.11 -17.63 32.34
C VAL C 176 -7.11 -16.51 31.31
N ILE C 177 -8.28 -15.98 30.97
CA ILE C 177 -8.32 -14.87 30.02
C ILE C 177 -7.56 -13.68 30.59
N VAL C 178 -7.79 -13.38 31.87
CA VAL C 178 -7.08 -12.29 32.53
C VAL C 178 -5.58 -12.54 32.52
N TYR C 179 -5.16 -13.75 32.89
CA TYR C 179 -3.75 -14.10 32.93
C TYR C 179 -3.10 -13.86 31.58
N ILE C 180 -3.69 -14.41 30.53
CA ILE C 180 -3.09 -14.30 29.20
C ILE C 180 -3.08 -12.84 28.74
N SER C 181 -4.16 -12.11 28.99
CA SER C 181 -4.21 -10.71 28.55
C SER C 181 -3.16 -9.87 29.26
N ALA C 182 -2.94 -10.11 30.55
CA ALA C 182 -2.03 -9.31 31.34
C ALA C 182 -0.56 -9.62 31.06
N ASN C 183 -0.27 -10.68 30.32
CA ASN C 183 1.10 -11.01 29.95
C ASN C 183 1.55 -10.30 28.69
N ALA C 184 0.65 -9.64 27.98
CA ALA C 184 0.98 -8.98 26.73
C ALA C 184 1.78 -7.71 27.00
N GLY C 185 3.03 -7.68 26.52
CA GLY C 185 3.85 -6.51 26.74
C GLY C 185 3.30 -5.27 26.05
N GLU C 186 2.86 -5.42 24.81
CA GLU C 186 2.33 -4.30 24.04
C GLU C 186 1.90 -4.74 22.64
N LYS C 196 9.68 -10.09 19.32
CA LYS C 196 9.46 -11.50 19.07
C LYS C 196 10.14 -12.34 20.15
N ASN C 197 9.53 -12.37 21.34
CA ASN C 197 10.05 -13.13 22.47
C ASN C 197 9.28 -14.44 22.59
N HIS C 198 10.00 -15.55 22.48
CA HIS C 198 9.39 -16.86 22.58
C HIS C 198 8.98 -17.16 24.01
N TYR C 199 7.81 -17.76 24.17
CA TYR C 199 7.29 -18.14 25.46
C TYR C 199 6.57 -19.47 25.34
N SER C 200 6.33 -20.10 26.49
CA SER C 200 5.70 -21.39 26.54
C SER C 200 5.03 -21.55 27.89
N TYR C 201 4.09 -22.48 27.96
CA TYR C 201 3.30 -22.71 29.16
C TYR C 201 3.70 -24.03 29.80
N GLY C 202 3.59 -24.07 31.12
CA GLY C 202 3.97 -25.23 31.90
C GLY C 202 2.79 -26.02 32.41
N TRP C 203 3.06 -26.86 33.40
CA TRP C 203 2.09 -27.85 33.83
C TRP C 203 1.06 -27.29 34.82
N SER C 204 1.34 -26.16 35.47
CA SER C 204 0.33 -25.55 36.31
C SER C 204 -0.83 -25.01 35.47
N PHE C 205 -0.50 -24.41 34.35
CA PHE C 205 -1.50 -23.96 33.37
C PHE C 205 -2.44 -25.10 32.99
N TYR C 206 -1.85 -26.23 32.58
CA TYR C 206 -2.65 -27.34 32.12
C TYR C 206 -3.37 -28.05 33.26
N PHE C 207 -2.84 -27.96 34.47
CA PHE C 207 -3.57 -28.41 35.64
C PHE C 207 -4.83 -27.60 35.85
N GLY C 208 -4.73 -26.28 35.69
CA GLY C 208 -5.93 -25.46 35.75
C GLY C 208 -6.95 -25.83 34.68
N GLY C 209 -6.46 -26.11 33.48
CA GLY C 209 -7.36 -26.57 32.43
C GLY C 209 -8.07 -27.87 32.76
N LEU C 210 -7.32 -28.84 33.26
CA LEU C 210 -7.93 -30.09 33.73
C LEU C 210 -8.96 -29.83 34.81
N SER C 211 -8.67 -28.90 35.72
CA SER C 211 -9.64 -28.55 36.75
C SER C 211 -10.93 -28.06 36.14
N PHE C 212 -10.84 -27.18 35.13
CA PHE C 212 -12.04 -26.69 34.46
C PHE C 212 -12.82 -27.85 33.87
N ILE C 213 -12.13 -28.74 33.17
CA ILE C 213 -12.81 -29.84 32.50
C ILE C 213 -13.54 -30.72 33.50
N LEU C 214 -12.84 -31.10 34.57
CA LEU C 214 -13.44 -31.95 35.58
C LEU C 214 -14.59 -31.27 36.28
N ALA C 215 -14.47 -29.97 36.53
CA ALA C 215 -15.56 -29.23 37.16
C ALA C 215 -16.81 -29.29 36.30
N GLU C 216 -16.67 -29.07 34.99
CA GLU C 216 -17.83 -29.14 34.11
C GLU C 216 -18.41 -30.55 34.09
N VAL C 217 -17.54 -31.56 34.04
CA VAL C 217 -18.00 -32.95 34.03
C VAL C 217 -18.83 -33.25 35.28
N ILE C 218 -18.30 -32.89 36.45
CA ILE C 218 -18.99 -33.22 37.68
C ILE C 218 -20.23 -32.38 37.85
N GLY C 219 -20.27 -31.18 37.27
CA GLY C 219 -21.51 -30.43 37.25
C GLY C 219 -22.59 -31.12 36.45
N VAL C 220 -22.21 -31.65 35.28
CA VAL C 220 -23.16 -32.44 34.49
C VAL C 220 -23.66 -33.62 35.29
N LEU C 221 -22.75 -34.35 35.94
CA LEU C 221 -23.15 -35.52 36.71
C LEU C 221 -24.09 -35.14 37.84
N ALA C 222 -23.80 -34.06 38.55
CA ALA C 222 -24.66 -33.63 39.65
C ALA C 222 -26.05 -33.23 39.15
N VAL C 223 -26.11 -32.52 38.03
CA VAL C 223 -27.40 -32.14 37.49
C VAL C 223 -28.20 -33.38 37.10
N ASN C 224 -27.54 -34.35 36.48
CA ASN C 224 -28.24 -35.57 36.10
C ASN C 224 -28.72 -36.34 37.33
N ILE C 225 -27.92 -36.33 38.40
CA ILE C 225 -28.33 -36.98 39.63
C ILE C 225 -29.58 -36.30 40.22
N TYR C 226 -29.57 -34.97 40.25
CA TYR C 226 -30.73 -34.24 40.74
C TYR C 226 -31.96 -34.57 39.91
N ILE C 227 -31.77 -34.68 38.59
CA ILE C 227 -32.88 -34.98 37.70
C ILE C 227 -33.43 -36.37 38.00
N GLU C 228 -32.55 -37.35 38.19
CA GLU C 228 -32.98 -38.70 38.52
C GLU C 228 -33.76 -38.70 39.84
N ARG C 229 -33.24 -38.02 40.86
CA ARG C 229 -33.93 -37.95 42.14
C ARG C 229 -35.32 -37.35 41.98
N SER C 230 -35.41 -36.22 41.29
CA SER C 230 -36.71 -35.56 41.15
C SER C 230 -37.69 -36.42 40.36
N ARG C 231 -37.22 -37.07 39.29
CA ARG C 231 -38.11 -37.94 38.53
C ARG C 231 -38.61 -39.10 39.37
N GLU C 232 -37.71 -39.70 40.16
CA GLU C 232 -38.12 -40.80 41.03
C GLU C 232 -39.27 -40.37 41.93
N ALA C 233 -39.19 -39.15 42.46
CA ALA C 233 -40.29 -38.57 43.25
C ALA C 233 -41.33 -37.98 42.30
N HIS C 234 -41.98 -38.87 41.56
CA HIS C 234 -43.00 -38.49 40.60
C HIS C 234 -43.58 -39.73 39.92
N VAL D 416 42.28 36.56 11.79
CA VAL D 416 41.00 36.61 12.49
C VAL D 416 40.76 35.31 13.23
N VAL D 417 40.10 35.40 14.39
CA VAL D 417 39.72 34.24 15.18
C VAL D 417 38.21 34.25 15.37
N VAL D 418 37.57 33.14 15.06
CA VAL D 418 36.12 33.02 15.13
C VAL D 418 35.77 32.37 16.47
N THR D 419 35.05 33.10 17.31
CA THR D 419 34.54 32.53 18.54
C THR D 419 33.41 31.55 18.22
N THR D 420 33.17 30.62 19.15
CA THR D 420 32.20 29.56 18.91
C THR D 420 31.90 28.87 20.24
N ILE D 421 30.84 28.07 20.25
CA ILE D 421 30.41 27.31 21.41
C ILE D 421 30.22 25.85 21.00
N LEU D 422 30.25 24.98 21.99
CA LEU D 422 30.06 23.55 21.79
C LEU D 422 28.57 23.24 21.88
N GLU D 423 27.95 22.94 20.74
CA GLU D 423 26.54 22.57 20.71
C GLU D 423 26.27 21.87 19.39
N SER D 424 25.88 20.61 19.46
CA SER D 424 25.65 19.83 18.26
C SER D 424 24.39 20.32 17.55
N PRO D 425 24.36 20.24 16.20
CA PRO D 425 25.40 19.80 15.29
C PRO D 425 26.28 20.94 14.81
N TYR D 426 26.26 22.06 15.54
CA TYR D 426 27.01 23.23 15.12
C TYR D 426 28.50 23.06 15.38
N VAL D 427 28.86 22.51 16.53
CA VAL D 427 30.24 22.17 16.84
C VAL D 427 30.28 20.81 17.52
N MET D 428 31.10 19.91 16.98
CA MET D 428 31.34 18.63 17.61
C MET D 428 32.79 18.23 17.36
N MET D 429 33.37 17.55 18.34
CA MET D 429 34.75 17.11 18.20
C MET D 429 34.86 16.13 17.03
N LYS D 430 35.88 16.32 16.20
CA LYS D 430 36.02 15.52 15.00
C LYS D 430 36.24 14.05 15.36
N LYS D 431 35.83 13.16 14.45
CA LYS D 431 35.88 11.73 14.74
C LYS D 431 37.28 11.28 15.12
N ASN D 432 38.29 11.82 14.44
CA ASN D 432 39.68 11.44 14.70
C ASN D 432 40.50 12.65 15.14
N HIS D 433 39.97 13.41 16.10
CA HIS D 433 40.69 14.59 16.57
C HIS D 433 41.87 14.23 17.47
N GLU D 434 41.80 13.08 18.14
CA GLU D 434 42.88 12.68 19.04
C GLU D 434 44.20 12.57 18.28
N MET D 435 44.16 12.04 17.06
CA MET D 435 45.34 11.88 16.23
C MET D 435 45.20 12.76 14.99
N LEU D 436 46.21 13.58 14.73
CA LEU D 436 46.21 14.50 13.59
C LEU D 436 45.10 15.54 13.73
N GLU D 437 45.08 16.22 14.88
CA GLU D 437 44.07 17.22 15.13
C GLU D 437 44.13 18.34 14.10
N GLY D 438 45.32 18.88 13.86
CA GLY D 438 45.44 20.01 12.97
C GLY D 438 44.50 21.13 13.37
N ASN D 439 43.86 21.74 12.37
CA ASN D 439 42.74 22.64 12.60
C ASN D 439 41.40 21.91 12.56
N GLU D 440 41.39 20.65 12.18
CA GLU D 440 40.17 19.90 11.99
C GLU D 440 39.70 19.18 13.25
N ARG D 441 40.25 19.55 14.41
CA ARG D 441 39.75 18.99 15.66
C ARG D 441 38.30 19.36 15.90
N TYR D 442 37.81 20.43 15.27
CA TYR D 442 36.44 20.89 15.43
C TYR D 442 35.75 20.83 14.07
N GLU D 443 34.56 20.22 14.05
CA GLU D 443 33.76 20.15 12.84
C GLU D 443 32.30 20.37 13.19
N GLY D 444 31.55 20.88 12.23
CA GLY D 444 30.14 21.15 12.45
C GLY D 444 29.60 22.10 11.40
N TYR D 445 28.33 22.47 11.59
CA TYR D 445 27.67 23.39 10.67
C TYR D 445 28.35 24.76 10.69
N CYS D 446 28.61 25.28 11.88
CA CYS D 446 29.17 26.62 11.98
C CYS D 446 30.61 26.67 11.53
N VAL D 447 31.36 25.58 11.66
CA VAL D 447 32.74 25.56 11.18
C VAL D 447 32.77 25.70 9.66
N ASP D 448 31.95 24.90 8.97
CA ASP D 448 31.86 25.01 7.52
C ASP D 448 31.35 26.38 7.11
N LEU D 449 30.40 26.93 7.88
CA LEU D 449 29.89 28.26 7.57
C LEU D 449 30.99 29.30 7.70
N ALA D 450 31.80 29.22 8.76
CA ALA D 450 32.89 30.17 8.93
C ALA D 450 33.87 30.08 7.78
N ALA D 451 34.22 28.85 7.39
CA ALA D 451 35.09 28.67 6.24
C ALA D 451 34.51 29.36 5.01
N GLU D 452 33.23 29.11 4.75
CA GLU D 452 32.61 29.63 3.54
C GLU D 452 32.57 31.16 3.55
N ILE D 453 32.24 31.76 4.69
CA ILE D 453 32.15 33.22 4.73
C ILE D 453 33.53 33.85 4.64
N ALA D 454 34.52 33.29 5.35
CA ALA D 454 35.86 33.83 5.26
C ALA D 454 36.42 33.69 3.86
N LYS D 455 35.94 32.72 3.08
CA LYS D 455 36.26 32.67 1.67
C LYS D 455 35.92 33.98 0.98
N HIS D 456 34.69 34.47 1.15
CA HIS D 456 34.29 35.72 0.51
C HIS D 456 34.97 36.92 1.15
N CYS D 457 35.00 36.96 2.47
CA CYS D 457 35.59 38.10 3.16
C CYS D 457 37.08 38.25 2.84
N GLY D 458 37.76 37.13 2.65
CA GLY D 458 39.18 37.17 2.33
C GLY D 458 40.04 37.37 3.55
N PHE D 459 39.84 36.53 4.56
CA PHE D 459 40.57 36.63 5.81
C PHE D 459 40.91 35.23 6.30
N LYS D 460 41.92 35.15 7.16
CA LYS D 460 42.28 33.89 7.78
C LYS D 460 41.54 33.72 9.09
N TYR D 461 41.03 32.51 9.32
CA TYR D 461 40.20 32.22 10.48
C TYR D 461 40.76 31.02 11.23
N LYS D 462 40.87 31.17 12.55
CA LYS D 462 41.26 30.08 13.43
C LYS D 462 40.23 29.97 14.55
N LEU D 463 39.62 28.80 14.68
CA LEU D 463 38.54 28.64 15.65
C LEU D 463 39.05 28.82 17.07
N THR D 464 38.26 29.52 17.88
CA THR D 464 38.61 29.81 19.28
C THR D 464 37.34 29.65 20.12
N ILE D 465 37.11 28.44 20.60
CA ILE D 465 35.98 28.19 21.49
C ILE D 465 36.23 28.92 22.80
N VAL D 466 35.35 29.86 23.13
CA VAL D 466 35.46 30.56 24.40
C VAL D 466 35.45 29.55 25.53
N GLY D 467 36.29 29.79 26.54
CA GLY D 467 36.42 28.82 27.61
C GLY D 467 35.10 28.48 28.26
N ASP D 468 34.30 29.51 28.56
CA ASP D 468 32.97 29.26 29.08
C ASP D 468 32.06 28.75 27.98
N GLY D 469 31.15 27.85 28.33
CA GLY D 469 30.21 27.31 27.38
C GLY D 469 28.94 28.11 27.23
N LYS D 470 28.88 29.30 27.84
CA LYS D 470 27.66 30.08 27.90
C LYS D 470 27.54 31.02 26.71
N TYR D 471 26.34 31.09 26.15
CA TYR D 471 26.03 32.14 25.20
C TYR D 471 25.91 33.47 25.94
N GLY D 472 26.40 34.52 25.30
CA GLY D 472 26.53 35.82 25.94
C GLY D 472 25.37 36.23 26.81
N ALA D 473 25.67 36.92 27.91
CA ALA D 473 24.64 37.49 28.77
C ALA D 473 25.28 38.51 29.68
N ARG D 474 24.45 39.39 30.24
CA ARG D 474 24.91 40.55 30.97
C ARG D 474 24.39 40.50 32.39
N ASP D 475 25.29 40.70 33.36
CA ASP D 475 24.97 40.57 34.77
C ASP D 475 24.42 41.89 35.31
N ALA D 476 23.34 41.79 36.09
CA ALA D 476 22.64 43.00 36.53
C ALA D 476 23.52 43.84 37.45
N ASP D 477 24.08 43.24 38.49
CA ASP D 477 24.88 44.00 39.45
C ASP D 477 26.19 44.46 38.82
N THR D 478 26.91 43.54 38.17
CA THR D 478 28.20 43.89 37.58
C THR D 478 28.04 44.79 36.36
N LYS D 479 26.92 44.67 35.64
CA LYS D 479 26.75 45.37 34.38
C LYS D 479 27.84 44.97 33.39
N ILE D 480 28.23 43.71 33.43
CA ILE D 480 29.33 43.18 32.64
C ILE D 480 28.83 42.01 31.81
N TRP D 481 29.46 41.82 30.65
CA TRP D 481 29.05 40.81 29.68
C TRP D 481 29.96 39.59 29.79
N ASN D 482 29.34 38.42 29.91
CA ASN D 482 30.05 37.16 30.03
C ASN D 482 29.62 36.25 28.88
N GLY D 483 30.59 35.60 28.27
CA GLY D 483 30.38 34.69 27.18
C GLY D 483 31.10 35.15 25.92
N MET D 484 30.77 34.48 24.81
CA MET D 484 31.33 34.84 23.53
C MET D 484 31.02 36.30 23.18
N VAL D 485 29.89 36.81 23.64
CA VAL D 485 29.61 38.24 23.51
C VAL D 485 30.65 39.05 24.27
N GLY D 486 31.00 38.60 25.47
CA GLY D 486 32.08 39.25 26.20
C GLY D 486 33.39 39.19 25.42
N GLU D 487 33.65 38.09 24.73
CA GLU D 487 34.85 37.97 23.93
C GLU D 487 34.87 38.99 22.81
N LEU D 488 33.73 39.19 22.15
CA LEU D 488 33.68 40.12 21.03
C LEU D 488 33.79 41.57 21.52
N VAL D 489 33.00 41.92 22.54
CA VAL D 489 32.93 43.31 22.98
C VAL D 489 34.26 43.78 23.56
N TYR D 490 34.99 42.88 24.23
CA TYR D 490 36.22 43.24 24.91
C TYR D 490 37.47 43.03 24.04
N GLY D 491 37.30 42.66 22.77
CA GLY D 491 38.41 42.59 21.85
C GLY D 491 39.12 41.25 21.80
N LYS D 492 38.77 40.32 22.67
CA LYS D 492 39.44 39.02 22.66
C LYS D 492 39.21 38.28 21.34
N ALA D 493 38.14 38.61 20.62
CA ALA D 493 37.78 37.91 19.40
C ALA D 493 37.41 38.92 18.31
N ASP D 494 37.58 38.49 17.06
CA ASP D 494 37.31 39.34 15.91
C ASP D 494 35.97 39.05 15.25
N ILE D 495 35.38 37.89 15.50
CA ILE D 495 34.11 37.52 14.87
C ILE D 495 33.52 36.32 15.60
N ALA D 496 32.19 36.18 15.53
CA ALA D 496 31.48 35.04 16.09
C ALA D 496 30.69 34.34 15.00
N ILE D 497 30.54 33.03 15.16
CA ILE D 497 29.83 32.21 14.18
C ILE D 497 28.84 31.29 14.89
N ALA D 498 28.91 31.23 16.21
CA ALA D 498 28.07 30.30 16.94
C ALA D 498 26.61 30.73 16.83
N PRO D 499 25.68 29.81 17.07
CA PRO D 499 24.27 30.17 16.97
C PRO D 499 23.86 31.07 18.11
N LEU D 500 23.81 32.37 17.84
CA LEU D 500 23.48 33.38 18.83
C LEU D 500 22.26 34.14 18.35
N THR D 501 21.17 34.05 19.09
CA THR D 501 19.93 34.65 18.66
C THR D 501 20.06 36.17 18.64
N ILE D 502 19.33 36.79 17.73
CA ILE D 502 19.32 38.24 17.59
C ILE D 502 18.29 38.79 18.58
N THR D 503 18.77 39.57 19.54
CA THR D 503 17.92 40.23 20.52
C THR D 503 18.41 41.65 20.73
N LEU D 504 17.55 42.45 21.33
CA LEU D 504 17.83 43.87 21.49
C LEU D 504 19.06 44.12 22.36
N VAL D 505 19.12 43.48 23.52
CA VAL D 505 20.19 43.78 24.47
C VAL D 505 21.54 43.45 23.87
N ARG D 506 21.66 42.31 23.18
CA ARG D 506 22.94 41.96 22.58
C ARG D 506 23.23 42.83 21.37
N GLU D 507 22.21 43.38 20.72
CA GLU D 507 22.42 44.24 19.56
C GLU D 507 22.86 45.64 19.96
N GLU D 508 22.51 46.08 21.17
CA GLU D 508 22.90 47.40 21.62
C GLU D 508 24.40 47.52 21.90
N VAL D 509 25.12 46.40 21.91
CA VAL D 509 26.54 46.42 22.26
C VAL D 509 27.38 45.86 21.11
N ILE D 510 26.78 44.98 20.31
CA ILE D 510 27.45 44.42 19.14
C ILE D 510 26.50 44.49 17.96
N ASP D 511 27.06 44.32 16.77
CA ASP D 511 26.34 44.40 15.52
C ASP D 511 26.16 43.01 14.95
N PHE D 512 24.91 42.59 14.80
CA PHE D 512 24.60 41.30 14.21
C PHE D 512 24.53 41.41 12.69
N SER D 513 24.48 40.25 12.05
CA SER D 513 24.25 40.14 10.63
C SER D 513 22.81 39.73 10.38
N LYS D 514 22.46 39.58 9.11
CA LYS D 514 21.15 39.08 8.79
C LYS D 514 21.09 37.58 9.13
N PRO D 515 19.93 37.10 9.58
CA PRO D 515 19.86 35.70 10.03
C PRO D 515 20.30 34.73 8.96
N PHE D 516 21.07 33.72 9.37
CA PHE D 516 21.45 32.62 8.51
C PHE D 516 20.61 31.37 8.75
N MET D 517 19.84 31.33 9.82
CA MET D 517 18.69 30.44 9.89
C MET D 517 17.65 31.06 10.81
N SER D 518 16.39 30.88 10.44
CA SER D 518 15.25 31.35 11.21
C SER D 518 14.60 30.16 11.91
N LEU D 519 14.15 30.39 13.13
CA LEU D 519 13.66 29.31 13.98
C LEU D 519 12.60 29.88 14.92
N GLY D 520 12.23 29.07 15.90
CA GLY D 520 11.26 29.48 16.89
C GLY D 520 10.97 28.35 17.84
N ILE D 521 10.07 28.61 18.76
CA ILE D 521 9.67 27.62 19.76
C ILE D 521 8.74 26.60 19.11
N SER D 522 8.96 25.33 19.42
CA SER D 522 8.23 24.23 18.85
C SER D 522 7.98 23.16 19.90
N ILE D 523 7.10 22.23 19.55
CA ILE D 523 6.67 21.16 20.43
C ILE D 523 7.33 19.86 20.01
N MET D 524 7.78 19.09 20.98
CA MET D 524 8.33 17.76 20.80
C MET D 524 7.43 16.77 21.54
N ILE D 525 7.00 15.74 20.84
CA ILE D 525 6.15 14.70 21.42
C ILE D 525 6.70 13.34 21.01
N LYS D 526 6.46 12.35 21.85
CA LYS D 526 6.86 10.99 21.50
C LYS D 526 6.11 10.55 20.26
N LYS D 527 6.83 9.90 19.35
CA LYS D 527 6.23 9.44 18.12
C LYS D 527 5.11 8.45 18.43
N PRO D 528 3.92 8.62 17.86
CA PRO D 528 2.83 7.68 18.15
C PRO D 528 3.21 6.25 17.79
N GLN D 529 2.76 5.32 18.61
CA GLN D 529 2.98 3.90 18.39
C GLN D 529 1.68 3.16 18.65
N LYS D 530 1.61 1.93 18.18
CA LYS D 530 0.42 1.11 18.34
C LYS D 530 0.16 0.89 19.83
N SER D 531 -0.95 1.42 20.32
CA SER D 531 -1.34 1.23 21.71
C SER D 531 -1.94 -0.15 21.90
N LYS D 532 -1.92 -0.61 23.13
CA LYS D 532 -2.45 -1.93 23.42
C LYS D 532 -3.97 -1.90 23.21
N PRO D 533 -4.54 -2.89 22.52
CA PRO D 533 -5.98 -2.86 22.28
C PRO D 533 -6.75 -2.91 23.59
N GLY D 534 -7.85 -2.18 23.62
CA GLY D 534 -8.71 -2.18 24.78
C GLY D 534 -9.86 -3.15 24.63
N VAL D 535 -10.37 -3.61 25.77
CA VAL D 535 -11.58 -4.41 25.75
C VAL D 535 -12.68 -3.58 25.11
N PHE D 536 -13.45 -4.22 24.24
CA PHE D 536 -14.48 -3.59 23.44
C PHE D 536 -13.89 -2.81 22.26
N SER D 537 -12.69 -3.17 21.83
CA SER D 537 -12.15 -2.69 20.57
C SER D 537 -12.76 -3.40 19.37
N PHE D 538 -13.47 -4.50 19.59
CA PHE D 538 -14.17 -5.19 18.51
C PHE D 538 -15.33 -4.37 17.97
N LEU D 539 -15.71 -3.30 18.65
CA LEU D 539 -16.76 -2.41 18.19
C LEU D 539 -16.22 -1.28 17.33
N ASP D 540 -14.91 -1.15 17.24
CA ASP D 540 -14.29 -0.02 16.55
C ASP D 540 -14.72 0.13 15.10
N PRO D 541 -14.79 -0.92 14.29
CA PRO D 541 -15.11 -0.72 12.86
C PRO D 541 -16.41 -0.01 12.61
N LEU D 542 -17.35 -0.03 13.55
CA LEU D 542 -18.62 0.67 13.42
C LEU D 542 -18.72 1.74 14.49
N ALA D 543 -19.29 2.88 14.11
CA ALA D 543 -19.48 3.97 15.05
C ALA D 543 -20.56 3.62 16.06
N TYR D 544 -20.43 4.21 17.25
CA TYR D 544 -21.36 3.89 18.33
C TYR D 544 -22.80 4.21 17.95
N GLU D 545 -23.00 5.26 17.15
CA GLU D 545 -24.35 5.60 16.74
C GLU D 545 -24.97 4.51 15.88
N ILE D 546 -24.15 3.82 15.08
CA ILE D 546 -24.67 2.70 14.32
C ILE D 546 -25.12 1.59 15.25
N TRP D 547 -24.35 1.31 16.29
CA TRP D 547 -24.73 0.28 17.25
C TRP D 547 -26.04 0.61 17.95
N MET D 548 -26.19 1.86 18.39
CA MET D 548 -27.44 2.24 19.05
C MET D 548 -28.62 2.17 18.08
N CYS D 549 -28.42 2.61 16.84
CA CYS D 549 -29.49 2.52 15.86
C CYS D 549 -29.80 1.06 15.53
N ILE D 550 -28.81 0.18 15.59
CA ILE D 550 -29.05 -1.24 15.40
C ILE D 550 -29.95 -1.77 16.49
N VAL D 551 -29.67 -1.39 17.73
CA VAL D 551 -30.51 -1.83 18.84
C VAL D 551 -31.92 -1.30 18.68
N PHE D 552 -32.06 -0.02 18.31
CA PHE D 552 -33.38 0.56 18.12
C PHE D 552 -34.13 -0.13 16.99
N ALA D 553 -33.43 -0.45 15.91
CA ALA D 553 -34.05 -1.17 14.80
C ALA D 553 -34.48 -2.56 15.20
N TYR D 554 -33.68 -3.24 16.01
CA TYR D 554 -34.07 -4.56 16.51
C TYR D 554 -35.36 -4.46 17.30
N ILE D 555 -35.43 -3.50 18.23
CA ILE D 555 -36.66 -3.33 19.02
C ILE D 555 -37.84 -3.01 18.10
N GLY D 556 -37.64 -2.09 17.17
CA GLY D 556 -38.73 -1.66 16.32
C GLY D 556 -39.23 -2.76 15.40
N VAL D 557 -38.31 -3.51 14.80
CA VAL D 557 -38.72 -4.59 13.89
C VAL D 557 -39.42 -5.69 14.67
N SER D 558 -38.92 -6.03 15.86
CA SER D 558 -39.61 -7.03 16.66
C SER D 558 -41.02 -6.57 17.01
N VAL D 559 -41.16 -5.32 17.43
CA VAL D 559 -42.46 -4.80 17.81
C VAL D 559 -43.41 -4.76 16.62
N VAL D 560 -42.93 -4.33 15.46
CA VAL D 560 -43.79 -4.26 14.28
C VAL D 560 -44.23 -5.65 13.86
N LEU D 561 -43.32 -6.61 13.88
CA LEU D 561 -43.71 -7.99 13.55
C LEU D 561 -44.74 -8.51 14.54
N PHE D 562 -44.58 -8.20 15.82
CA PHE D 562 -45.54 -8.62 16.83
C PHE D 562 -46.92 -8.02 16.56
N LEU D 563 -46.97 -6.71 16.34
CA LEU D 563 -48.24 -6.06 16.08
C LEU D 563 -48.91 -6.62 14.84
N VAL D 564 -48.15 -6.80 13.77
CA VAL D 564 -48.69 -7.33 12.53
C VAL D 564 -49.22 -8.74 12.73
N SER D 565 -48.54 -9.55 13.53
CA SER D 565 -48.99 -10.92 13.74
C SER D 565 -50.22 -10.99 14.62
N ARG D 566 -50.37 -10.05 15.57
CA ARG D 566 -51.54 -10.06 16.43
C ARG D 566 -52.76 -9.49 15.73
N PHE D 567 -52.62 -8.31 15.10
CA PHE D 567 -53.77 -7.66 14.48
C PHE D 567 -54.25 -8.41 13.25
N SER D 568 -53.32 -8.80 12.37
CA SER D 568 -53.65 -9.43 11.09
C SER D 568 -52.95 -10.78 10.99
N PRO D 569 -53.43 -11.76 11.75
CA PRO D 569 -52.83 -13.10 11.69
C PRO D 569 -53.17 -13.80 10.40
N TYR D 570 -52.48 -14.92 10.19
CA TYR D 570 -52.62 -15.70 8.97
C TYR D 570 -53.46 -16.95 9.21
N GLU D 591 -48.10 -17.54 17.13
CA GLU D 591 -46.72 -18.01 17.08
C GLU D 591 -45.75 -16.86 17.33
N PHE D 592 -46.06 -15.69 16.81
CA PHE D 592 -45.16 -14.54 16.89
C PHE D 592 -45.62 -13.59 17.98
N GLY D 593 -45.36 -14.00 19.22
CA GLY D 593 -45.42 -13.07 20.33
C GLY D 593 -44.21 -12.17 20.35
N ILE D 594 -44.20 -11.28 21.34
CA ILE D 594 -43.09 -10.34 21.46
C ILE D 594 -41.80 -11.09 21.75
N PHE D 595 -41.86 -12.11 22.61
CA PHE D 595 -40.68 -12.88 22.96
C PHE D 595 -40.12 -13.60 21.73
N ASN D 596 -40.97 -14.32 21.02
CA ASN D 596 -40.53 -15.04 19.84
C ASN D 596 -40.20 -14.11 18.69
N SER D 597 -40.85 -12.95 18.64
CA SER D 597 -40.51 -11.94 17.65
C SER D 597 -39.08 -11.44 17.86
N LEU D 598 -38.73 -11.14 19.11
CA LEU D 598 -37.37 -10.74 19.43
C LEU D 598 -36.38 -11.84 19.13
N TRP D 599 -36.74 -13.09 19.44
CA TRP D 599 -35.86 -14.21 19.14
C TRP D 599 -35.63 -14.35 17.63
N PHE D 600 -36.69 -14.23 16.84
CA PHE D 600 -36.56 -14.31 15.39
C PHE D 600 -35.65 -13.20 14.87
N SER D 601 -35.86 -11.97 15.34
CA SER D 601 -35.04 -10.85 14.89
C SER D 601 -33.57 -11.05 15.26
N LEU D 602 -33.31 -11.51 16.48
CA LEU D 602 -31.93 -11.72 16.91
C LEU D 602 -31.27 -12.83 16.10
N GLY D 603 -31.98 -13.94 15.89
CA GLY D 603 -31.42 -15.00 15.08
C GLY D 603 -31.16 -14.57 13.65
N ALA D 604 -32.02 -13.70 13.11
CA ALA D 604 -31.78 -13.16 11.78
C ALA D 604 -30.53 -12.30 11.76
N PHE D 605 -30.36 -11.42 12.74
CA PHE D 605 -29.18 -10.57 12.77
C PHE D 605 -27.89 -11.36 12.92
N MET D 606 -27.91 -12.52 13.55
CA MET D 606 -26.71 -13.30 13.80
C MET D 606 -26.51 -14.41 12.79
N ARG D 607 -27.36 -14.50 11.77
CA ARG D 607 -27.18 -15.47 10.71
C ARG D 607 -27.32 -16.91 11.20
N GLN D 608 -28.37 -17.15 12.01
CA GLN D 608 -28.59 -18.45 12.61
C GLN D 608 -29.94 -19.05 12.27
N GLY D 609 -30.79 -18.34 11.55
CA GLY D 609 -32.09 -18.86 11.27
C GLY D 609 -32.98 -18.87 12.51
N CYS D 610 -34.10 -19.56 12.38
CA CYS D 610 -35.03 -19.71 13.49
C CYS D 610 -35.88 -20.94 13.28
N ASP D 611 -36.59 -21.32 14.34
CA ASP D 611 -37.51 -22.45 14.30
C ASP D 611 -38.87 -22.08 13.73
N ILE D 612 -39.14 -20.81 13.50
CA ILE D 612 -40.41 -20.36 12.93
C ILE D 612 -40.13 -19.20 11.98
N SER D 613 -40.91 -19.13 10.91
CA SER D 613 -40.83 -18.05 9.96
C SER D 613 -42.23 -17.50 9.68
N PRO D 614 -42.33 -16.23 9.31
CA PRO D 614 -43.64 -15.65 9.04
C PRO D 614 -44.32 -16.32 7.85
N ARG D 615 -45.65 -16.32 7.90
CA ARG D 615 -46.48 -16.87 6.85
C ARG D 615 -47.27 -15.82 6.10
N SER D 616 -47.38 -14.62 6.64
CA SER D 616 -48.17 -13.55 6.06
C SER D 616 -47.29 -12.56 5.32
N LEU D 617 -47.90 -11.85 4.38
CA LEU D 617 -47.15 -10.95 3.52
C LEU D 617 -46.51 -9.83 4.31
N SER D 618 -47.21 -9.29 5.30
CA SER D 618 -46.66 -8.19 6.10
C SER D 618 -45.49 -8.64 6.95
N GLY D 619 -45.64 -9.78 7.64
CA GLY D 619 -44.54 -10.31 8.40
C GLY D 619 -43.35 -10.67 7.52
N ARG D 620 -43.63 -11.15 6.31
CA ARG D 620 -42.56 -11.50 5.40
C ARG D 620 -41.85 -10.26 4.86
N ILE D 621 -42.58 -9.16 4.67
CA ILE D 621 -41.93 -7.90 4.30
C ILE D 621 -40.99 -7.45 5.41
N VAL D 622 -41.47 -7.53 6.66
CA VAL D 622 -40.64 -7.16 7.79
C VAL D 622 -39.37 -8.01 7.82
N GLY D 623 -39.55 -9.33 7.70
CA GLY D 623 -38.42 -10.22 7.71
C GLY D 623 -37.44 -9.95 6.58
N GLY D 624 -37.94 -9.68 5.38
CA GLY D 624 -37.06 -9.42 4.26
C GLY D 624 -36.21 -8.19 4.45
N VAL D 625 -36.83 -7.09 4.89
CA VAL D 625 -36.05 -5.87 5.07
C VAL D 625 -35.05 -6.03 6.20
N TRP D 626 -35.44 -6.75 7.26
CA TRP D 626 -34.50 -7.02 8.33
C TRP D 626 -33.33 -7.85 7.83
N TRP D 627 -33.60 -8.84 6.99
CA TRP D 627 -32.55 -9.69 6.44
C TRP D 627 -31.56 -8.89 5.61
N PHE D 628 -32.07 -8.02 4.75
CA PHE D 628 -31.20 -7.16 3.95
C PHE D 628 -30.34 -6.28 4.83
N PHE D 629 -30.95 -5.67 5.84
CA PHE D 629 -30.23 -4.83 6.78
C PHE D 629 -29.08 -5.60 7.41
N THR D 630 -29.35 -6.81 7.91
CA THR D 630 -28.32 -7.60 8.56
C THR D 630 -27.18 -7.93 7.60
N LEU D 631 -27.52 -8.36 6.39
CA LEU D 631 -26.51 -8.67 5.40
C LEU D 631 -25.56 -7.51 5.19
N ILE D 632 -26.13 -6.33 4.92
CA ILE D 632 -25.30 -5.16 4.65
C ILE D 632 -24.44 -4.82 5.87
N ILE D 633 -25.04 -4.81 7.06
CA ILE D 633 -24.32 -4.37 8.25
C ILE D 633 -23.17 -5.29 8.58
N ILE D 634 -23.40 -6.61 8.50
CA ILE D 634 -22.34 -7.54 8.85
C ILE D 634 -21.23 -7.53 7.81
N SER D 635 -21.59 -7.42 6.53
CA SER D 635 -20.55 -7.28 5.51
C SER D 635 -19.72 -6.03 5.75
N SER D 636 -20.37 -4.93 6.11
CA SER D 636 -19.66 -3.70 6.40
C SER D 636 -18.72 -3.84 7.58
N TYR D 637 -19.18 -4.50 8.65
CA TYR D 637 -18.32 -4.72 9.81
C TYR D 637 -17.08 -5.50 9.41
N THR D 638 -17.25 -6.62 8.72
CA THR D 638 -16.09 -7.43 8.33
C THR D 638 -15.15 -6.64 7.42
N ALA D 639 -15.70 -5.91 6.46
CA ALA D 639 -14.88 -5.16 5.52
C ALA D 639 -14.06 -4.08 6.20
N ASN D 640 -14.69 -3.29 7.06
CA ASN D 640 -13.96 -2.23 7.73
C ASN D 640 -12.97 -2.78 8.74
N LEU D 641 -13.27 -3.93 9.36
CA LEU D 641 -12.27 -4.58 10.19
C LEU D 641 -11.05 -4.98 9.38
N ALA D 642 -11.27 -5.53 8.19
CA ALA D 642 -10.15 -5.88 7.32
C ALA D 642 -9.33 -4.64 6.98
N ALA D 643 -10.01 -3.54 6.64
CA ALA D 643 -9.33 -2.28 6.40
C ALA D 643 -8.47 -1.87 7.60
N PHE D 644 -9.05 -1.88 8.79
CA PHE D 644 -8.30 -1.51 9.99
C PHE D 644 -7.07 -2.39 10.16
N LEU D 645 -7.21 -3.69 9.93
CA LEU D 645 -6.13 -4.61 10.24
C LEU D 645 -5.05 -4.67 9.16
N THR D 646 -5.32 -4.20 7.95
CA THR D 646 -4.32 -4.29 6.90
C THR D 646 -3.50 -3.03 6.72
N VAL D 647 -4.01 -1.86 7.07
CA VAL D 647 -3.24 -0.63 7.05
C VAL D 647 -3.36 0.02 8.43
N GLU D 648 -2.22 0.25 9.08
CA GLU D 648 -2.20 0.97 10.34
C GLU D 648 -2.12 2.47 10.06
N ARG D 649 -2.85 3.24 10.87
CA ARG D 649 -2.97 4.67 10.66
C ARG D 649 -2.95 5.34 12.03
N MET D 650 -1.79 5.87 12.41
CA MET D 650 -1.61 6.52 13.70
C MET D 650 -1.78 8.02 13.55
N VAL D 651 -2.56 8.60 14.45
CA VAL D 651 -2.87 10.03 14.42
C VAL D 651 -2.37 10.66 15.70
N SER D 652 -1.74 11.83 15.58
CA SER D 652 -1.19 12.50 16.74
C SER D 652 -2.33 13.10 17.57
N PRO D 653 -2.27 12.99 18.89
CA PRO D 653 -3.31 13.61 19.72
C PRO D 653 -3.36 15.11 19.56
N ILE D 654 -2.22 15.73 19.30
CA ILE D 654 -2.07 17.18 19.27
C ILE D 654 -1.34 17.56 17.99
N GLU D 655 -1.79 18.65 17.36
CA GLU D 655 -1.20 19.13 16.12
C GLU D 655 -0.92 20.63 16.16
N SER D 656 -0.91 21.24 17.33
CA SER D 656 -0.68 22.67 17.46
C SER D 656 -0.54 22.99 18.95
N ALA D 657 -0.47 24.28 19.27
CA ALA D 657 -0.45 24.73 20.65
C ALA D 657 -1.82 25.08 21.17
N GLU D 658 -2.75 25.51 20.32
CA GLU D 658 -4.11 25.74 20.77
C GLU D 658 -4.76 24.44 21.23
N ASP D 659 -4.78 23.44 20.36
CA ASP D 659 -5.31 22.12 20.72
C ASP D 659 -4.59 21.58 21.94
N LEU D 660 -3.29 21.80 22.01
CA LEU D 660 -2.51 21.32 23.14
C LEU D 660 -2.95 22.01 24.42
N SER D 661 -3.18 23.32 24.37
CA SER D 661 -3.51 24.08 25.58
C SER D 661 -4.90 23.74 26.07
N LYS D 662 -5.85 23.55 25.15
CA LYS D 662 -7.22 23.26 25.55
C LYS D 662 -7.30 22.05 26.47
N GLN D 663 -6.67 20.94 26.07
CA GLN D 663 -6.69 19.75 26.90
C GLN D 663 -5.73 19.92 28.07
N THR D 664 -5.76 18.93 28.97
CA THR D 664 -4.87 18.91 30.11
C THR D 664 -4.29 17.53 30.40
N GLU D 665 -4.57 16.53 29.58
CA GLU D 665 -4.04 15.19 29.82
C GLU D 665 -2.52 15.15 29.67
N ILE D 666 -1.96 16.03 28.83
CA ILE D 666 -0.52 16.05 28.58
C ILE D 666 0.09 17.28 29.25
N ALA D 667 1.30 17.12 29.76
CA ALA D 667 1.98 18.16 30.51
C ALA D 667 2.98 18.91 29.62
N TYR D 668 3.44 20.05 30.12
CA TYR D 668 4.12 21.07 29.32
C TYR D 668 5.50 21.29 29.89
N GLY D 669 6.54 21.13 29.08
CA GLY D 669 7.89 21.24 29.61
C GLY D 669 8.71 22.38 29.04
N THR D 670 9.36 23.15 29.90
CA THR D 670 10.32 24.17 29.49
C THR D 670 11.51 24.11 30.42
N LEU D 671 12.70 24.25 29.84
CA LEU D 671 13.92 24.32 30.63
C LEU D 671 13.74 25.30 31.79
N ASP D 672 14.46 25.04 32.88
CA ASP D 672 14.27 25.82 34.10
C ASP D 672 14.65 27.28 33.89
N SER D 673 15.71 27.54 33.13
CA SER D 673 16.16 28.88 32.82
C SER D 673 16.48 28.96 31.34
N GLY D 674 15.75 29.81 30.62
CA GLY D 674 15.97 29.95 29.19
C GLY D 674 15.08 31.02 28.61
N SER D 675 15.22 31.21 27.30
CA SER D 675 14.41 32.21 26.61
C SER D 675 12.98 31.74 26.41
N THR D 676 12.76 30.43 26.29
CA THR D 676 11.40 29.91 26.14
C THR D 676 10.56 30.21 27.38
N LYS D 677 11.12 29.93 28.55
CA LYS D 677 10.40 30.16 29.80
C LYS D 677 10.10 31.63 29.98
N GLU D 678 11.07 32.50 29.68
CA GLU D 678 10.85 33.92 29.80
C GLU D 678 9.83 34.41 28.78
N PHE D 679 9.83 33.83 27.58
CA PHE D 679 8.83 34.18 26.58
C PHE D 679 7.43 33.88 27.08
N PHE D 680 7.25 32.71 27.67
CA PHE D 680 5.94 32.38 28.23
C PHE D 680 5.60 33.29 29.40
N ARG D 681 6.59 33.63 30.22
CA ARG D 681 6.35 34.51 31.34
C ARG D 681 5.87 35.89 30.90
N ARG D 682 6.51 36.46 29.88
CA ARG D 682 6.18 37.79 29.41
C ARG D 682 5.00 37.82 28.45
N SER D 683 4.54 36.67 27.97
CA SER D 683 3.59 36.65 26.87
C SER D 683 2.24 37.21 27.29
N LYS D 684 1.63 37.96 26.38
CA LYS D 684 0.28 38.46 26.55
C LYS D 684 -0.72 37.78 25.63
N ILE D 685 -0.27 36.90 24.73
CA ILE D 685 -1.19 36.15 23.88
C ILE D 685 -1.92 35.14 24.75
N ALA D 686 -3.23 34.98 24.50
CA ALA D 686 -4.07 34.23 25.40
C ALA D 686 -3.57 32.81 25.61
N VAL D 687 -3.21 32.13 24.52
CA VAL D 687 -2.85 30.72 24.60
C VAL D 687 -1.62 30.54 25.48
N PHE D 688 -0.60 31.37 25.29
CA PHE D 688 0.62 31.21 26.07
C PHE D 688 0.40 31.66 27.51
N ASP D 689 -0.52 32.60 27.74
CA ASP D 689 -0.89 32.93 29.12
C ASP D 689 -1.50 31.73 29.82
N LYS D 690 -2.41 31.02 29.15
CA LYS D 690 -2.96 29.80 29.71
C LYS D 690 -1.86 28.78 29.97
N MET D 691 -0.93 28.64 29.03
CA MET D 691 0.15 27.67 29.20
C MET D 691 1.02 28.02 30.40
N TRP D 692 1.30 29.31 30.59
CA TRP D 692 2.07 29.75 31.75
C TRP D 692 1.33 29.46 33.05
N THR D 693 0.04 29.78 33.08
CA THR D 693 -0.77 29.47 34.26
C THR D 693 -0.66 28.00 34.60
N TYR D 694 -0.92 27.14 33.62
CA TYR D 694 -0.81 25.70 33.82
C TYR D 694 0.55 25.32 34.38
N MET D 695 1.63 25.76 33.73
CA MET D 695 2.96 25.30 34.12
C MET D 695 3.32 25.77 35.53
N ARG D 696 2.94 27.00 35.89
CA ARG D 696 3.18 27.46 37.26
C ARG D 696 2.39 26.61 38.25
N SER D 697 1.12 26.34 37.96
CA SER D 697 0.28 25.63 38.92
C SER D 697 0.60 24.15 38.96
N ALA D 698 0.96 23.55 37.83
CA ALA D 698 1.04 22.10 37.74
C ALA D 698 2.09 21.53 38.68
N GLU D 699 1.77 20.39 39.29
CA GLU D 699 2.65 19.65 40.17
C GLU D 699 2.74 18.21 39.69
N PRO D 700 3.92 17.59 39.75
CA PRO D 700 5.20 18.14 40.20
C PRO D 700 5.80 19.11 39.17
N SER D 701 7.09 19.40 39.28
CA SER D 701 7.73 20.30 38.34
C SER D 701 7.72 19.71 36.94
N VAL D 702 7.10 20.44 36.01
CA VAL D 702 7.19 20.06 34.60
C VAL D 702 8.51 20.50 33.99
N PHE D 703 9.19 21.46 34.61
CA PHE D 703 10.44 21.98 34.10
C PHE D 703 11.53 20.91 34.20
N VAL D 704 12.53 21.02 33.34
CA VAL D 704 13.71 20.17 33.39
C VAL D 704 14.93 21.06 33.56
N ARG D 705 15.98 20.47 34.12
CA ARG D 705 17.24 21.19 34.30
C ARG D 705 18.13 21.12 33.06
N THR D 706 17.81 20.26 32.10
CA THR D 706 18.61 20.13 30.90
C THR D 706 17.74 19.60 29.77
N THR D 707 18.18 19.83 28.54
CA THR D 707 17.41 19.38 27.38
C THR D 707 17.37 17.86 27.31
N ALA D 708 18.48 17.19 27.65
CA ALA D 708 18.49 15.74 27.65
C ALA D 708 17.41 15.19 28.58
N GLU D 709 17.19 15.86 29.71
CA GLU D 709 16.13 15.43 30.62
C GLU D 709 14.76 15.54 29.97
N GLY D 710 14.52 16.64 29.23
CA GLY D 710 13.24 16.80 28.57
C GLY D 710 12.99 15.75 27.51
N VAL D 711 14.01 15.50 26.67
CA VAL D 711 13.86 14.48 25.65
C VAL D 711 13.64 13.11 26.28
N ALA D 712 14.32 12.84 27.40
CA ALA D 712 14.13 11.56 28.07
C ALA D 712 12.72 11.43 28.63
N ARG D 713 12.23 12.49 29.29
CA ARG D 713 10.87 12.46 29.81
C ARG D 713 9.86 12.22 28.68
N VAL D 714 10.09 12.86 27.52
CA VAL D 714 9.24 12.60 26.36
C VAL D 714 9.34 11.14 25.94
N ARG D 715 10.55 10.58 25.92
CA ARG D 715 10.75 9.25 25.40
C ARG D 715 10.24 8.16 26.31
N LYS D 716 10.09 8.43 27.62
CA LYS D 716 9.65 7.40 28.54
C LYS D 716 8.21 7.57 29.01
N SER D 717 7.65 8.77 28.92
CA SER D 717 6.32 9.05 29.44
C SER D 717 5.20 8.46 28.59
N LYS D 718 5.52 7.64 27.60
CA LYS D 718 4.52 6.93 26.81
C LYS D 718 3.47 7.89 26.24
N GLY D 719 3.93 9.02 25.72
CA GLY D 719 3.04 9.93 25.02
C GLY D 719 2.27 10.88 25.90
N LYS D 720 2.66 11.05 27.15
CA LYS D 720 1.98 11.97 28.06
C LYS D 720 2.80 13.20 28.37
N TYR D 721 3.90 13.42 27.65
CA TYR D 721 4.76 14.58 27.85
C TYR D 721 5.01 15.27 26.52
N ALA D 722 4.98 16.60 26.55
CA ALA D 722 5.27 17.44 25.39
C ALA D 722 6.25 18.51 25.82
N TYR D 723 7.43 18.53 25.20
CA TYR D 723 8.49 19.46 25.58
C TYR D 723 8.54 20.62 24.60
N LEU D 724 8.58 21.85 25.13
CA LEU D 724 8.69 23.05 24.31
C LEU D 724 10.15 23.46 24.25
N LEU D 725 10.70 23.52 23.04
CA LEU D 725 12.11 23.83 22.87
C LEU D 725 12.28 24.61 21.57
N GLU D 726 13.51 24.70 21.08
CA GLU D 726 13.81 25.36 19.82
C GLU D 726 13.66 24.39 18.66
N SER D 727 13.26 24.93 17.51
CA SER D 727 12.92 24.08 16.38
C SER D 727 14.14 23.34 15.83
N THR D 728 15.30 23.98 15.84
CA THR D 728 16.49 23.35 15.27
C THR D 728 16.88 22.11 16.05
N MET D 729 16.91 22.22 17.38
CA MET D 729 17.25 21.07 18.20
C MET D 729 16.22 19.95 18.04
N ASN D 730 14.94 20.32 17.98
CA ASN D 730 13.89 19.33 17.77
C ASN D 730 14.09 18.58 16.46
N GLU D 731 14.36 19.32 15.39
CA GLU D 731 14.58 18.68 14.10
C GLU D 731 15.79 17.78 14.13
N TYR D 732 16.88 18.25 14.77
CA TYR D 732 18.07 17.43 14.87
C TYR D 732 17.78 16.12 15.60
N ILE D 733 17.10 16.22 16.74
CA ILE D 733 16.80 15.04 17.55
C ILE D 733 15.89 14.09 16.79
N GLU D 734 15.00 14.61 15.95
CA GLU D 734 14.08 13.75 15.23
C GLU D 734 14.80 12.73 14.37
N GLN D 735 16.06 12.98 14.00
CA GLN D 735 16.88 12.01 13.29
C GLN D 735 17.96 11.39 14.18
N ARG D 736 17.67 11.20 15.47
CA ARG D 736 18.58 10.54 16.39
C ARG D 736 17.93 9.30 16.97
N LYS D 737 18.75 8.29 17.28
CA LYS D 737 18.24 7.07 17.87
C LYS D 737 17.80 7.32 19.30
N PRO D 738 16.80 6.56 19.80
CA PRO D 738 16.11 5.45 19.14
C PRO D 738 15.07 5.92 18.13
N CYS D 739 15.03 7.24 17.91
CA CYS D 739 14.24 7.81 16.82
C CYS D 739 12.75 7.69 17.10
N ASP D 740 12.35 7.97 18.34
CA ASP D 740 10.98 7.77 18.80
C ASP D 740 10.35 9.08 19.26
N THR D 741 10.71 10.20 18.62
CA THR D 741 10.14 11.49 18.98
C THR D 741 10.05 12.33 17.72
N MET D 742 9.16 13.33 17.75
CA MET D 742 8.80 14.05 16.55
C MET D 742 8.34 15.46 16.92
N LYS D 743 8.42 16.34 15.93
CA LYS D 743 7.95 17.71 16.06
C LYS D 743 6.58 17.86 15.43
N VAL D 744 5.71 18.61 16.09
CA VAL D 744 4.33 18.80 15.64
C VAL D 744 4.03 20.28 15.57
N GLY D 745 3.09 20.63 14.71
CA GLY D 745 2.67 22.00 14.62
C GLY D 745 3.70 22.85 13.93
N GLY D 746 3.56 24.16 14.13
CA GLY D 746 4.46 25.12 13.56
C GLY D 746 5.43 25.65 14.59
N ASN D 747 5.56 26.95 14.66
CA ASN D 747 6.45 27.61 15.58
C ASN D 747 5.71 28.74 16.27
N LEU D 748 5.92 28.86 17.56
CA LEU D 748 5.17 29.78 18.38
C LEU D 748 5.81 31.16 18.43
N ASP D 749 6.98 31.32 17.85
CA ASP D 749 7.71 32.58 17.85
C ASP D 749 8.58 32.62 16.61
N SER D 750 9.19 33.78 16.38
CA SER D 750 10.14 33.96 15.30
C SER D 750 11.44 34.48 15.87
N LYS D 751 12.53 33.78 15.56
CA LYS D 751 13.87 34.16 15.99
C LYS D 751 14.83 33.86 14.85
N GLY D 752 16.02 34.43 14.95
CA GLY D 752 17.04 34.20 13.93
C GLY D 752 18.41 34.10 14.56
N TYR D 753 19.25 33.31 13.92
CA TYR D 753 20.65 33.17 14.29
C TYR D 753 21.49 34.01 13.35
N GLY D 754 22.33 34.87 13.92
CA GLY D 754 23.14 35.75 13.11
C GLY D 754 24.58 35.83 13.56
N ILE D 755 25.51 35.66 12.62
CA ILE D 755 26.93 35.73 12.94
C ILE D 755 27.28 37.16 13.30
N ALA D 756 27.90 37.34 14.46
CA ALA D 756 28.16 38.66 15.00
C ALA D 756 29.62 39.05 14.79
N THR D 757 29.86 40.35 14.94
CA THR D 757 31.19 40.93 14.85
C THR D 757 31.30 42.00 15.93
N PRO D 758 32.51 42.36 16.34
CA PRO D 758 32.64 43.47 17.28
C PRO D 758 32.37 44.80 16.61
N LYS D 759 31.77 45.71 17.36
CA LYS D 759 31.28 46.96 16.79
C LYS D 759 32.40 47.71 16.09
N GLY D 760 32.12 48.16 14.87
CA GLY D 760 33.06 48.93 14.09
C GLY D 760 33.98 48.10 13.21
N SER D 761 33.93 46.78 13.29
CA SER D 761 34.85 45.96 12.53
C SER D 761 34.59 46.08 11.03
N SER D 762 35.68 45.97 10.26
CA SER D 762 35.58 45.90 8.81
C SER D 762 34.91 44.61 8.34
N LEU D 763 34.85 43.58 9.19
CA LEU D 763 34.29 42.31 8.78
C LEU D 763 32.76 42.32 8.73
N GLY D 764 32.13 43.23 9.46
CA GLY D 764 30.68 43.18 9.60
C GLY D 764 29.95 43.23 8.28
N THR D 765 30.26 44.24 7.46
CA THR D 765 29.61 44.36 6.16
C THR D 765 29.89 43.19 5.24
N PRO D 766 31.15 42.76 5.07
CA PRO D 766 31.38 41.59 4.20
C PRO D 766 30.65 40.34 4.69
N VAL D 767 30.59 40.08 6.00
CA VAL D 767 29.88 38.89 6.45
C VAL D 767 28.38 39.05 6.26
N ASN D 768 27.86 40.27 6.44
CA ASN D 768 26.45 40.53 6.20
C ASN D 768 26.10 40.25 4.74
N LEU D 769 26.96 40.66 3.82
CA LEU D 769 26.71 40.37 2.40
C LEU D 769 26.91 38.89 2.12
N ALA D 770 27.84 38.24 2.82
CA ALA D 770 28.11 36.83 2.59
C ALA D 770 26.92 35.97 2.97
N VAL D 771 26.27 36.27 4.08
CA VAL D 771 25.14 35.44 4.51
C VAL D 771 24.03 35.50 3.47
N LEU D 772 23.74 36.68 2.95
CA LEU D 772 22.73 36.81 1.90
C LEU D 772 23.17 36.09 0.64
N LYS D 773 24.45 36.18 0.31
CA LYS D 773 24.98 35.46 -0.85
C LYS D 773 24.72 33.96 -0.71
N LEU D 774 25.09 33.39 0.43
CA LEU D 774 24.90 31.96 0.64
C LEU D 774 23.42 31.60 0.64
N SER D 775 22.57 32.42 1.25
CA SER D 775 21.15 32.13 1.27
C SER D 775 20.58 32.08 -0.14
N GLU D 776 20.94 33.05 -0.97
CA GLU D 776 20.44 33.07 -2.34
C GLU D 776 21.00 31.89 -3.14
N GLN D 777 22.27 31.56 -2.94
CA GLN D 777 22.87 30.46 -3.69
C GLN D 777 22.28 29.12 -3.26
N GLY D 778 22.15 28.89 -1.95
CA GLY D 778 21.60 27.65 -1.45
C GLY D 778 22.55 26.92 -0.51
N VAL D 779 23.65 27.56 -0.16
CA VAL D 779 24.67 26.92 0.66
C VAL D 779 24.12 26.61 2.05
N LEU D 780 23.40 27.57 2.63
CA LEU D 780 22.86 27.38 3.96
C LEU D 780 21.86 26.22 4.00
N ASP D 781 21.01 26.13 2.97
CA ASP D 781 20.13 24.98 2.84
C ASP D 781 20.93 23.68 2.71
N LYS D 782 22.00 23.71 1.92
CA LYS D 782 22.81 22.51 1.74
C LYS D 782 23.39 22.05 3.06
N LEU D 783 23.93 22.97 3.85
CA LEU D 783 24.48 22.61 5.15
C LEU D 783 23.40 22.12 6.10
N LYS D 784 22.23 22.76 6.08
CA LYS D 784 21.12 22.30 6.91
C LYS D 784 20.80 20.85 6.62
N ASN D 785 20.60 20.52 5.34
CA ASN D 785 20.33 19.14 4.97
C ASN D 785 21.49 18.23 5.34
N LYS D 786 22.71 18.75 5.18
CA LYS D 786 23.91 17.94 5.41
C LYS D 786 24.01 17.50 6.86
N TRP D 787 23.78 18.43 7.79
CA TRP D 787 23.96 18.18 9.21
C TRP D 787 22.68 17.78 9.94
N TRP D 788 21.53 17.79 9.28
CA TRP D 788 20.28 17.38 9.92
C TRP D 788 19.68 16.14 9.29
N TYR D 789 19.47 16.15 7.98
CA TYR D 789 18.82 15.03 7.31
C TYR D 789 19.83 13.98 6.87
N ASP D 790 20.80 14.38 6.06
CA ASP D 790 21.96 13.55 5.85
C ASP D 790 22.71 13.42 7.17
N LYS D 791 23.27 12.23 7.41
CA LYS D 791 23.71 11.78 8.71
C LYS D 791 22.55 11.53 9.66
N GLY D 792 21.33 11.45 9.13
CA GLY D 792 20.20 11.08 9.94
C GLY D 792 20.27 9.61 10.31
N GLU D 793 20.47 9.33 11.60
CA GLU D 793 20.45 7.94 12.05
C GLU D 793 19.14 7.28 11.65
N CYS D 794 18.07 8.04 11.59
CA CYS D 794 16.80 7.56 11.07
C CYS D 794 16.88 7.55 9.54
N GLY D 795 15.73 7.40 8.89
CA GLY D 795 15.67 7.38 7.45
C GLY D 795 14.73 8.44 6.90
N ALA D 796 14.00 8.10 5.85
CA ALA D 796 13.03 9.01 5.27
C ALA D 796 11.75 8.98 6.12
N LYS D 797 10.67 9.57 5.58
CA LYS D 797 9.41 9.55 6.31
C LYS D 797 8.90 8.14 6.53
N ASP D 798 9.30 7.18 5.68
CA ASP D 798 8.84 5.80 5.80
C ASP D 798 9.93 4.88 5.26
N SER D 799 10.76 4.37 6.17
CA SER D 799 11.77 3.38 5.76
C SER D 799 11.16 2.01 5.54
N GLY D 800 10.11 1.67 6.31
CA GLY D 800 9.43 0.40 6.15
C GLY D 800 7.93 0.55 6.30
N SER D 801 7.16 -0.16 5.48
CA SER D 801 5.71 -0.08 5.54
C SER D 801 5.12 -1.43 5.17
N LYS D 802 3.89 -1.65 5.59
CA LYS D 802 3.17 -2.90 5.34
C LYS D 802 3.97 -4.09 5.87
N GLU D 803 4.20 -4.07 7.19
CA GLU D 803 4.93 -5.15 7.82
C GLU D 803 4.04 -6.38 7.93
N LYS D 804 4.69 -7.53 8.09
CA LYS D 804 3.96 -8.79 8.21
C LYS D 804 2.92 -8.66 9.32
N THR D 805 1.65 -8.68 8.94
CA THR D 805 0.59 -8.45 9.93
C THR D 805 0.61 -9.55 10.99
N SER D 806 0.28 -9.15 12.21
CA SER D 806 0.33 -10.04 13.35
C SER D 806 -1.00 -10.76 13.53
N ALA D 807 -0.90 -11.99 14.02
CA ALA D 807 -2.10 -12.72 14.39
C ALA D 807 -2.85 -12.00 15.49
N LEU D 808 -4.17 -12.04 15.43
CA LEU D 808 -4.97 -11.43 16.48
C LEU D 808 -4.71 -12.12 17.81
N SER D 809 -4.66 -11.32 18.86
CA SER D 809 -4.37 -11.80 20.20
C SER D 809 -5.63 -11.78 21.06
N LEU D 810 -5.60 -12.54 22.14
CA LEU D 810 -6.74 -12.62 23.03
C LEU D 810 -7.15 -11.25 23.53
N SER D 811 -6.18 -10.36 23.75
CA SER D 811 -6.49 -9.01 24.19
C SER D 811 -7.33 -8.26 23.18
N ASN D 812 -7.31 -8.67 21.91
CA ASN D 812 -8.13 -8.03 20.90
C ASN D 812 -9.60 -8.42 21.01
N VAL D 813 -9.88 -9.60 21.55
CA VAL D 813 -11.23 -10.16 21.57
C VAL D 813 -11.61 -10.60 22.98
N ALA D 814 -10.95 -10.04 23.99
CA ALA D 814 -11.24 -10.44 25.36
C ALA D 814 -12.59 -9.93 25.84
N GLY D 815 -13.01 -8.77 25.34
CA GLY D 815 -14.27 -8.21 25.78
C GLY D 815 -15.45 -9.08 25.42
N VAL D 816 -15.40 -9.73 24.26
CA VAL D 816 -16.49 -10.59 23.86
C VAL D 816 -16.51 -11.86 24.71
N PHE D 817 -15.35 -12.34 25.15
CA PHE D 817 -15.31 -13.42 26.13
C PHE D 817 -15.95 -13.00 27.45
N TYR D 818 -15.62 -11.80 27.91
CA TYR D 818 -16.22 -11.31 29.15
C TYR D 818 -17.73 -11.19 29.02
N ILE D 819 -18.19 -10.66 27.89
CA ILE D 819 -19.62 -10.55 27.64
C ILE D 819 -20.28 -11.92 27.66
N LEU D 820 -19.66 -12.89 27.02
CA LEU D 820 -20.20 -14.24 26.98
C LEU D 820 -20.34 -14.80 28.39
N VAL D 821 -19.28 -14.73 29.18
CA VAL D 821 -19.33 -15.32 30.52
C VAL D 821 -20.35 -14.59 31.38
N GLY D 822 -20.44 -13.27 31.26
CA GLY D 822 -21.45 -12.54 31.99
C GLY D 822 -22.85 -12.93 31.61
N GLY D 823 -23.10 -13.14 30.31
CA GLY D 823 -24.39 -13.62 29.87
C GLY D 823 -24.72 -15.00 30.40
N LEU D 824 -23.71 -15.87 30.48
CA LEU D 824 -23.93 -17.19 31.05
C LEU D 824 -24.32 -17.10 32.53
N GLY D 825 -23.61 -16.26 33.28
CA GLY D 825 -23.99 -16.04 34.67
C GLY D 825 -25.38 -15.46 34.81
N LEU D 826 -25.73 -14.51 33.95
CA LEU D 826 -27.06 -13.92 33.99
C LEU D 826 -28.13 -14.96 33.68
N ALA D 827 -27.85 -15.85 32.73
CA ALA D 827 -28.79 -16.92 32.42
C ALA D 827 -28.99 -17.85 33.61
N MET D 828 -27.90 -18.20 34.29
CA MET D 828 -28.01 -19.03 35.48
C MET D 828 -28.88 -18.35 36.53
N LEU D 829 -28.60 -17.07 36.78
CA LEU D 829 -29.36 -16.32 37.78
C LEU D 829 -30.84 -16.24 37.42
N VAL D 830 -31.14 -15.96 36.16
CA VAL D 830 -32.52 -15.87 35.71
C VAL D 830 -33.23 -17.20 35.88
N ALA D 831 -32.54 -18.29 35.55
CA ALA D 831 -33.15 -19.60 35.70
C ALA D 831 -33.47 -19.91 37.15
N LEU D 832 -32.53 -19.61 38.05
CA LEU D 832 -32.79 -19.85 39.46
C LEU D 832 -33.93 -18.99 39.98
N ILE D 833 -34.00 -17.74 39.51
CA ILE D 833 -35.09 -16.85 39.92
C ILE D 833 -36.43 -17.41 39.47
N GLU D 834 -36.52 -17.86 38.22
CA GLU D 834 -37.76 -18.46 37.75
C GLU D 834 -38.10 -19.71 38.54
N PHE D 835 -37.11 -20.52 38.85
CA PHE D 835 -37.32 -21.72 39.65
C PHE D 835 -37.93 -21.37 41.00
N CYS D 836 -37.35 -20.38 41.67
CA CYS D 836 -37.84 -19.98 42.99
C CYS D 836 -39.25 -19.41 42.90
N TYR D 837 -39.49 -18.53 41.92
CA TYR D 837 -40.81 -17.92 41.80
C TYR D 837 -41.88 -18.96 41.48
N LYS D 838 -41.58 -19.90 40.59
CA LYS D 838 -42.53 -20.93 40.23
C LYS D 838 -42.68 -21.98 41.34
N SER D 839 -41.73 -22.04 42.28
CA SER D 839 -41.92 -22.90 43.43
C SER D 839 -43.09 -22.43 44.29
N ARG D 840 -43.19 -21.12 44.51
CA ARG D 840 -44.28 -20.56 45.32
C ARG D 840 -45.55 -20.39 44.48
N ASN E 414 13.73 67.42 13.30
CA ASN E 414 12.73 68.46 13.54
C ASN E 414 11.89 68.70 12.29
N ARG E 415 11.43 67.61 11.68
CA ARG E 415 10.64 67.71 10.46
C ARG E 415 9.86 66.42 10.28
N THR E 416 8.88 66.47 9.38
CA THR E 416 8.12 65.28 9.02
C THR E 416 8.90 64.43 8.03
N TYR E 417 8.86 63.12 8.24
CA TYR E 417 9.55 62.17 7.39
C TYR E 417 8.55 61.49 6.47
N ILE E 418 8.87 61.43 5.19
CA ILE E 418 7.99 60.87 4.18
C ILE E 418 8.26 59.37 4.09
N VAL E 419 7.23 58.57 4.38
CA VAL E 419 7.35 57.12 4.41
C VAL E 419 6.69 56.57 3.16
N THR E 420 7.49 56.05 2.24
CA THR E 420 6.93 55.41 1.06
C THR E 420 6.33 54.06 1.44
N THR E 421 5.43 53.58 0.58
CA THR E 421 4.69 52.36 0.85
C THR E 421 4.07 51.88 -0.45
N ILE E 422 3.53 50.66 -0.41
CA ILE E 422 2.89 50.04 -1.56
C ILE E 422 1.53 49.50 -1.11
N LEU E 423 0.64 49.33 -2.09
CA LEU E 423 -0.69 48.82 -1.85
C LEU E 423 -0.68 47.30 -2.02
N GLU E 424 -0.83 46.59 -0.89
CA GLU E 424 -0.84 45.13 -0.90
C GLU E 424 -1.55 44.68 0.36
N ASP E 425 -2.65 43.96 0.20
CA ASP E 425 -3.40 43.50 1.35
C ASP E 425 -2.58 42.46 2.11
N PRO E 426 -2.62 42.48 3.46
CA PRO E 426 -3.20 43.43 4.41
C PRO E 426 -2.27 44.54 4.82
N TYR E 427 -1.11 44.61 4.17
CA TYR E 427 -0.06 45.50 4.64
C TYR E 427 -0.50 46.96 4.59
N VAL E 428 -0.99 47.39 3.44
CA VAL E 428 -1.60 48.72 3.30
C VAL E 428 -2.72 48.62 2.29
N MET E 429 -3.85 49.24 2.62
CA MET E 429 -5.02 49.19 1.76
C MET E 429 -5.96 50.32 2.13
N LEU E 430 -6.58 50.91 1.11
CA LEU E 430 -7.43 52.08 1.31
C LEU E 430 -8.64 51.73 2.17
N LYS E 431 -8.94 52.63 3.11
CA LYS E 431 -10.04 52.40 4.02
C LYS E 431 -11.38 52.53 3.30
N LYS E 432 -12.42 51.95 3.90
CA LYS E 432 -13.74 52.00 3.28
C LYS E 432 -14.22 53.43 3.10
N ASN E 433 -14.06 54.25 4.13
CA ASN E 433 -14.44 55.67 4.06
C ASN E 433 -13.25 56.50 3.61
N ALA E 434 -12.84 56.25 2.36
CA ALA E 434 -11.70 56.96 1.80
C ALA E 434 -11.98 58.45 1.65
N ASN E 435 -13.18 58.80 1.17
CA ASN E 435 -13.51 60.20 0.94
C ASN E 435 -13.50 60.99 2.24
N GLN E 436 -14.02 60.39 3.33
CA GLN E 436 -14.11 61.11 4.60
C GLN E 436 -12.73 61.47 5.13
N PHE E 437 -11.77 60.56 5.01
CA PHE E 437 -10.44 60.73 5.58
C PHE E 437 -9.43 61.14 4.51
N GLU E 438 -8.36 61.77 4.97
CA GLU E 438 -7.26 62.19 4.11
C GLU E 438 -5.93 61.95 4.81
N GLY E 439 -4.89 61.78 4.01
CA GLY E 439 -3.56 61.61 4.57
C GLY E 439 -3.37 60.22 5.16
N ASN E 440 -2.65 60.17 6.29
CA ASN E 440 -2.34 58.88 6.91
C ASN E 440 -3.61 58.15 7.34
N ASP E 441 -4.59 58.88 7.87
CA ASP E 441 -5.80 58.25 8.37
C ASP E 441 -6.64 57.61 7.27
N ARG E 442 -6.32 57.87 6.01
CA ARG E 442 -7.06 57.24 4.91
C ARG E 442 -6.71 55.77 4.76
N TYR E 443 -5.57 55.32 5.26
CA TYR E 443 -5.09 53.97 5.06
C TYR E 443 -5.24 53.14 6.32
N GLU E 444 -5.38 51.83 6.13
CA GLU E 444 -5.40 50.86 7.22
C GLU E 444 -4.65 49.61 6.79
N GLY E 445 -4.02 48.95 7.74
CA GLY E 445 -3.36 47.70 7.47
C GLY E 445 -2.29 47.39 8.50
N TYR E 446 -1.55 46.32 8.20
CA TYR E 446 -0.49 45.86 9.09
C TYR E 446 0.63 46.90 9.19
N CYS E 447 1.07 47.41 8.04
CA CYS E 447 2.25 48.25 8.01
C CYS E 447 1.98 49.67 8.47
N VAL E 448 0.76 50.18 8.30
CA VAL E 448 0.46 51.51 8.82
C VAL E 448 0.55 51.50 10.35
N GLU E 449 -0.01 50.48 10.99
CA GLU E 449 0.09 50.39 12.44
C GLU E 449 1.51 50.07 12.89
N LEU E 450 2.23 49.26 12.10
CA LEU E 450 3.64 49.02 12.42
C LEU E 450 4.45 50.31 12.35
N ALA E 451 4.18 51.14 11.35
CA ALA E 451 4.86 52.42 11.23
C ALA E 451 4.50 53.34 12.38
N ALA E 452 3.23 53.32 12.81
CA ALA E 452 2.84 54.08 13.98
C ALA E 452 3.66 53.67 15.20
N GLU E 453 3.76 52.35 15.43
CA GLU E 453 4.53 51.87 16.58
C GLU E 453 6.00 52.25 16.46
N ILE E 454 6.57 52.12 15.25
CA ILE E 454 7.97 52.47 15.04
C ILE E 454 8.20 53.95 15.35
N ALA E 455 7.30 54.81 14.86
CA ALA E 455 7.42 56.24 15.11
C ALA E 455 7.33 56.54 16.60
N LYS E 456 6.40 55.87 17.28
CA LYS E 456 6.27 56.08 18.73
C LYS E 456 7.56 55.69 19.45
N HIS E 457 8.13 54.54 19.09
CA HIS E 457 9.35 54.10 19.73
C HIS E 457 10.53 55.01 19.40
N VAL E 458 10.52 55.61 18.21
CA VAL E 458 11.58 56.54 17.81
C VAL E 458 11.18 57.99 18.00
N GLY E 459 9.88 58.28 18.16
CA GLY E 459 9.44 59.63 18.41
C GLY E 459 9.62 60.58 17.25
N TYR E 460 9.18 60.18 16.06
CA TYR E 460 9.27 61.03 14.87
C TYR E 460 7.91 61.09 14.19
N SER E 461 7.60 62.26 13.63
CA SER E 461 6.34 62.48 12.95
C SER E 461 6.46 62.12 11.48
N TYR E 462 5.51 61.35 10.98
CA TYR E 462 5.61 60.74 9.67
C TYR E 462 4.40 61.05 8.81
N ARG E 463 4.67 61.38 7.55
CA ARG E 463 3.64 61.52 6.53
C ARG E 463 3.76 60.34 5.58
N LEU E 464 2.66 59.62 5.39
CA LEU E 464 2.68 58.40 4.61
C LEU E 464 2.36 58.71 3.16
N GLU E 465 3.05 58.01 2.26
CA GLU E 465 2.91 58.20 0.83
C GLU E 465 2.94 56.83 0.15
N ILE E 466 2.42 56.78 -1.07
CA ILE E 466 2.38 55.57 -1.87
C ILE E 466 3.41 55.70 -2.99
N VAL E 467 4.00 54.57 -3.36
CA VAL E 467 4.94 54.54 -4.47
C VAL E 467 4.17 54.73 -5.78
N SER E 468 4.63 55.66 -6.61
CA SER E 468 3.97 55.92 -7.87
C SER E 468 4.03 54.71 -8.80
N ASP E 469 5.20 54.07 -8.89
CA ASP E 469 5.36 52.93 -9.78
C ASP E 469 4.47 51.77 -9.39
N GLY E 470 3.93 51.76 -8.17
CA GLY E 470 3.09 50.66 -7.73
C GLY E 470 3.79 49.32 -7.72
N LYS E 471 5.10 49.30 -7.53
CA LYS E 471 5.87 48.06 -7.59
C LYS E 471 7.06 48.15 -6.66
N TYR E 472 7.61 46.99 -6.34
CA TYR E 472 8.77 46.90 -5.47
C TYR E 472 10.06 47.18 -6.25
N GLY E 473 11.12 47.44 -5.50
CA GLY E 473 12.34 47.89 -6.12
C GLY E 473 12.90 46.89 -7.11
N ALA E 474 13.65 47.42 -8.08
CA ALA E 474 14.32 46.63 -9.11
C ALA E 474 15.17 47.56 -9.95
N ARG E 475 16.20 47.00 -10.56
CA ARG E 475 17.17 47.77 -11.35
C ARG E 475 16.98 47.44 -12.82
N ASP E 476 16.78 48.47 -13.63
CA ASP E 476 16.75 48.28 -15.07
C ASP E 476 18.13 47.81 -15.54
N PRO E 477 18.21 46.81 -16.43
CA PRO E 477 19.53 46.30 -16.80
C PRO E 477 20.43 47.35 -17.44
N ASP E 478 19.96 48.01 -18.50
CA ASP E 478 20.79 48.98 -19.20
C ASP E 478 20.83 50.32 -18.46
N THR E 479 19.65 50.90 -18.19
CA THR E 479 19.60 52.21 -17.55
C THR E 479 20.30 52.21 -16.20
N LYS E 480 20.32 51.07 -15.52
CA LYS E 480 20.89 50.97 -14.17
C LYS E 480 20.18 51.90 -13.20
N ALA E 481 18.87 52.03 -13.36
CA ALA E 481 18.05 52.89 -12.52
C ALA E 481 17.17 52.04 -11.62
N TRP E 482 17.15 52.37 -10.33
CA TRP E 482 16.30 51.69 -9.38
C TRP E 482 14.87 52.22 -9.48
N ASN E 483 13.91 51.30 -9.51
CA ASN E 483 12.50 51.64 -9.57
C ASN E 483 11.84 51.43 -8.20
N GLY E 484 10.59 51.88 -8.11
CA GLY E 484 9.79 51.60 -6.93
C GLY E 484 10.31 52.26 -5.67
N MET E 485 10.02 51.61 -4.54
CA MET E 485 10.40 52.14 -3.24
C MET E 485 11.91 52.29 -3.12
N VAL E 486 12.65 51.30 -3.63
CA VAL E 486 14.11 51.38 -3.57
C VAL E 486 14.60 52.61 -4.31
N GLY E 487 14.02 52.89 -5.48
CA GLY E 487 14.39 54.11 -6.19
C GLY E 487 14.09 55.35 -5.38
N GLU E 488 12.91 55.38 -4.75
CA GLU E 488 12.55 56.53 -3.93
C GLU E 488 13.56 56.74 -2.81
N LEU E 489 14.04 55.67 -2.20
CA LEU E 489 15.00 55.79 -1.11
C LEU E 489 16.35 56.23 -1.61
N VAL E 490 16.84 55.61 -2.68
CA VAL E 490 18.19 55.90 -3.17
C VAL E 490 18.29 57.36 -3.63
N TYR E 491 17.27 57.84 -4.32
CA TYR E 491 17.30 59.17 -4.91
C TYR E 491 16.81 60.27 -3.98
N GLY E 492 16.52 59.93 -2.72
CA GLY E 492 16.15 60.92 -1.73
C GLY E 492 14.68 61.26 -1.69
N ARG E 493 13.85 60.59 -2.50
CA ARG E 493 12.42 60.90 -2.53
C ARG E 493 11.78 60.63 -1.17
N ALA E 494 12.12 59.51 -0.54
CA ALA E 494 11.52 59.11 0.72
C ALA E 494 12.61 58.78 1.74
N ASP E 495 12.26 58.91 3.02
CA ASP E 495 13.20 58.67 4.10
C ASP E 495 13.13 57.25 4.63
N VAL E 496 11.94 56.65 4.67
CA VAL E 496 11.75 55.31 5.18
C VAL E 496 10.80 54.56 4.24
N ALA E 497 10.87 53.23 4.30
CA ALA E 497 10.03 52.36 3.48
C ALA E 497 9.49 51.25 4.38
N VAL E 498 8.30 51.49 4.94
CA VAL E 498 7.63 50.52 5.79
C VAL E 498 6.71 49.69 4.90
N ALA E 499 7.21 48.55 4.45
CA ALA E 499 6.43 47.72 3.55
C ALA E 499 7.03 46.32 3.43
N PRO E 500 6.29 45.37 2.85
CA PRO E 500 6.84 44.03 2.65
C PRO E 500 7.94 43.99 1.61
N LEU E 501 9.03 44.67 1.91
CA LEU E 501 10.17 44.76 1.01
C LEU E 501 11.16 43.66 1.38
N THR E 502 11.28 42.68 0.50
CA THR E 502 12.13 41.53 0.80
C THR E 502 13.59 41.96 0.91
N ILE E 503 14.32 41.25 1.76
CA ILE E 503 15.74 41.50 1.95
C ILE E 503 16.51 40.68 0.93
N THR E 504 17.30 41.36 0.10
CA THR E 504 18.05 40.72 -0.97
C THR E 504 19.45 41.32 -1.01
N LEU E 505 20.34 40.58 -1.69
CA LEU E 505 21.73 41.00 -1.76
C LEU E 505 21.88 42.32 -2.48
N VAL E 506 21.24 42.46 -3.63
CA VAL E 506 21.38 43.66 -4.44
C VAL E 506 20.81 44.87 -3.72
N ARG E 507 19.62 44.73 -3.15
CA ARG E 507 19.01 45.84 -2.44
C ARG E 507 19.83 46.24 -1.23
N GLU E 508 20.29 45.26 -0.44
CA GLU E 508 21.01 45.56 0.78
C GLU E 508 22.27 46.37 0.51
N GLU E 509 22.82 46.26 -0.70
CA GLU E 509 24.01 47.04 -1.05
C GLU E 509 23.71 48.53 -1.12
N VAL E 510 22.55 48.89 -1.68
CA VAL E 510 22.24 50.30 -1.93
C VAL E 510 21.36 50.92 -0.84
N ILE E 511 20.73 50.12 0.01
CA ILE E 511 19.93 50.63 1.11
C ILE E 511 20.24 49.83 2.37
N ASP E 512 19.89 50.42 3.51
CA ASP E 512 20.12 49.81 4.81
C ASP E 512 18.83 49.17 5.28
N PHE E 513 18.81 47.85 5.34
CA PHE E 513 17.67 47.12 5.86
C PHE E 513 17.72 47.01 7.37
N SER E 514 16.56 46.84 7.97
CA SER E 514 16.46 46.51 9.38
C SER E 514 16.42 44.99 9.54
N LYS E 515 16.42 44.54 10.78
CA LYS E 515 16.21 43.13 11.03
C LYS E 515 14.79 42.76 10.67
N PRO E 516 14.56 41.52 10.22
CA PRO E 516 13.25 41.16 9.71
C PRO E 516 12.15 41.34 10.74
N PHE E 517 11.00 41.83 10.28
CA PHE E 517 9.78 41.85 11.06
C PHE E 517 8.83 40.73 10.67
N MET E 518 9.17 39.96 9.64
CA MET E 518 8.40 38.80 9.23
C MET E 518 9.33 37.82 8.55
N SER E 519 9.14 36.54 8.86
CA SER E 519 9.86 35.46 8.22
C SER E 519 8.87 34.66 7.39
N LEU E 520 9.27 34.34 6.17
CA LEU E 520 8.37 33.69 5.24
C LEU E 520 9.17 32.83 4.28
N GLY E 521 8.48 32.29 3.27
CA GLY E 521 9.13 31.47 2.27
C GLY E 521 8.13 30.97 1.26
N ILE E 522 8.62 30.19 0.31
CA ILE E 522 7.77 29.58 -0.69
C ILE E 522 6.99 28.44 -0.05
N SER E 523 5.70 28.36 -0.39
CA SER E 523 4.80 27.41 0.23
C SER E 523 3.79 26.94 -0.80
N ILE E 524 3.14 25.83 -0.45
CA ILE E 524 2.28 25.07 -1.35
C ILE E 524 0.82 25.34 -0.98
N MET E 525 0.02 25.61 -2.01
CA MET E 525 -1.37 26.02 -1.88
C MET E 525 -2.22 25.06 -2.70
N ILE E 526 -3.19 24.40 -2.06
CA ILE E 526 -3.96 23.37 -2.73
C ILE E 526 -5.45 23.57 -2.46
N LYS E 527 -6.25 22.88 -3.28
CA LYS E 527 -7.69 22.83 -3.06
C LYS E 527 -7.98 22.16 -1.74
N LYS E 528 -8.83 22.80 -0.94
CA LYS E 528 -9.11 22.29 0.40
C LYS E 528 -9.80 20.93 0.30
N PRO E 529 -9.38 19.94 1.09
CA PRO E 529 -10.16 18.70 1.15
C PRO E 529 -11.47 18.90 1.90
N GLN E 530 -12.56 18.92 1.15
CA GLN E 530 -13.87 19.19 1.73
C GLN E 530 -14.41 17.95 2.44
N LYS E 531 -15.38 18.17 3.34
CA LYS E 531 -16.07 17.10 4.02
C LYS E 531 -17.08 16.49 3.04
N SER E 532 -16.65 15.46 2.35
CA SER E 532 -17.49 14.84 1.33
C SER E 532 -18.69 14.15 1.96
N LYS E 533 -19.85 14.31 1.33
CA LYS E 533 -21.04 13.57 1.74
C LYS E 533 -20.97 12.18 1.14
N PRO E 534 -20.95 11.11 1.94
CA PRO E 534 -20.77 9.77 1.37
C PRO E 534 -21.81 9.42 0.32
N GLY E 535 -23.05 9.81 0.53
CA GLY E 535 -24.11 9.49 -0.41
C GLY E 535 -25.08 8.47 0.12
N VAL E 536 -26.36 8.82 0.10
CA VAL E 536 -27.40 7.86 0.47
C VAL E 536 -27.47 6.79 -0.61
N PHE E 537 -27.48 5.54 -0.18
CA PHE E 537 -27.40 4.40 -1.08
C PHE E 537 -25.98 4.21 -1.62
N SER E 538 -24.99 4.60 -0.84
CA SER E 538 -23.60 4.29 -1.16
C SER E 538 -23.22 2.88 -0.76
N PHE E 539 -24.09 2.17 -0.04
CA PHE E 539 -23.85 0.77 0.28
C PHE E 539 -23.99 -0.14 -0.92
N LEU E 540 -24.49 0.36 -2.04
CA LEU E 540 -24.55 -0.39 -3.28
C LEU E 540 -23.33 -0.19 -4.16
N ASP E 541 -22.45 0.73 -3.79
CA ASP E 541 -21.32 1.07 -4.66
C ASP E 541 -20.43 -0.12 -4.98
N PRO E 542 -20.17 -1.06 -4.08
CA PRO E 542 -19.26 -2.16 -4.42
C PRO E 542 -19.69 -2.96 -5.63
N LEU E 543 -20.99 -3.00 -5.93
CA LEU E 543 -21.52 -3.70 -7.08
C LEU E 543 -22.26 -2.74 -7.98
N ALA E 544 -22.06 -2.89 -9.28
CA ALA E 544 -22.75 -2.06 -10.25
C ALA E 544 -24.25 -2.29 -10.21
N TYR E 545 -25.00 -1.26 -10.57
CA TYR E 545 -26.46 -1.35 -10.57
C TYR E 545 -26.94 -2.44 -11.52
N GLU E 546 -26.16 -2.75 -12.54
CA GLU E 546 -26.49 -3.85 -13.44
C GLU E 546 -26.56 -5.16 -12.68
N ILE E 547 -25.60 -5.40 -11.79
CA ILE E 547 -25.59 -6.61 -11.00
C ILE E 547 -26.83 -6.67 -10.11
N TRP E 548 -27.16 -5.58 -9.44
CA TRP E 548 -28.30 -5.56 -8.54
C TRP E 548 -29.60 -5.85 -9.30
N MET E 549 -29.81 -5.19 -10.44
CA MET E 549 -31.04 -5.39 -11.18
C MET E 549 -31.11 -6.79 -11.79
N CYS E 550 -30.01 -7.29 -12.33
CA CYS E 550 -29.99 -8.66 -12.82
C CYS E 550 -30.23 -9.64 -11.69
N ILE E 551 -29.80 -9.32 -10.47
CA ILE E 551 -30.10 -10.15 -9.31
C ILE E 551 -31.60 -10.21 -9.08
N VAL E 552 -32.25 -9.06 -9.14
CA VAL E 552 -33.69 -9.01 -8.93
C VAL E 552 -34.41 -9.88 -9.96
N PHE E 553 -34.01 -9.74 -11.22
CA PHE E 553 -34.70 -10.47 -12.28
C PHE E 553 -34.40 -11.97 -12.22
N ALA E 554 -33.17 -12.33 -11.84
CA ALA E 554 -32.83 -13.73 -11.63
C ALA E 554 -33.60 -14.31 -10.46
N TYR E 555 -33.84 -13.51 -9.42
CA TYR E 555 -34.67 -13.94 -8.30
C TYR E 555 -36.07 -14.29 -8.76
N ILE E 556 -36.66 -13.41 -9.56
CA ILE E 556 -37.99 -13.69 -10.10
C ILE E 556 -37.99 -14.98 -10.91
N GLY E 557 -36.99 -15.11 -11.79
CA GLY E 557 -36.93 -16.31 -12.62
C GLY E 557 -36.75 -17.59 -11.83
N VAL E 558 -35.88 -17.56 -10.84
CA VAL E 558 -35.66 -18.73 -9.99
C VAL E 558 -36.93 -19.10 -9.26
N SER E 559 -37.64 -18.11 -8.70
CA SER E 559 -38.87 -18.41 -8.01
C SER E 559 -39.88 -19.06 -8.94
N VAL E 560 -40.03 -18.53 -10.14
CA VAL E 560 -41.00 -19.07 -11.08
C VAL E 560 -40.63 -20.49 -11.47
N VAL E 561 -39.36 -20.74 -11.77
CA VAL E 561 -38.96 -22.08 -12.17
C VAL E 561 -39.14 -23.07 -11.04
N LEU E 562 -38.83 -22.67 -9.81
CA LEU E 562 -39.04 -23.55 -8.67
C LEU E 562 -40.50 -23.90 -8.51
N PHE E 563 -41.38 -22.90 -8.59
CA PHE E 563 -42.81 -23.15 -8.47
C PHE E 563 -43.28 -24.12 -9.55
N LEU E 564 -42.86 -23.89 -10.78
CA LEU E 564 -43.19 -24.78 -11.88
C LEU E 564 -42.73 -26.21 -11.60
N VAL E 565 -41.41 -26.42 -11.50
CA VAL E 565 -40.88 -27.76 -11.34
C VAL E 565 -41.32 -28.43 -10.05
N SER E 566 -41.95 -27.68 -9.15
CA SER E 566 -42.43 -28.26 -7.91
C SER E 566 -43.93 -28.53 -7.90
N ARG E 567 -44.69 -27.95 -8.83
CA ARG E 567 -46.14 -28.05 -8.74
C ARG E 567 -46.82 -28.48 -10.04
N PHE E 568 -46.12 -28.61 -11.16
CA PHE E 568 -46.86 -28.82 -12.40
C PHE E 568 -47.37 -30.25 -12.48
N SER E 569 -46.62 -31.20 -11.93
CA SER E 569 -46.93 -32.61 -12.10
C SER E 569 -48.27 -32.93 -11.44
N PRO E 570 -49.20 -33.57 -12.15
CA PRO E 570 -50.50 -33.89 -11.53
C PRO E 570 -50.37 -34.76 -10.30
N TYR E 571 -49.36 -35.62 -10.23
CA TYR E 571 -49.25 -36.56 -9.13
C TYR E 571 -49.11 -35.86 -7.78
N GLU E 572 -48.71 -34.59 -7.79
CA GLU E 572 -48.64 -33.78 -6.57
C GLU E 572 -49.91 -32.97 -6.33
N TRP E 573 -50.88 -33.03 -7.24
CA TRP E 573 -52.13 -32.28 -7.08
C TRP E 573 -53.11 -32.62 -8.19
N ASN E 591 -48.58 -29.37 -3.20
CA ASN E 591 -47.29 -29.25 -2.52
C ASN E 591 -47.26 -27.97 -1.69
N GLU E 592 -46.13 -27.72 -1.04
CA GLU E 592 -45.96 -26.50 -0.27
C GLU E 592 -45.27 -25.39 -1.03
N PHE E 593 -44.76 -25.67 -2.24
CA PHE E 593 -44.00 -24.68 -3.00
C PHE E 593 -44.89 -24.01 -4.04
N GLY E 594 -45.78 -23.18 -3.53
CA GLY E 594 -46.48 -22.23 -4.36
C GLY E 594 -45.58 -21.09 -4.75
N ILE E 595 -46.15 -20.17 -5.53
CA ILE E 595 -45.35 -19.06 -6.04
C ILE E 595 -44.91 -18.15 -4.90
N PHE E 596 -45.82 -17.85 -3.96
CA PHE E 596 -45.47 -16.98 -2.85
C PHE E 596 -44.37 -17.60 -1.99
N ASN E 597 -44.51 -18.88 -1.67
CA ASN E 597 -43.49 -19.55 -0.87
C ASN E 597 -42.21 -19.77 -1.64
N SER E 598 -42.29 -19.91 -2.96
CA SER E 598 -41.09 -19.94 -3.79
C SER E 598 -40.33 -18.62 -3.71
N LEU E 599 -41.06 -17.50 -3.83
CA LEU E 599 -40.44 -16.19 -3.66
C LEU E 599 -39.77 -16.08 -2.30
N TRP E 600 -40.47 -16.53 -1.25
CA TRP E 600 -39.92 -16.46 0.10
C TRP E 600 -38.67 -17.31 0.24
N PHE E 601 -38.69 -18.53 -0.28
CA PHE E 601 -37.52 -19.39 -0.21
C PHE E 601 -36.33 -18.79 -0.94
N SER E 602 -36.56 -18.25 -2.14
CA SER E 602 -35.48 -17.65 -2.89
C SER E 602 -34.89 -16.44 -2.17
N LEU E 603 -35.76 -15.59 -1.61
CA LEU E 603 -35.28 -14.42 -0.88
C LEU E 603 -34.48 -14.82 0.34
N GLY E 604 -34.96 -15.82 1.09
CA GLY E 604 -34.19 -16.28 2.24
C GLY E 604 -32.87 -16.91 1.84
N ALA E 605 -32.84 -17.60 0.70
CA ALA E 605 -31.59 -18.16 0.20
C ALA E 605 -30.59 -17.06 -0.12
N PHE E 606 -31.04 -15.98 -0.74
CA PHE E 606 -30.11 -14.91 -1.07
C PHE E 606 -29.51 -14.27 0.17
N MET E 607 -30.31 -14.05 1.20
CA MET E 607 -29.82 -13.48 2.44
C MET E 607 -29.15 -14.50 3.33
N GLN E 608 -29.03 -15.75 2.88
CA GLN E 608 -28.43 -16.81 3.66
C GLN E 608 -29.19 -17.02 4.96
N GLN E 609 -30.51 -16.92 4.86
CA GLN E 609 -31.44 -17.18 5.96
C GLN E 609 -32.46 -18.17 5.45
N GLY E 610 -32.33 -19.43 5.85
CA GLY E 610 -33.27 -20.44 5.42
C GLY E 610 -34.66 -20.17 5.92
N CYS E 611 -35.62 -20.86 5.33
CA CYS E 611 -37.03 -20.76 5.69
C CYS E 611 -37.52 -22.13 6.15
N ASP E 612 -38.82 -22.23 6.42
CA ASP E 612 -39.38 -23.45 6.97
C ASP E 612 -39.48 -24.58 5.96
N ILE E 613 -39.20 -24.33 4.70
CA ILE E 613 -39.41 -25.32 3.64
C ILE E 613 -38.15 -25.45 2.82
N SER E 614 -37.87 -26.68 2.39
CA SER E 614 -36.78 -26.99 1.49
C SER E 614 -37.29 -27.93 0.42
N PRO E 615 -36.79 -27.82 -0.81
CA PRO E 615 -37.27 -28.71 -1.87
C PRO E 615 -36.89 -30.16 -1.60
N ARG E 616 -37.77 -31.06 -2.03
CA ARG E 616 -37.57 -32.49 -1.86
C ARG E 616 -37.33 -33.21 -3.17
N SER E 617 -37.68 -32.61 -4.29
CA SER E 617 -37.48 -33.18 -5.61
C SER E 617 -36.09 -32.86 -6.13
N LEU E 618 -35.69 -33.59 -7.17
CA LEU E 618 -34.37 -33.35 -7.77
C LEU E 618 -34.33 -32.04 -8.51
N SER E 619 -35.41 -31.67 -9.20
CA SER E 619 -35.44 -30.42 -9.94
C SER E 619 -35.39 -29.22 -9.01
N GLY E 620 -36.23 -29.23 -7.98
CA GLY E 620 -36.19 -28.16 -7.00
C GLY E 620 -34.86 -28.04 -6.32
N ARG E 621 -34.20 -29.17 -6.09
CA ARG E 621 -32.92 -29.16 -5.42
C ARG E 621 -31.81 -28.67 -6.34
N ILE E 622 -31.88 -28.96 -7.63
CA ILE E 622 -30.95 -28.36 -8.58
C ILE E 622 -31.10 -26.85 -8.59
N VAL E 623 -32.36 -26.38 -8.64
CA VAL E 623 -32.62 -24.94 -8.63
C VAL E 623 -32.05 -24.31 -7.37
N GLY E 624 -32.35 -24.90 -6.21
CA GLY E 624 -31.83 -24.38 -4.97
C GLY E 624 -30.31 -24.36 -4.92
N GLY E 625 -29.68 -25.40 -5.45
CA GLY E 625 -28.23 -25.45 -5.44
C GLY E 625 -27.59 -24.36 -6.26
N VAL E 626 -28.09 -24.15 -7.47
CA VAL E 626 -27.50 -23.09 -8.30
C VAL E 626 -27.76 -21.72 -7.69
N TRP E 627 -28.95 -21.51 -7.13
CA TRP E 627 -29.23 -20.25 -6.47
C TRP E 627 -28.32 -20.04 -5.27
N TRP E 628 -28.06 -21.10 -4.51
CA TRP E 628 -27.17 -21.02 -3.37
C TRP E 628 -25.75 -20.65 -3.78
N PHE E 629 -25.24 -21.30 -4.82
CA PHE E 629 -23.91 -20.96 -5.34
C PHE E 629 -23.83 -19.51 -5.77
N PHE E 630 -24.83 -19.07 -6.53
CA PHE E 630 -24.92 -17.69 -6.97
C PHE E 630 -24.84 -16.73 -5.79
N THR E 631 -25.63 -16.98 -4.76
CA THR E 631 -25.67 -16.07 -3.61
C THR E 631 -24.34 -16.05 -2.88
N LEU E 632 -23.72 -17.21 -2.71
CA LEU E 632 -22.43 -17.28 -2.06
C LEU E 632 -21.41 -16.41 -2.78
N ILE E 633 -21.29 -16.60 -4.09
CA ILE E 633 -20.32 -15.83 -4.87
C ILE E 633 -20.63 -14.34 -4.78
N ILE E 634 -21.89 -13.98 -4.96
CA ILE E 634 -22.27 -12.57 -5.01
C ILE E 634 -21.99 -11.87 -3.69
N ILE E 635 -22.33 -12.52 -2.57
CA ILE E 635 -22.19 -11.87 -1.28
C ILE E 635 -20.72 -11.81 -0.87
N SER E 636 -19.94 -12.84 -1.19
CA SER E 636 -18.51 -12.75 -0.95
C SER E 636 -17.88 -11.65 -1.77
N SER E 637 -18.33 -11.48 -3.02
CA SER E 637 -17.83 -10.39 -3.86
C SER E 637 -18.17 -9.03 -3.27
N TYR E 638 -19.40 -8.87 -2.77
CA TYR E 638 -19.77 -7.61 -2.15
C TYR E 638 -18.88 -7.29 -0.96
N THR E 639 -18.71 -8.25 -0.06
CA THR E 639 -17.87 -8.02 1.12
C THR E 639 -16.43 -7.70 0.71
N ALA E 640 -15.88 -8.46 -0.24
CA ALA E 640 -14.51 -8.28 -0.64
C ALA E 640 -14.27 -6.93 -1.30
N ASN E 641 -15.14 -6.51 -2.20
CA ASN E 641 -14.96 -5.23 -2.86
C ASN E 641 -15.20 -4.07 -1.92
N LEU E 642 -16.11 -4.21 -0.96
CA LEU E 642 -16.23 -3.17 0.06
C LEU E 642 -14.97 -3.06 0.89
N ALA E 643 -14.38 -4.19 1.24
CA ALA E 643 -13.11 -4.19 1.95
C ALA E 643 -12.04 -3.47 1.14
N ALA E 644 -11.98 -3.75 -0.16
CA ALA E 644 -11.03 -3.06 -1.03
C ALA E 644 -11.26 -1.56 -1.04
N PHE E 645 -12.51 -1.15 -1.18
CA PHE E 645 -12.85 0.27 -1.16
C PHE E 645 -12.31 0.94 0.10
N LEU E 646 -12.64 0.37 1.26
CA LEU E 646 -12.30 1.01 2.51
C LEU E 646 -10.80 0.98 2.77
N THR E 647 -10.15 -0.13 2.42
CA THR E 647 -8.71 -0.23 2.57
C THR E 647 -8.00 0.82 1.72
N VAL E 648 -8.47 1.02 0.49
CA VAL E 648 -7.84 2.00 -0.38
C VAL E 648 -8.10 3.42 0.11
N GLU E 649 -9.32 3.70 0.56
CA GLU E 649 -9.59 5.00 1.16
C GLU E 649 -8.79 5.22 2.43
N ARG E 650 -8.29 4.16 3.04
CA ARG E 650 -7.55 4.27 4.29
C ARG E 650 -6.05 4.44 4.10
N MET E 651 -5.55 4.24 2.88
CA MET E 651 -4.12 4.37 2.60
C MET E 651 -3.81 5.59 1.76
N VAL E 652 -4.79 6.44 1.51
CA VAL E 652 -4.57 7.66 0.72
C VAL E 652 -3.87 8.68 1.59
N SER E 653 -2.79 9.25 1.06
CA SER E 653 -1.97 10.22 1.78
C SER E 653 -1.84 11.48 0.95
N PRO E 654 -2.25 12.64 1.46
CA PRO E 654 -1.99 13.89 0.74
C PRO E 654 -0.50 14.20 0.74
N ILE E 655 -0.11 15.10 -0.18
CA ILE E 655 1.30 15.34 -0.45
C ILE E 655 2.03 15.76 0.82
N GLU E 656 1.49 16.74 1.52
CA GLU E 656 2.03 17.25 2.79
C GLU E 656 3.46 17.78 2.65
N SER E 657 3.97 17.90 1.43
CA SER E 657 5.36 18.32 1.25
C SER E 657 5.64 18.48 -0.24
N ALA E 658 6.80 19.07 -0.54
CA ALA E 658 7.20 19.27 -1.92
C ALA E 658 7.67 17.97 -2.56
N GLU E 659 8.42 17.16 -1.82
CA GLU E 659 8.92 15.91 -2.37
C GLU E 659 7.76 15.01 -2.79
N ASP E 660 6.73 14.90 -1.94
CA ASP E 660 5.54 14.17 -2.33
C ASP E 660 4.90 14.79 -3.56
N LEU E 661 4.90 16.13 -3.63
CA LEU E 661 4.38 16.81 -4.82
C LEU E 661 5.25 16.52 -6.03
N ALA E 662 6.57 16.46 -5.86
CA ALA E 662 7.47 16.30 -6.98
C ALA E 662 7.36 14.90 -7.57
N LYS E 663 7.40 13.88 -6.72
CA LYS E 663 7.47 12.50 -7.21
C LYS E 663 6.26 12.18 -8.09
N GLN E 664 5.06 12.56 -7.65
CA GLN E 664 3.87 12.29 -8.43
C GLN E 664 3.73 13.30 -9.56
N THR E 665 3.06 12.88 -10.63
CA THR E 665 2.80 13.72 -11.78
C THR E 665 1.32 13.96 -12.02
N GLU E 666 0.44 13.33 -11.24
CA GLU E 666 -0.99 13.55 -11.40
C GLU E 666 -1.35 15.00 -11.15
N ILE E 667 -0.76 15.61 -10.13
CA ILE E 667 -1.08 16.99 -9.74
C ILE E 667 -0.15 17.93 -10.48
N ALA E 668 -0.73 18.97 -11.09
CA ALA E 668 0.04 19.98 -11.79
C ALA E 668 0.28 21.15 -10.84
N TYR E 669 1.55 21.54 -10.70
CA TYR E 669 1.92 22.62 -9.79
C TYR E 669 2.59 23.74 -10.56
N GLY E 670 2.01 24.94 -10.44
CA GLY E 670 2.43 26.08 -11.22
C GLY E 670 3.20 27.09 -10.41
N THR E 671 3.24 28.31 -10.93
CA THR E 671 4.05 29.38 -10.38
C THR E 671 3.86 30.62 -11.24
N LEU E 672 4.06 31.79 -10.64
CA LEU E 672 3.96 33.03 -11.38
C LEU E 672 5.09 33.10 -12.41
N GLU E 673 4.76 33.53 -13.62
CA GLU E 673 5.75 33.53 -14.70
C GLU E 673 6.93 34.44 -14.35
N ALA E 674 6.65 35.62 -13.82
CA ALA E 674 7.67 36.58 -13.44
C ALA E 674 7.67 36.74 -11.93
N GLY E 675 8.81 36.53 -11.31
CA GLY E 675 8.94 36.74 -9.88
C GLY E 675 10.12 35.99 -9.31
N SER E 676 10.36 36.23 -8.02
CA SER E 676 11.45 35.59 -7.31
C SER E 676 11.25 34.09 -7.17
N THR E 677 10.02 33.60 -7.31
CA THR E 677 9.78 32.16 -7.25
C THR E 677 10.42 31.45 -8.44
N LYS E 678 10.21 31.98 -9.65
CA LYS E 678 10.87 31.43 -10.83
C LYS E 678 12.39 31.54 -10.71
N GLU E 679 12.87 32.68 -10.20
CA GLU E 679 14.30 32.80 -9.92
C GLU E 679 14.79 31.66 -9.05
N PHE E 680 14.06 31.40 -7.96
CA PHE E 680 14.48 30.38 -7.01
C PHE E 680 14.51 29.01 -7.65
N PHE E 681 13.50 28.71 -8.48
CA PHE E 681 13.43 27.37 -9.07
C PHE E 681 14.44 27.18 -10.19
N ARG E 682 14.74 28.22 -10.97
CA ARG E 682 15.75 28.09 -12.02
C ARG E 682 17.16 27.99 -11.43
N ARG E 683 17.49 28.84 -10.47
CA ARG E 683 18.82 28.87 -9.88
C ARG E 683 18.99 27.89 -8.74
N SER E 684 18.20 26.81 -8.72
CA SER E 684 18.17 25.89 -7.60
C SER E 684 19.02 24.67 -7.91
N LYS E 685 20.08 24.48 -7.13
CA LYS E 685 20.94 23.31 -7.31
C LYS E 685 20.30 22.07 -6.70
N ILE E 686 19.36 22.23 -5.76
CA ILE E 686 18.75 21.08 -5.12
C ILE E 686 17.98 20.27 -6.14
N ALA E 687 17.97 18.95 -5.97
CA ALA E 687 17.42 18.05 -6.97
C ALA E 687 15.93 18.25 -7.16
N VAL E 688 15.18 18.37 -6.06
CA VAL E 688 13.73 18.38 -6.16
C VAL E 688 13.24 19.68 -6.80
N PHE E 689 13.85 20.81 -6.46
CA PHE E 689 13.44 22.06 -7.07
C PHE E 689 13.82 22.12 -8.53
N GLU E 690 14.98 21.55 -8.88
CA GLU E 690 15.36 21.46 -10.30
C GLU E 690 14.35 20.60 -11.06
N LYS E 691 13.93 19.48 -10.47
CA LYS E 691 12.93 18.64 -11.10
C LYS E 691 11.60 19.38 -11.24
N MET E 692 11.24 20.17 -10.24
CA MET E 692 10.02 20.96 -10.33
C MET E 692 10.08 21.94 -11.48
N TRP E 693 11.23 22.60 -11.64
CA TRP E 693 11.40 23.50 -12.78
C TRP E 693 11.32 22.75 -14.09
N THR E 694 11.97 21.58 -14.16
CA THR E 694 11.93 20.79 -15.38
C THR E 694 10.49 20.46 -15.77
N TYR E 695 9.68 20.07 -14.78
CA TYR E 695 8.29 19.75 -15.08
C TYR E 695 7.49 20.99 -15.43
N MET E 696 7.78 22.13 -14.80
CA MET E 696 7.00 23.33 -15.05
C MET E 696 7.26 23.87 -16.45
N LYS E 697 8.54 23.97 -16.83
CA LYS E 697 8.86 24.44 -18.16
C LYS E 697 8.36 23.47 -19.22
N SER E 698 8.50 22.16 -18.97
CA SER E 698 8.03 21.14 -19.88
C SER E 698 6.62 20.73 -19.49
N ALA E 699 5.65 21.51 -19.94
CA ALA E 699 4.25 21.20 -19.68
C ALA E 699 3.37 21.95 -20.68
N GLU E 700 2.18 21.40 -20.89
CA GLU E 700 1.20 22.00 -21.76
C GLU E 700 -0.16 21.51 -21.28
N PRO E 701 -1.11 22.41 -20.96
CA PRO E 701 -1.00 23.87 -21.03
C PRO E 701 -0.08 24.42 -19.94
N SER E 702 0.54 25.57 -20.19
CA SER E 702 1.48 26.15 -19.24
C SER E 702 0.87 26.21 -17.85
N VAL E 703 1.49 25.50 -16.91
CA VAL E 703 1.01 25.53 -15.53
C VAL E 703 1.09 26.94 -14.97
N PHE E 704 2.00 27.76 -15.46
CA PHE E 704 2.23 29.07 -14.88
C PHE E 704 1.06 30.00 -15.19
N VAL E 705 0.96 31.07 -14.41
CA VAL E 705 -0.12 32.04 -14.55
C VAL E 705 0.46 33.44 -14.57
N ARG E 706 -0.33 34.37 -15.12
CA ARG E 706 0.12 35.75 -15.23
C ARG E 706 0.06 36.48 -13.90
N THR E 707 -0.99 36.23 -13.12
CA THR E 707 -1.21 36.91 -11.85
C THR E 707 -1.57 35.90 -10.77
N THR E 708 -1.46 36.35 -9.51
CA THR E 708 -1.75 35.48 -8.38
C THR E 708 -3.24 35.19 -8.26
N GLU E 709 -4.08 36.17 -8.56
CA GLU E 709 -5.52 35.91 -8.59
C GLU E 709 -5.83 34.80 -9.59
N GLU E 710 -5.13 34.80 -10.72
CA GLU E 710 -5.31 33.74 -11.70
C GLU E 710 -4.98 32.38 -11.09
N GLY E 711 -3.85 32.30 -10.38
CA GLY E 711 -3.48 31.03 -9.76
C GLY E 711 -4.49 30.59 -8.72
N MET E 712 -5.00 31.53 -7.91
CA MET E 712 -5.96 31.18 -6.89
C MET E 712 -7.25 30.64 -7.51
N ILE E 713 -7.76 31.33 -8.53
CA ILE E 713 -8.99 30.86 -9.17
C ILE E 713 -8.75 29.54 -9.86
N ARG E 714 -7.58 29.35 -10.46
CA ARG E 714 -7.27 28.08 -11.11
C ARG E 714 -7.23 26.94 -10.12
N VAL E 715 -6.63 27.17 -8.95
CA VAL E 715 -6.64 26.15 -7.90
C VAL E 715 -8.06 25.83 -7.50
N ARG E 716 -8.88 26.87 -7.30
CA ARG E 716 -10.24 26.64 -6.84
C ARG E 716 -11.05 25.87 -7.87
N LYS E 717 -10.90 26.19 -9.14
CA LYS E 717 -11.68 25.54 -10.19
C LYS E 717 -11.20 24.13 -10.48
N SER E 718 -9.88 23.93 -10.54
CA SER E 718 -9.33 22.67 -11.04
C SER E 718 -9.63 21.47 -10.15
N LYS E 719 -10.14 21.71 -8.93
CA LYS E 719 -10.57 20.62 -8.06
C LYS E 719 -9.43 19.65 -7.77
N GLY E 720 -8.40 20.18 -7.11
CA GLY E 720 -7.28 19.38 -6.66
C GLY E 720 -6.24 19.09 -7.71
N LYS E 721 -6.50 19.40 -8.98
CA LYS E 721 -5.51 19.12 -10.02
C LYS E 721 -4.39 20.14 -10.05
N TYR E 722 -4.53 21.26 -9.33
CA TYR E 722 -3.56 22.34 -9.36
C TYR E 722 -3.03 22.64 -7.97
N ALA E 723 -1.72 22.85 -7.89
CA ALA E 723 -1.06 23.34 -6.68
C ALA E 723 -0.27 24.58 -7.03
N TYR E 724 -0.50 25.66 -6.27
CA TYR E 724 0.13 26.94 -6.54
C TYR E 724 1.22 27.19 -5.51
N LEU E 725 2.40 27.58 -5.99
CA LEU E 725 3.55 27.83 -5.15
C LEU E 725 3.74 29.34 -5.01
N LEU E 726 3.69 29.84 -3.77
CA LEU E 726 3.72 31.28 -3.58
C LEU E 726 4.20 31.62 -2.17
N GLU E 727 4.28 32.92 -1.90
CA GLU E 727 4.67 33.39 -0.58
C GLU E 727 3.73 32.85 0.48
N SER E 728 4.31 32.46 1.62
CA SER E 728 3.51 31.88 2.69
C SER E 728 2.47 32.84 3.21
N THR E 729 2.83 34.12 3.34
CA THR E 729 1.93 35.10 3.94
C THR E 729 0.67 35.26 3.11
N MET E 730 0.81 35.38 1.80
CA MET E 730 -0.36 35.50 0.93
C MET E 730 -1.19 34.22 0.97
N ASN E 731 -0.52 33.07 1.04
CA ASN E 731 -1.24 31.81 1.15
C ASN E 731 -2.10 31.78 2.40
N GLU E 732 -1.56 32.22 3.53
CA GLU E 732 -2.33 32.25 4.77
C GLU E 732 -3.49 33.23 4.67
N TYR E 733 -3.22 34.42 4.14
CA TYR E 733 -4.29 35.42 4.02
C TYR E 733 -5.43 34.88 3.17
N ILE E 734 -5.09 34.29 2.02
CA ILE E 734 -6.09 33.72 1.14
C ILE E 734 -6.86 32.61 1.86
N GLU E 735 -6.13 31.73 2.55
CA GLU E 735 -6.78 30.68 3.31
C GLU E 735 -7.76 31.24 4.33
N GLN E 736 -7.52 32.47 4.80
CA GLN E 736 -8.43 33.10 5.75
C GLN E 736 -9.49 33.98 5.09
N ARG E 737 -9.43 34.17 3.77
CA ARG E 737 -10.44 34.95 3.07
C ARG E 737 -11.57 34.07 2.58
N LYS E 738 -12.73 34.68 2.36
CA LYS E 738 -13.85 34.01 1.73
C LYS E 738 -13.69 34.07 0.21
N PRO E 739 -13.83 32.94 -0.50
CA PRO E 739 -14.19 31.59 -0.04
C PRO E 739 -13.08 30.90 0.72
N CYS E 740 -13.45 29.95 1.58
CA CYS E 740 -12.52 29.24 2.43
C CYS E 740 -11.98 27.96 1.79
N ASP E 741 -12.00 27.87 0.46
CA ASP E 741 -11.67 26.62 -0.23
C ASP E 741 -10.23 26.67 -0.74
N THR E 742 -9.30 26.68 0.20
CA THR E 742 -7.89 26.57 -0.14
C THR E 742 -7.09 26.39 1.14
N MET E 743 -6.04 25.58 1.06
CA MET E 743 -5.27 25.22 2.23
C MET E 743 -3.78 25.23 1.91
N LYS E 744 -2.99 25.69 2.87
CA LYS E 744 -1.54 25.62 2.76
C LYS E 744 -1.04 24.31 3.34
N VAL E 745 -0.09 23.70 2.66
CA VAL E 745 0.48 22.43 3.07
C VAL E 745 1.99 22.52 3.14
N GLY E 746 2.57 21.82 4.11
CA GLY E 746 4.00 21.71 4.22
C GLY E 746 4.63 22.90 4.90
N GLY E 747 5.94 22.79 5.12
CA GLY E 747 6.73 23.90 5.58
C GLY E 747 7.21 24.76 4.42
N ASN E 748 7.72 25.92 4.77
CA ASN E 748 8.25 26.83 3.77
C ASN E 748 9.49 26.22 3.12
N LEU E 749 9.54 26.29 1.79
CA LEU E 749 10.64 25.66 1.06
C LEU E 749 11.95 26.39 1.31
N ASP E 750 11.94 27.72 1.19
CA ASP E 750 13.09 28.56 1.46
C ASP E 750 12.74 29.57 2.54
N SER E 751 13.75 30.29 2.99
CA SER E 751 13.61 31.25 4.07
C SER E 751 14.01 32.64 3.58
N LYS E 752 13.11 33.59 3.78
CA LYS E 752 13.35 34.99 3.43
C LYS E 752 12.90 35.87 4.59
N GLY E 753 12.87 37.19 4.36
CA GLY E 753 12.44 38.10 5.40
C GLY E 753 12.14 39.47 4.83
N TYR E 754 11.10 40.09 5.37
CA TYR E 754 10.74 41.46 5.07
C TYR E 754 11.36 42.38 6.10
N GLY E 755 11.71 43.58 5.67
CA GLY E 755 12.34 44.53 6.57
C GLY E 755 12.06 45.96 6.19
N ILE E 756 12.24 46.84 7.17
CA ILE E 756 12.11 48.27 6.99
C ILE E 756 13.43 48.83 6.48
N ALA E 757 13.37 49.57 5.39
CA ALA E 757 14.54 50.02 4.67
C ALA E 757 14.71 51.53 4.76
N THR E 758 15.95 51.97 4.81
CA THR E 758 16.29 53.38 4.81
C THR E 758 17.47 53.64 3.88
N PRO E 759 17.73 54.89 3.51
CA PRO E 759 18.89 55.18 2.67
C PRO E 759 20.19 54.96 3.43
N LYS E 760 21.24 54.69 2.66
CA LYS E 760 22.58 54.59 3.24
C LYS E 760 22.94 55.91 3.92
N GLY E 761 23.57 55.81 5.08
CA GLY E 761 23.97 56.99 5.82
C GLY E 761 22.85 57.68 6.56
N SER E 762 21.66 57.09 6.63
CA SER E 762 20.56 57.70 7.33
C SER E 762 20.75 57.57 8.84
N ALA E 763 20.04 58.43 9.58
CA ALA E 763 20.12 58.41 11.03
C ALA E 763 19.09 57.49 11.67
N LEU E 764 18.11 57.02 10.92
CA LEU E 764 17.02 56.22 11.46
C LEU E 764 17.30 54.72 11.42
N ARG E 765 18.44 54.30 10.86
CA ARG E 765 18.67 52.86 10.67
C ARG E 765 18.73 52.14 12.02
N GLY E 766 19.58 52.62 12.93
CA GLY E 766 19.77 51.98 14.20
C GLY E 766 18.53 52.00 15.06
N PRO E 767 17.94 53.19 15.23
CA PRO E 767 16.70 53.28 16.00
C PRO E 767 15.60 52.41 15.43
N VAL E 768 15.48 52.34 14.11
CA VAL E 768 14.44 51.52 13.51
C VAL E 768 14.69 50.05 13.77
N ASN E 769 15.95 49.60 13.66
CA ASN E 769 16.24 48.21 13.93
C ASN E 769 15.95 47.86 15.38
N LEU E 770 16.33 48.73 16.30
CA LEU E 770 16.04 48.49 17.71
C LEU E 770 14.55 48.47 17.97
N ALA E 771 13.79 49.35 17.33
CA ALA E 771 12.35 49.34 17.49
C ALA E 771 11.74 48.05 16.97
N VAL E 772 12.22 47.57 15.83
CA VAL E 772 11.70 46.33 15.28
C VAL E 772 11.94 45.19 16.25
N LEU E 773 13.15 45.11 16.80
CA LEU E 773 13.46 44.05 17.77
C LEU E 773 12.61 44.19 19.02
N LYS E 774 12.44 45.42 19.52
CA LYS E 774 11.58 45.66 20.66
C LYS E 774 10.18 45.12 20.42
N LEU E 775 9.61 45.45 19.26
CA LEU E 775 8.25 45.03 18.95
C LEU E 775 8.17 43.51 18.80
N SER E 776 9.21 42.90 18.24
CA SER E 776 9.20 41.45 18.09
C SER E 776 9.22 40.77 19.45
N GLU E 777 10.08 41.23 20.35
CA GLU E 777 10.14 40.64 21.68
C GLU E 777 8.85 40.86 22.45
N GLN E 778 8.30 42.07 22.37
CA GLN E 778 7.05 42.39 23.05
C GLN E 778 5.84 41.63 22.51
N GLY E 779 5.97 40.98 21.36
CA GLY E 779 4.84 40.31 20.74
C GLY E 779 3.94 41.19 19.93
N VAL E 780 4.34 42.45 19.68
CA VAL E 780 3.49 43.36 18.92
C VAL E 780 3.27 42.83 17.51
N LEU E 781 4.34 42.37 16.87
CA LEU E 781 4.23 41.92 15.49
C LEU E 781 3.36 40.68 15.38
N ASP E 782 3.50 39.74 16.32
CA ASP E 782 2.64 38.56 16.31
C ASP E 782 1.19 38.95 16.51
N LYS E 783 0.93 39.90 17.41
CA LYS E 783 -0.43 40.37 17.64
C LYS E 783 -1.02 40.99 16.38
N LEU E 784 -0.23 41.82 15.69
CA LEU E 784 -0.71 42.45 14.46
C LEU E 784 -0.96 41.41 13.38
N LYS E 785 -0.07 40.42 13.27
CA LYS E 785 -0.27 39.35 12.30
C LYS E 785 -1.56 38.62 12.57
N SER E 786 -1.79 38.23 13.83
CA SER E 786 -3.02 37.54 14.17
C SER E 786 -4.23 38.40 13.88
N LYS E 787 -4.14 39.70 14.18
CA LYS E 787 -5.27 40.59 13.99
C LYS E 787 -5.64 40.72 12.52
N TRP E 788 -4.65 41.01 11.68
CA TRP E 788 -4.92 41.32 10.28
C TRP E 788 -4.99 40.09 9.39
N TRP E 789 -4.64 38.91 9.89
CA TRP E 789 -4.75 37.67 9.14
C TRP E 789 -5.88 36.78 9.63
N TYR E 790 -6.15 36.76 10.92
CA TYR E 790 -7.12 35.84 11.52
C TYR E 790 -8.31 36.55 12.14
N ASP E 791 -8.08 37.56 12.98
CA ASP E 791 -9.20 38.26 13.61
C ASP E 791 -10.10 38.90 12.57
N LYS E 792 -9.51 39.57 11.58
CA LYS E 792 -10.26 40.10 10.45
C LYS E 792 -10.65 39.01 9.46
N GLY E 793 -10.24 37.77 9.70
CA GLY E 793 -10.46 36.69 8.76
C GLY E 793 -11.93 36.34 8.57
N GLU E 794 -12.38 36.31 7.32
CA GLU E 794 -13.75 35.89 7.04
C GLU E 794 -13.99 34.47 7.51
N CYS E 795 -13.06 33.56 7.21
CA CYS E 795 -13.21 32.19 7.66
C CYS E 795 -13.19 32.11 9.18
N GLY E 796 -12.25 32.80 9.81
CA GLY E 796 -12.23 32.92 11.26
C GLY E 796 -12.24 31.60 12.00
N SER E 797 -11.43 30.64 11.57
CA SER E 797 -11.46 29.31 12.14
C SER E 797 -10.08 28.69 12.02
N LYS E 798 -9.31 28.71 13.11
CA LYS E 798 -8.04 28.00 13.13
C LYS E 798 -8.25 26.50 12.97
N ASP E 799 -9.24 25.94 13.66
CA ASP E 799 -9.55 24.52 13.57
C ASP E 799 -10.81 24.30 12.75
N ASP E 804 -10.72 14.71 13.18
CA ASP E 804 -11.18 13.48 13.80
C ASP E 804 -11.10 12.31 12.80
N LYS E 805 -9.88 11.88 12.50
CA LYS E 805 -9.67 10.79 11.57
C LYS E 805 -9.82 9.46 12.31
N THR E 806 -10.83 8.70 11.92
CA THR E 806 -11.13 7.41 12.56
C THR E 806 -11.25 6.27 11.57
N SER E 807 -11.83 6.51 10.40
CA SER E 807 -12.10 5.53 9.36
C SER E 807 -13.22 4.57 9.75
N ALA E 808 -13.76 4.68 10.96
CA ALA E 808 -14.94 3.92 11.34
C ALA E 808 -16.14 4.38 10.52
N LEU E 809 -17.00 3.41 10.20
CA LEU E 809 -18.18 3.71 9.41
C LEU E 809 -19.17 4.52 10.21
N SER E 810 -19.74 5.53 9.57
CA SER E 810 -20.71 6.42 10.17
C SER E 810 -22.10 6.10 9.67
N LEU E 811 -23.09 6.63 10.38
CA LEU E 811 -24.48 6.42 10.00
C LEU E 811 -24.77 6.96 8.61
N SER E 812 -23.96 7.87 8.12
CA SER E 812 -24.15 8.39 6.76
C SER E 812 -23.74 7.36 5.72
N ASN E 813 -22.86 6.44 6.08
CA ASN E 813 -22.40 5.44 5.12
C ASN E 813 -23.45 4.37 4.90
N VAL E 814 -24.33 4.13 5.88
CA VAL E 814 -25.29 3.04 5.84
C VAL E 814 -26.69 3.59 6.08
N ALA E 815 -26.93 4.83 5.68
CA ALA E 815 -28.22 5.45 5.94
C ALA E 815 -29.31 4.86 5.05
N GLY E 816 -28.97 4.55 3.81
CA GLY E 816 -29.98 4.05 2.89
C GLY E 816 -30.63 2.78 3.36
N VAL E 817 -29.87 1.89 3.99
CA VAL E 817 -30.43 0.63 4.43
C VAL E 817 -31.37 0.86 5.62
N PHE E 818 -31.05 1.82 6.48
CA PHE E 818 -31.98 2.21 7.54
C PHE E 818 -33.27 2.78 6.96
N TYR E 819 -33.16 3.63 5.94
CA TYR E 819 -34.36 4.17 5.30
C TYR E 819 -35.20 3.07 4.68
N ILE E 820 -34.54 2.10 4.03
CA ILE E 820 -35.25 0.97 3.45
C ILE E 820 -35.97 0.18 4.55
N LEU E 821 -35.29 -0.03 5.68
CA LEU E 821 -35.92 -0.71 6.80
C LEU E 821 -37.18 0.01 7.26
N ILE E 822 -37.08 1.31 7.46
CA ILE E 822 -38.23 2.08 7.95
C ILE E 822 -39.37 2.02 6.94
N GLY E 823 -39.06 2.20 5.66
CA GLY E 823 -40.08 2.12 4.64
C GLY E 823 -40.74 0.77 4.58
N GLY E 824 -39.96 -0.30 4.74
CA GLY E 824 -40.53 -1.63 4.74
C GLY E 824 -41.44 -1.87 5.92
N LEU E 825 -41.06 -1.37 7.09
CA LEU E 825 -41.94 -1.49 8.25
C LEU E 825 -43.24 -0.74 8.03
N GLY E 826 -43.17 0.47 7.48
CA GLY E 826 -44.38 1.20 7.18
C GLY E 826 -45.26 0.48 6.18
N LEU E 827 -44.65 -0.03 5.11
CA LEU E 827 -45.40 -0.78 4.11
C LEU E 827 -46.02 -2.04 4.71
N ALA E 828 -45.34 -2.67 5.65
CA ALA E 828 -45.89 -3.84 6.32
C ALA E 828 -47.11 -3.47 7.16
N MET E 829 -47.03 -2.36 7.89
CA MET E 829 -48.19 -1.88 8.63
C MET E 829 -49.36 -1.63 7.68
N LEU E 830 -49.09 -0.95 6.57
CA LEU E 830 -50.14 -0.63 5.61
C LEU E 830 -50.77 -1.91 5.04
N VAL E 831 -49.94 -2.90 4.71
CA VAL E 831 -50.46 -4.14 4.16
C VAL E 831 -51.25 -4.91 5.19
N ALA E 832 -50.85 -4.86 6.46
CA ALA E 832 -51.65 -5.49 7.50
C ALA E 832 -53.00 -4.80 7.64
N LEU E 833 -53.00 -3.47 7.55
CA LEU E 833 -54.27 -2.74 7.57
C LEU E 833 -55.16 -3.16 6.41
N ILE E 834 -54.58 -3.32 5.23
CA ILE E 834 -55.35 -3.79 4.08
C ILE E 834 -55.91 -5.18 4.33
N GLU E 835 -55.07 -6.08 4.86
CA GLU E 835 -55.53 -7.43 5.17
C GLU E 835 -56.64 -7.42 6.20
N PHE E 836 -56.68 -6.39 7.05
CA PHE E 836 -57.72 -6.29 8.05
C PHE E 836 -59.01 -5.74 7.45
N CYS E 837 -58.91 -4.67 6.66
CA CYS E 837 -60.08 -4.17 5.95
C CYS E 837 -60.68 -5.27 5.09
N TYR E 838 -59.85 -5.90 4.27
CA TYR E 838 -60.21 -7.19 3.68
C TYR E 838 -60.44 -8.17 4.82
N LYS E 839 -61.29 -9.16 4.57
CA LYS E 839 -61.85 -10.03 5.60
C LYS E 839 -62.95 -9.33 6.39
N SER E 840 -63.49 -8.23 5.88
CA SER E 840 -64.64 -7.60 6.53
C SER E 840 -65.83 -8.54 6.56
N ARG E 841 -65.91 -9.46 5.60
CA ARG E 841 -66.97 -10.46 5.57
C ARG E 841 -66.43 -11.81 6.01
N ASN F 414 58.90 -14.84 -34.84
CA ASN F 414 59.48 -16.17 -34.96
C ASN F 414 59.96 -16.67 -33.61
N ARG F 415 59.09 -16.57 -32.60
CA ARG F 415 59.45 -16.99 -31.25
C ARG F 415 58.17 -17.21 -30.47
N THR F 416 58.31 -17.82 -29.30
CA THR F 416 57.19 -17.99 -28.39
C THR F 416 56.99 -16.72 -27.57
N TYR F 417 55.73 -16.33 -27.41
CA TYR F 417 55.36 -15.14 -26.67
C TYR F 417 54.88 -15.54 -25.29
N ILE F 418 55.37 -14.83 -24.27
CA ILE F 418 55.01 -15.13 -22.89
C ILE F 418 53.72 -14.40 -22.56
N VAL F 419 52.69 -15.16 -22.20
CA VAL F 419 51.38 -14.63 -21.89
C VAL F 419 51.19 -14.69 -20.38
N THR F 420 51.23 -13.54 -19.74
CA THR F 420 50.96 -13.48 -18.31
C THR F 420 49.46 -13.65 -18.06
N THR F 421 49.13 -14.00 -16.81
CA THR F 421 47.76 -14.31 -16.46
C THR F 421 47.66 -14.33 -14.94
N ILE F 422 46.43 -14.40 -14.44
CA ILE F 422 46.14 -14.47 -13.01
C ILE F 422 45.18 -15.62 -12.77
N LEU F 423 45.17 -16.09 -11.52
CA LEU F 423 44.29 -17.19 -11.11
C LEU F 423 42.99 -16.59 -10.57
N GLU F 424 41.91 -16.77 -11.32
CA GLU F 424 40.61 -16.28 -10.92
C GLU F 424 39.56 -17.09 -11.67
N ASP F 425 38.72 -17.80 -10.93
CA ASP F 425 37.69 -18.61 -11.57
C ASP F 425 36.67 -17.72 -12.25
N PRO F 426 36.18 -18.09 -13.44
CA PRO F 426 36.54 -19.21 -14.33
C PRO F 426 37.61 -18.86 -15.35
N TYR F 427 38.20 -17.68 -15.20
CA TYR F 427 39.07 -17.17 -16.24
C TYR F 427 40.29 -18.07 -16.45
N VAL F 428 40.99 -18.39 -15.36
CA VAL F 428 42.08 -19.37 -15.38
C VAL F 428 42.07 -20.10 -14.06
N MET F 429 42.28 -21.41 -14.11
CA MET F 429 42.31 -22.21 -12.90
C MET F 429 42.98 -23.54 -13.19
N LEU F 430 43.70 -24.04 -12.19
CA LEU F 430 44.46 -25.28 -12.36
C LEU F 430 43.52 -26.46 -12.58
N LYS F 431 43.90 -27.30 -13.54
CA LYS F 431 43.08 -28.45 -13.88
C LYS F 431 43.14 -29.50 -12.77
N LYS F 432 42.14 -30.37 -12.76
CA LYS F 432 42.09 -31.41 -11.73
C LYS F 432 43.33 -32.29 -11.77
N ASN F 433 43.72 -32.73 -12.97
CA ASN F 433 44.91 -33.56 -13.15
C ASN F 433 46.12 -32.65 -13.40
N ALA F 434 46.45 -31.87 -12.37
CA ALA F 434 47.57 -30.93 -12.48
C ALA F 434 48.89 -31.67 -12.64
N ASN F 435 49.09 -32.74 -11.88
CA ASN F 435 50.36 -33.47 -11.93
C ASN F 435 50.60 -34.07 -13.30
N GLN F 436 49.54 -34.61 -13.92
CA GLN F 436 49.71 -35.29 -15.20
C GLN F 436 50.17 -34.32 -16.29
N PHE F 437 49.63 -33.11 -16.29
CA PHE F 437 49.86 -32.14 -17.36
C PHE F 437 50.89 -31.10 -16.94
N GLU F 438 51.53 -30.51 -17.95
CA GLU F 438 52.51 -29.45 -17.76
C GLU F 438 52.40 -28.44 -18.90
N GLY F 439 52.94 -27.25 -18.66
CA GLY F 439 52.91 -26.22 -19.69
C GLY F 439 51.57 -25.51 -19.72
N ASN F 440 51.08 -25.24 -20.92
CA ASN F 440 49.80 -24.57 -21.07
C ASN F 440 48.65 -25.52 -20.74
N ASP F 441 48.87 -26.82 -20.87
CA ASP F 441 47.78 -27.79 -20.73
C ASP F 441 47.37 -28.03 -19.29
N ARG F 442 48.11 -27.52 -18.31
CA ARG F 442 47.74 -27.73 -16.92
C ARG F 442 46.62 -26.79 -16.46
N TYR F 443 46.35 -25.72 -17.22
CA TYR F 443 45.32 -24.77 -16.87
C TYR F 443 44.07 -24.98 -17.70
N GLU F 444 42.94 -24.51 -17.18
CA GLU F 444 41.69 -24.46 -17.92
C GLU F 444 40.90 -23.25 -17.48
N GLY F 445 40.09 -22.72 -18.39
CA GLY F 445 39.23 -21.61 -18.04
C GLY F 445 38.80 -20.82 -19.27
N TYR F 446 38.12 -19.71 -18.98
CA TYR F 446 37.60 -18.85 -20.05
C TYR F 446 38.74 -18.24 -20.86
N CYS F 447 39.80 -17.80 -20.17
CA CYS F 447 40.82 -16.99 -20.82
C CYS F 447 41.89 -17.84 -21.50
N VAL F 448 42.09 -19.09 -21.08
CA VAL F 448 43.02 -19.95 -21.79
C VAL F 448 42.50 -20.27 -23.18
N GLU F 449 41.20 -20.60 -23.29
CA GLU F 449 40.62 -20.87 -24.59
C GLU F 449 40.53 -19.60 -25.43
N LEU F 450 40.27 -18.46 -24.79
CA LEU F 450 40.28 -17.19 -25.50
C LEU F 450 41.66 -16.89 -26.05
N ALA F 451 42.70 -17.16 -25.26
CA ALA F 451 44.07 -16.97 -25.74
C ALA F 451 44.38 -17.90 -26.89
N ALA F 452 43.90 -19.14 -26.81
CA ALA F 452 44.07 -20.07 -27.92
C ALA F 452 43.44 -19.52 -29.19
N GLU F 453 42.21 -19.02 -29.09
CA GLU F 453 41.53 -18.47 -30.27
C GLU F 453 42.26 -17.24 -30.80
N ILE F 454 42.74 -16.38 -29.90
CA ILE F 454 43.47 -15.19 -30.33
C ILE F 454 44.74 -15.59 -31.06
N ALA F 455 45.47 -16.57 -30.54
CA ALA F 455 46.68 -17.02 -31.19
C ALA F 455 46.38 -17.61 -32.55
N LYS F 456 45.31 -18.39 -32.65
CA LYS F 456 44.94 -18.97 -33.95
C LYS F 456 44.63 -17.86 -34.95
N HIS F 457 43.87 -16.86 -34.53
CA HIS F 457 43.52 -15.77 -35.44
C HIS F 457 44.75 -14.95 -35.82
N VAL F 458 45.73 -14.86 -34.92
CA VAL F 458 46.96 -14.12 -35.20
C VAL F 458 48.11 -15.04 -35.59
N GLY F 459 48.00 -16.33 -35.33
CA GLY F 459 49.03 -17.28 -35.74
C GLY F 459 50.36 -17.13 -35.03
N TYR F 460 50.32 -17.06 -33.69
CA TYR F 460 51.54 -16.96 -32.90
C TYR F 460 51.51 -18.02 -31.80
N SER F 461 52.68 -18.59 -31.52
CA SER F 461 52.81 -19.61 -30.50
C SER F 461 53.05 -18.96 -29.14
N TYR F 462 52.30 -19.41 -28.14
CA TYR F 462 52.26 -18.74 -26.84
C TYR F 462 52.58 -19.72 -25.72
N ARG F 463 53.42 -19.26 -24.79
CA ARG F 463 53.69 -19.97 -23.55
C ARG F 463 52.99 -19.23 -22.42
N LEU F 464 52.11 -19.93 -21.72
CA LEU F 464 51.31 -19.34 -20.67
C LEU F 464 52.04 -19.39 -19.34
N GLU F 465 51.90 -18.32 -18.56
CA GLU F 465 52.50 -18.23 -17.24
C GLU F 465 51.52 -17.54 -16.31
N ILE F 466 51.90 -17.45 -15.04
CA ILE F 466 51.09 -16.82 -14.01
C ILE F 466 51.86 -15.64 -13.44
N VAL F 467 51.12 -14.63 -12.97
CA VAL F 467 51.74 -13.48 -12.32
C VAL F 467 52.21 -13.90 -10.94
N SER F 468 53.46 -13.59 -10.63
CA SER F 468 54.02 -13.95 -9.32
C SER F 468 53.30 -13.21 -8.19
N ASP F 469 53.03 -11.91 -8.38
CA ASP F 469 52.37 -11.14 -7.34
C ASP F 469 50.96 -11.64 -7.06
N GLY F 470 50.38 -12.43 -7.96
CA GLY F 470 49.03 -12.90 -7.76
C GLY F 470 47.99 -11.82 -7.66
N LYS F 471 48.21 -10.68 -8.31
CA LYS F 471 47.30 -9.54 -8.19
C LYS F 471 47.33 -8.74 -9.49
N TYR F 472 46.31 -7.93 -9.67
CA TYR F 472 46.18 -7.10 -10.85
C TYR F 472 47.03 -5.84 -10.71
N GLY F 473 47.23 -5.16 -11.83
CA GLY F 473 48.17 -4.05 -11.85
C GLY F 473 47.77 -2.94 -10.90
N ALA F 474 48.80 -2.21 -10.46
CA ALA F 474 48.62 -1.07 -9.57
C ALA F 474 49.98 -0.41 -9.37
N ARG F 475 49.96 0.88 -9.06
CA ARG F 475 51.17 1.68 -8.91
C ARG F 475 51.38 2.01 -7.43
N ASP F 476 52.56 1.69 -6.93
CA ASP F 476 52.92 2.11 -5.57
C ASP F 476 53.01 3.63 -5.53
N PRO F 477 52.46 4.29 -4.50
CA PRO F 477 52.46 5.77 -4.51
C PRO F 477 53.85 6.37 -4.56
N ASP F 478 54.72 5.99 -3.63
CA ASP F 478 56.06 6.58 -3.57
C ASP F 478 56.99 5.94 -4.60
N THR F 479 57.14 4.62 -4.56
CA THR F 479 58.07 3.95 -5.46
C THR F 479 57.73 4.22 -6.92
N LYS F 480 56.45 4.47 -7.23
CA LYS F 480 56.01 4.67 -8.61
C LYS F 480 56.31 3.43 -9.46
N ALA F 481 56.17 2.26 -8.87
CA ALA F 481 56.43 0.99 -9.54
C ALA F 481 55.12 0.26 -9.80
N TRP F 482 54.93 -0.20 -11.03
CA TRP F 482 53.76 -0.98 -11.38
C TRP F 482 53.92 -2.42 -10.92
N ASN F 483 52.88 -2.96 -10.30
CA ASN F 483 52.86 -4.32 -9.82
C ASN F 483 52.00 -5.18 -10.73
N GLY F 484 52.06 -6.50 -10.49
CA GLY F 484 51.18 -7.42 -11.18
C GLY F 484 51.44 -7.51 -12.67
N MET F 485 50.38 -7.86 -13.40
CA MET F 485 50.50 -8.06 -14.84
C MET F 485 50.91 -6.77 -15.55
N VAL F 486 50.42 -5.63 -15.08
CA VAL F 486 50.82 -4.36 -15.68
C VAL F 486 52.31 -4.15 -15.55
N GLY F 487 52.87 -4.42 -14.37
CA GLY F 487 54.31 -4.33 -14.23
C GLY F 487 55.03 -5.28 -15.15
N GLU F 488 54.52 -6.50 -15.27
CA GLU F 488 55.13 -7.46 -16.19
C GLU F 488 55.18 -6.92 -17.61
N LEU F 489 54.10 -6.28 -18.05
CA LEU F 489 54.06 -5.77 -19.42
C LEU F 489 54.99 -4.57 -19.59
N VAL F 490 54.95 -3.64 -18.63
CA VAL F 490 55.72 -2.40 -18.76
C VAL F 490 57.22 -2.71 -18.79
N TYR F 491 57.67 -3.62 -17.93
CA TYR F 491 59.09 -3.91 -17.76
C TYR F 491 59.59 -4.98 -18.72
N GLY F 492 58.76 -5.45 -19.64
CA GLY F 492 59.18 -6.39 -20.65
C GLY F 492 59.14 -7.85 -20.24
N ARG F 493 58.67 -8.14 -19.02
CA ARG F 493 58.64 -9.52 -18.57
C ARG F 493 57.69 -10.37 -19.41
N ALA F 494 56.54 -9.81 -19.79
CA ALA F 494 55.55 -10.52 -20.57
C ALA F 494 55.15 -9.69 -21.78
N ASP F 495 54.72 -10.38 -22.83
CA ASP F 495 54.33 -9.73 -24.08
C ASP F 495 52.84 -9.45 -24.18
N VAL F 496 52.01 -10.33 -23.63
CA VAL F 496 50.56 -10.17 -23.67
C VAL F 496 49.99 -10.52 -22.30
N ALA F 497 48.80 -9.98 -22.02
CA ALA F 497 48.10 -10.20 -20.76
C ALA F 497 46.65 -10.54 -21.08
N VAL F 498 46.37 -11.83 -21.18
CA VAL F 498 45.01 -12.32 -21.44
C VAL F 498 44.38 -12.61 -20.08
N ALA F 499 43.65 -11.65 -19.55
CA ALA F 499 43.05 -11.82 -18.24
C ALA F 499 41.99 -10.77 -17.98
N PRO F 500 41.16 -10.94 -16.94
CA PRO F 500 40.16 -9.93 -16.61
C PRO F 500 40.77 -8.65 -16.08
N LEU F 501 41.54 -7.99 -16.93
CA LEU F 501 42.23 -6.76 -16.58
C LEU F 501 41.35 -5.58 -16.98
N THR F 502 40.81 -4.89 -15.97
CA THR F 502 39.89 -3.80 -16.22
C THR F 502 40.57 -2.67 -16.98
N ILE F 503 39.82 -2.02 -17.85
CA ILE F 503 40.30 -0.87 -18.60
C ILE F 503 40.14 0.37 -17.75
N THR F 504 41.25 1.04 -17.46
CA THR F 504 41.24 2.23 -16.64
C THR F 504 42.13 3.28 -17.27
N LEU F 505 41.97 4.51 -16.79
CA LEU F 505 42.71 5.64 -17.35
C LEU F 505 44.20 5.48 -17.11
N VAL F 506 44.58 5.19 -15.86
CA VAL F 506 45.99 5.11 -15.51
C VAL F 506 46.67 3.97 -16.26
N ARG F 507 46.03 2.80 -16.30
CA ARG F 507 46.61 1.67 -17.01
C ARG F 507 46.72 1.96 -18.50
N GLU F 508 45.68 2.52 -19.09
CA GLU F 508 45.69 2.75 -20.54
C GLU F 508 46.82 3.65 -20.96
N GLU F 509 47.31 4.49 -20.04
CA GLU F 509 48.43 5.37 -20.38
C GLU F 509 49.71 4.58 -20.61
N VAL F 510 49.96 3.57 -19.79
CA VAL F 510 51.24 2.84 -19.83
C VAL F 510 51.17 1.56 -20.65
N ILE F 511 49.97 1.06 -20.98
CA ILE F 511 49.82 -0.13 -21.79
C ILE F 511 48.73 0.10 -22.82
N ASP F 512 48.73 -0.75 -23.84
CA ASP F 512 47.80 -0.64 -24.95
C ASP F 512 46.70 -1.68 -24.76
N PHE F 513 45.52 -1.23 -24.39
CA PHE F 513 44.37 -2.12 -24.25
C PHE F 513 43.74 -2.40 -25.60
N SER F 514 43.11 -3.57 -25.68
CA SER F 514 42.27 -3.90 -26.81
C SER F 514 40.83 -3.46 -26.53
N LYS F 515 39.97 -3.66 -27.51
CA LYS F 515 38.56 -3.43 -27.29
C LYS F 515 38.01 -4.47 -26.32
N PRO F 516 37.00 -4.12 -25.53
CA PRO F 516 36.54 -5.04 -24.50
C PRO F 516 36.06 -6.36 -25.06
N PHE F 517 36.40 -7.44 -24.35
CA PHE F 517 35.84 -8.75 -24.62
C PHE F 517 34.74 -9.11 -23.63
N MET F 518 34.50 -8.27 -22.63
CA MET F 518 33.44 -8.45 -21.67
C MET F 518 33.03 -7.09 -21.13
N SER F 519 31.72 -6.90 -21.00
CA SER F 519 31.16 -5.70 -20.41
C SER F 519 30.50 -6.08 -19.09
N LEU F 520 30.76 -5.28 -18.06
CA LEU F 520 30.31 -5.61 -16.72
C LEU F 520 30.08 -4.32 -15.94
N GLY F 521 29.80 -4.49 -14.65
CA GLY F 521 29.59 -3.34 -13.78
C GLY F 521 29.27 -3.81 -12.38
N ILE F 522 29.07 -2.83 -11.51
CA ILE F 522 28.68 -3.12 -10.14
C ILE F 522 27.24 -3.59 -10.12
N SER F 523 26.98 -4.64 -9.32
CA SER F 523 25.68 -5.28 -9.28
C SER F 523 25.41 -5.75 -7.86
N ILE F 524 24.15 -6.04 -7.62
CA ILE F 524 23.62 -6.34 -6.30
C ILE F 524 23.47 -7.86 -6.18
N MET F 525 23.68 -8.36 -4.97
CA MET F 525 23.70 -9.79 -4.68
C MET F 525 22.94 -10.01 -3.38
N ILE F 526 21.87 -10.80 -3.44
CA ILE F 526 20.99 -10.96 -2.29
C ILE F 526 20.71 -12.43 -2.05
N LYS F 527 20.20 -12.71 -0.84
CA LYS F 527 19.73 -14.04 -0.51
C LYS F 527 18.57 -14.42 -1.42
N LYS F 528 18.63 -15.61 -1.98
CA LYS F 528 17.63 -16.03 -2.93
C LYS F 528 16.27 -16.17 -2.24
N PRO F 529 15.19 -15.65 -2.82
CA PRO F 529 13.86 -15.92 -2.27
C PRO F 529 13.46 -17.36 -2.51
N GLN F 530 13.49 -18.17 -1.45
CA GLN F 530 13.20 -19.58 -1.55
C GLN F 530 11.69 -19.83 -1.67
N LYS F 531 11.34 -21.01 -2.17
CA LYS F 531 9.94 -21.44 -2.23
C LYS F 531 9.53 -21.87 -0.84
N SER F 532 8.96 -20.93 -0.08
CA SER F 532 8.56 -21.21 1.29
C SER F 532 7.43 -22.21 1.34
N LYS F 533 7.53 -23.15 2.27
CA LYS F 533 6.42 -24.06 2.54
C LYS F 533 5.42 -23.36 3.45
N PRO F 534 4.17 -23.17 3.01
CA PRO F 534 3.22 -22.39 3.83
C PRO F 534 3.06 -22.92 5.23
N GLY F 535 3.03 -24.24 5.40
CA GLY F 535 2.85 -24.83 6.70
C GLY F 535 1.50 -25.49 6.85
N VAL F 536 1.50 -26.76 7.27
CA VAL F 536 0.26 -27.44 7.56
C VAL F 536 -0.31 -26.84 8.83
N PHE F 537 -1.60 -26.52 8.80
CA PHE F 537 -2.27 -25.81 9.88
C PHE F 537 -1.89 -24.33 9.88
N SER F 538 -1.59 -23.77 8.72
CA SER F 538 -1.41 -22.34 8.58
C SER F 538 -2.74 -21.61 8.46
N PHE F 539 -3.85 -22.32 8.33
CA PHE F 539 -5.16 -21.72 8.32
C PHE F 539 -5.57 -21.19 9.69
N LEU F 540 -4.83 -21.53 10.74
CA LEU F 540 -5.06 -20.99 12.07
C LEU F 540 -4.26 -19.73 12.35
N ASP F 541 -3.36 -19.35 11.45
CA ASP F 541 -2.47 -18.22 11.71
C ASP F 541 -3.21 -16.93 12.00
N PRO F 542 -4.32 -16.60 11.35
CA PRO F 542 -4.96 -15.31 11.61
C PRO F 542 -5.34 -15.11 13.06
N LEU F 543 -5.58 -16.17 13.81
CA LEU F 543 -5.92 -16.10 15.21
C LEU F 543 -4.89 -16.86 16.03
N ALA F 544 -4.52 -16.29 17.16
CA ALA F 544 -3.57 -16.93 18.05
C ALA F 544 -4.16 -18.21 18.63
N TYR F 545 -3.27 -19.14 18.97
CA TYR F 545 -3.70 -20.42 19.52
C TYR F 545 -4.44 -20.23 20.83
N GLU F 546 -4.17 -19.14 21.53
CA GLU F 546 -4.90 -18.82 22.75
C GLU F 546 -6.37 -18.63 22.45
N ILE F 547 -6.68 -17.92 21.37
CA ILE F 547 -8.07 -17.69 20.97
C ILE F 547 -8.75 -19.02 20.66
N TRP F 548 -8.08 -19.87 19.89
CA TRP F 548 -8.68 -21.15 19.51
C TRP F 548 -8.98 -22.01 20.73
N MET F 549 -8.02 -22.11 21.65
CA MET F 549 -8.21 -22.97 22.80
C MET F 549 -9.25 -22.40 23.77
N CYS F 550 -9.24 -21.08 23.97
CA CYS F 550 -10.28 -20.46 24.76
C CYS F 550 -11.64 -20.63 24.11
N ILE F 551 -11.69 -20.68 22.78
CA ILE F 551 -12.94 -20.96 22.08
C ILE F 551 -13.44 -22.35 22.44
N VAL F 552 -12.54 -23.33 22.43
CA VAL F 552 -12.93 -24.69 22.76
C VAL F 552 -13.50 -24.75 24.18
N PHE F 553 -12.81 -24.12 25.12
CA PHE F 553 -13.24 -24.18 26.50
C PHE F 553 -14.54 -23.41 26.73
N ALA F 554 -14.71 -22.28 26.04
CA ALA F 554 -15.97 -21.55 26.10
C ALA F 554 -17.11 -22.35 25.50
N TYR F 555 -16.83 -23.13 24.45
CA TYR F 555 -17.82 -24.01 23.87
C TYR F 555 -18.31 -25.03 24.89
N ILE F 556 -17.37 -25.65 25.58
CA ILE F 556 -17.74 -26.61 26.63
C ILE F 556 -18.60 -25.93 27.70
N GLY F 557 -18.16 -24.75 28.15
CA GLY F 557 -18.90 -24.06 29.18
C GLY F 557 -20.30 -23.66 28.76
N VAL F 558 -20.43 -23.16 27.53
CA VAL F 558 -21.74 -22.78 27.00
C VAL F 558 -22.66 -23.98 26.94
N SER F 559 -22.14 -25.11 26.44
CA SER F 559 -22.94 -26.31 26.36
C SER F 559 -23.45 -26.73 27.73
N VAL F 560 -22.55 -26.73 28.72
CA VAL F 560 -22.94 -27.16 30.05
C VAL F 560 -23.99 -26.23 30.65
N VAL F 561 -23.80 -24.92 30.51
CA VAL F 561 -24.75 -23.98 31.07
C VAL F 561 -26.10 -24.09 30.39
N LEU F 562 -26.11 -24.28 29.07
CA LEU F 562 -27.37 -24.47 28.35
C LEU F 562 -28.10 -25.71 28.86
N PHE F 563 -27.39 -26.82 28.99
CA PHE F 563 -28.00 -28.05 29.47
C PHE F 563 -28.60 -27.84 30.86
N LEU F 564 -27.83 -27.23 31.76
CA LEU F 564 -28.30 -26.91 33.08
C LEU F 564 -29.58 -26.08 33.04
N VAL F 565 -29.49 -24.85 32.52
CA VAL F 565 -30.61 -23.93 32.55
C VAL F 565 -31.80 -24.43 31.74
N SER F 566 -31.61 -25.48 30.94
CA SER F 566 -32.71 -26.03 30.17
C SER F 566 -33.31 -27.29 30.78
N ARG F 567 -32.65 -27.91 31.75
CA ARG F 567 -33.10 -29.20 32.24
C ARG F 567 -33.18 -29.33 33.76
N PHE F 568 -32.73 -28.33 34.53
CA PHE F 568 -32.66 -28.59 35.98
C PHE F 568 -34.05 -28.53 36.60
N SER F 569 -34.91 -27.67 36.08
CA SER F 569 -36.20 -27.42 36.71
C SER F 569 -37.06 -28.69 36.68
N PRO F 570 -37.60 -29.12 37.82
CA PRO F 570 -38.42 -30.33 37.82
C PRO F 570 -39.64 -30.24 36.91
N TYR F 571 -40.20 -29.04 36.74
CA TYR F 571 -41.42 -28.89 35.96
C TYR F 571 -41.25 -29.36 34.53
N GLU F 572 -40.02 -29.42 34.02
CA GLU F 572 -39.74 -29.96 32.70
C GLU F 572 -39.40 -31.45 32.74
N TRP F 573 -39.35 -32.06 33.92
CA TRP F 573 -39.04 -33.49 34.03
C TRP F 573 -39.19 -33.96 35.46
N ASN F 591 -37.03 -32.31 28.53
CA ASN F 591 -36.81 -31.41 27.41
C ASN F 591 -35.95 -32.08 26.34
N GLU F 592 -35.66 -31.35 25.27
CA GLU F 592 -34.82 -31.86 24.20
C GLU F 592 -33.37 -31.42 24.33
N PHE F 593 -33.04 -30.57 25.29
CA PHE F 593 -31.70 -30.03 25.42
C PHE F 593 -30.91 -30.78 26.49
N GLY F 594 -30.56 -32.00 26.14
CA GLY F 594 -29.59 -32.75 26.89
C GLY F 594 -28.19 -32.24 26.61
N ILE F 595 -27.22 -32.87 27.27
CA ILE F 595 -25.85 -32.42 27.15
C ILE F 595 -25.34 -32.65 25.73
N PHE F 596 -25.62 -33.81 25.16
CA PHE F 596 -25.17 -34.10 23.80
C PHE F 596 -25.77 -33.13 22.80
N ASN F 597 -27.08 -32.89 22.90
CA ASN F 597 -27.72 -31.96 21.99
C ASN F 597 -27.32 -30.52 22.27
N SER F 598 -26.97 -30.20 23.52
CA SER F 598 -26.41 -28.89 23.81
C SER F 598 -25.07 -28.69 23.12
N LEU F 599 -24.20 -29.70 23.18
CA LEU F 599 -22.94 -29.65 22.46
C LEU F 599 -23.19 -29.45 20.97
N TRP F 600 -24.14 -30.20 20.42
CA TRP F 600 -24.44 -30.08 18.99
C TRP F 600 -24.96 -28.70 18.63
N PHE F 601 -25.86 -28.15 19.44
CA PHE F 601 -26.39 -26.82 19.18
C PHE F 601 -25.28 -25.78 19.22
N SER F 602 -24.41 -25.85 20.23
CA SER F 602 -23.33 -24.89 20.34
C SER F 602 -22.37 -24.98 19.16
N LEU F 603 -22.03 -26.20 18.75
CA LEU F 603 -21.14 -26.38 17.62
C LEU F 603 -21.75 -25.84 16.34
N GLY F 604 -23.03 -26.11 16.12
CA GLY F 604 -23.68 -25.57 14.94
C GLY F 604 -23.79 -24.07 14.97
N ALA F 605 -23.99 -23.49 16.16
CA ALA F 605 -24.00 -22.05 16.30
C ALA F 605 -22.66 -21.45 15.92
N PHE F 606 -21.56 -22.06 16.34
CA PHE F 606 -20.25 -21.51 16.01
C PHE F 606 -20.00 -21.52 14.51
N MET F 607 -20.39 -22.58 13.83
CA MET F 607 -20.21 -22.67 12.38
C MET F 607 -21.29 -21.94 11.61
N GLN F 608 -22.20 -21.28 12.30
CA GLN F 608 -23.32 -20.58 11.66
C GLN F 608 -24.16 -21.55 10.85
N GLN F 609 -24.36 -22.74 11.41
CA GLN F 609 -25.23 -23.76 10.85
C GLN F 609 -26.18 -24.19 11.95
N GLY F 610 -27.42 -23.72 11.88
CA GLY F 610 -28.38 -24.10 12.88
C GLY F 610 -28.67 -25.58 12.87
N CYS F 611 -29.31 -26.04 13.93
CA CYS F 611 -29.70 -27.43 14.10
C CYS F 611 -31.22 -27.50 14.22
N ASP F 612 -31.71 -28.71 14.50
CA ASP F 612 -33.15 -28.94 14.52
C ASP F 612 -33.83 -28.37 15.77
N ILE F 613 -33.07 -27.87 16.73
CA ILE F 613 -33.62 -27.43 18.00
C ILE F 613 -33.12 -26.04 18.32
N SER F 614 -33.99 -25.25 18.93
CA SER F 614 -33.67 -23.92 19.42
C SER F 614 -34.26 -23.76 20.81
N PRO F 615 -33.58 -23.05 21.70
CA PRO F 615 -34.11 -22.89 23.05
C PRO F 615 -35.41 -22.11 23.06
N ARG F 616 -36.29 -22.46 24.00
CA ARG F 616 -37.57 -21.81 24.16
C ARG F 616 -37.68 -21.00 25.44
N SER F 617 -36.79 -21.22 26.39
CA SER F 617 -36.78 -20.49 27.64
C SER F 617 -35.95 -19.22 27.51
N LEU F 618 -36.12 -18.32 28.49
CA LEU F 618 -35.38 -17.07 28.48
C LEU F 618 -33.90 -17.31 28.76
N SER F 619 -33.60 -18.24 29.67
CA SER F 619 -32.21 -18.51 30.02
C SER F 619 -31.46 -19.13 28.84
N GLY F 620 -32.04 -20.16 28.24
CA GLY F 620 -31.44 -20.76 27.08
C GLY F 620 -31.27 -19.78 25.95
N ARG F 621 -32.21 -18.87 25.79
CA ARG F 621 -32.13 -17.89 24.72
C ARG F 621 -31.08 -16.82 24.99
N ILE F 622 -30.89 -16.43 26.25
CA ILE F 622 -29.78 -15.56 26.60
C ILE F 622 -28.46 -16.21 26.26
N VAL F 623 -28.31 -17.49 26.64
CA VAL F 623 -27.09 -18.23 26.35
C VAL F 623 -26.84 -18.27 24.85
N GLY F 624 -27.87 -18.66 24.09
CA GLY F 624 -27.74 -18.71 22.65
C GLY F 624 -27.38 -17.36 22.04
N GLY F 625 -27.97 -16.29 22.56
CA GLY F 625 -27.67 -14.96 22.03
C GLY F 625 -26.23 -14.56 22.23
N VAL F 626 -25.71 -14.74 23.44
CA VAL F 626 -24.33 -14.37 23.68
C VAL F 626 -23.39 -15.25 22.87
N TRP F 627 -23.68 -16.54 22.75
CA TRP F 627 -22.86 -17.41 21.93
C TRP F 627 -22.89 -16.98 20.47
N TRP F 628 -24.06 -16.58 19.98
CA TRP F 628 -24.20 -16.12 18.61
C TRP F 628 -23.36 -14.86 18.35
N PHE F 629 -23.44 -13.90 19.26
CA PHE F 629 -22.64 -12.68 19.15
C PHE F 629 -21.15 -13.01 19.12
N PHE F 630 -20.72 -13.85 20.05
CA PHE F 630 -19.34 -14.31 20.10
C PHE F 630 -18.89 -14.87 18.76
N THR F 631 -19.69 -15.77 18.20
CA THR F 631 -19.30 -16.43 16.95
C THR F 631 -19.23 -15.44 15.81
N LEU F 632 -20.19 -14.52 15.75
CA LEU F 632 -20.18 -13.51 14.71
C LEU F 632 -18.89 -12.71 14.73
N ILE F 633 -18.55 -12.18 15.92
CA ILE F 633 -17.33 -11.37 16.04
C ILE F 633 -16.10 -12.20 15.68
N ILE F 634 -16.02 -13.42 16.20
CA ILE F 634 -14.82 -14.23 16.01
C ILE F 634 -14.61 -14.58 14.54
N ILE F 635 -15.69 -14.96 13.85
CA ILE F 635 -15.56 -15.39 12.48
C ILE F 635 -15.28 -14.21 11.56
N SER F 636 -15.91 -13.07 11.83
CA SER F 636 -15.58 -11.88 11.06
C SER F 636 -14.13 -11.48 11.27
N SER F 637 -13.63 -11.61 12.50
CA SER F 637 -12.23 -11.31 12.77
C SER F 637 -11.31 -12.25 12.01
N TYR F 638 -11.64 -13.54 11.98
CA TYR F 638 -10.82 -14.48 11.23
C TYR F 638 -10.75 -14.10 9.76
N THR F 639 -11.91 -13.87 9.14
CA THR F 639 -11.94 -13.50 7.73
C THR F 639 -11.15 -12.21 7.47
N ALA F 640 -11.36 -11.22 8.32
CA ALA F 640 -10.72 -9.92 8.12
C ALA F 640 -9.20 -10.01 8.26
N ASN F 641 -8.71 -10.69 9.27
CA ASN F 641 -7.27 -10.80 9.45
C ASN F 641 -6.63 -11.67 8.39
N LEU F 642 -7.33 -12.69 7.90
CA LEU F 642 -6.80 -13.45 6.77
C LEU F 642 -6.71 -12.57 5.54
N ALA F 643 -7.72 -11.73 5.31
CA ALA F 643 -7.66 -10.78 4.21
C ALA F 643 -6.46 -9.86 4.34
N ALA F 644 -6.23 -9.35 5.55
CA ALA F 644 -5.07 -8.51 5.79
C ALA F 644 -3.77 -9.23 5.48
N PHE F 645 -3.64 -10.46 5.97
CA PHE F 645 -2.45 -11.27 5.68
C PHE F 645 -2.20 -11.35 4.20
N LEU F 646 -3.21 -11.75 3.44
CA LEU F 646 -3.01 -12.01 2.02
C LEU F 646 -2.77 -10.73 1.25
N THR F 647 -3.48 -9.65 1.61
CA THR F 647 -3.27 -8.37 0.98
C THR F 647 -1.85 -7.87 1.20
N VAL F 648 -1.33 -8.04 2.40
CA VAL F 648 0.01 -7.58 2.70
C VAL F 648 1.05 -8.44 1.98
N GLU F 649 0.86 -9.75 1.96
CA GLU F 649 1.74 -10.61 1.16
C GLU F 649 1.65 -10.30 -0.33
N ARG F 650 0.58 -9.65 -0.76
CA ARG F 650 0.40 -9.36 -2.17
C ARG F 650 0.98 -8.02 -2.60
N MET F 651 1.37 -7.17 -1.66
CA MET F 651 1.93 -5.87 -1.96
C MET F 651 3.43 -5.79 -1.66
N VAL F 652 4.05 -6.91 -1.31
CA VAL F 652 5.47 -6.93 -1.01
C VAL F 652 6.26 -6.88 -2.31
N SER F 653 7.22 -5.96 -2.39
CA SER F 653 8.01 -5.75 -3.59
C SER F 653 9.49 -5.87 -3.22
N PRO F 654 10.23 -6.79 -3.83
CA PRO F 654 11.68 -6.79 -3.63
C PRO F 654 12.34 -5.56 -4.25
N ILE F 655 13.57 -5.30 -3.82
CA ILE F 655 14.22 -4.04 -4.15
C ILE F 655 14.32 -3.86 -5.67
N GLU F 656 14.79 -4.89 -6.36
CA GLU F 656 14.91 -4.90 -7.82
C GLU F 656 15.78 -3.77 -8.36
N SER F 657 16.47 -3.03 -7.51
CA SER F 657 17.25 -1.89 -7.96
C SER F 657 18.01 -1.31 -6.78
N ALA F 658 18.92 -0.38 -7.10
CA ALA F 658 19.72 0.26 -6.07
C ALA F 658 18.91 1.31 -5.32
N GLU F 659 18.09 2.07 -6.03
CA GLU F 659 17.27 3.11 -5.39
C GLU F 659 16.35 2.50 -4.35
N ASP F 660 15.70 1.39 -4.70
CA ASP F 660 14.89 0.68 -3.72
C ASP F 660 15.75 0.22 -2.56
N LEU F 661 16.97 -0.24 -2.84
CA LEU F 661 17.90 -0.63 -1.79
C LEU F 661 18.30 0.57 -0.94
N ALA F 662 18.50 1.73 -1.57
CA ALA F 662 18.98 2.91 -0.85
C ALA F 662 17.93 3.45 0.09
N LYS F 663 16.70 3.61 -0.42
CA LYS F 663 15.66 4.28 0.36
C LYS F 663 15.40 3.54 1.68
N GLN F 664 15.28 2.22 1.62
CA GLN F 664 15.04 1.44 2.83
C GLN F 664 16.33 1.26 3.62
N THR F 665 16.18 1.10 4.93
CA THR F 665 17.30 0.88 5.83
C THR F 665 17.25 -0.49 6.51
N GLU F 666 16.18 -1.25 6.31
CA GLU F 666 16.09 -2.58 6.92
C GLU F 666 17.21 -3.48 6.44
N ILE F 667 17.53 -3.43 5.15
CA ILE F 667 18.54 -4.30 4.56
C ILE F 667 19.89 -3.60 4.64
N ALA F 668 20.89 -4.33 5.13
CA ALA F 668 22.25 -3.81 5.20
C ALA F 668 23.02 -4.27 3.97
N TYR F 669 23.63 -3.33 3.26
CA TYR F 669 24.35 -3.62 2.04
C TYR F 669 25.80 -3.19 2.18
N GLY F 670 26.71 -4.14 1.96
CA GLY F 670 28.12 -3.94 2.18
C GLY F 670 28.91 -3.80 0.90
N THR F 671 30.21 -4.06 1.01
CA THR F 671 31.16 -3.86 -0.06
C THR F 671 32.54 -4.25 0.45
N LEU F 672 33.41 -4.64 -0.47
CA LEU F 672 34.78 -4.97 -0.09
C LEU F 672 35.49 -3.71 0.39
N GLU F 673 36.24 -3.84 1.48
CA GLU F 673 36.88 -2.68 2.07
C GLU F 673 37.86 -2.03 1.10
N ALA F 674 38.65 -2.84 0.40
CA ALA F 674 39.61 -2.36 -0.58
C ALA F 674 39.18 -2.82 -1.97
N GLY F 675 39.05 -1.88 -2.89
CA GLY F 675 38.73 -2.21 -4.26
C GLY F 675 38.15 -1.03 -5.00
N SER F 676 37.96 -1.24 -6.31
CA SER F 676 37.39 -0.21 -7.16
C SER F 676 35.94 0.09 -6.81
N THR F 677 35.24 -0.81 -6.11
CA THR F 677 33.88 -0.52 -5.70
C THR F 677 33.83 0.62 -4.68
N LYS F 678 34.70 0.56 -3.67
CA LYS F 678 34.81 1.65 -2.72
C LYS F 678 35.24 2.94 -3.40
N GLU F 679 36.18 2.85 -4.35
CA GLU F 679 36.55 4.00 -5.14
C GLU F 679 35.32 4.61 -5.79
N PHE F 680 34.50 3.78 -6.43
CA PHE F 680 33.34 4.27 -7.15
C PHE F 680 32.36 4.94 -6.22
N PHE F 681 32.14 4.37 -5.04
CA PHE F 681 31.15 4.93 -4.13
C PHE F 681 31.64 6.19 -3.45
N ARG F 682 32.93 6.29 -3.13
CA ARG F 682 33.45 7.52 -2.54
C ARG F 682 33.47 8.67 -3.55
N ARG F 683 33.97 8.42 -4.76
CA ARG F 683 34.10 9.46 -5.77
C ARG F 683 32.83 9.65 -6.59
N SER F 684 31.67 9.31 -6.03
CA SER F 684 30.42 9.30 -6.78
C SER F 684 29.64 10.57 -6.48
N LYS F 685 29.44 11.38 -7.52
CA LYS F 685 28.65 12.60 -7.38
C LYS F 685 27.16 12.32 -7.36
N ILE F 686 26.74 11.17 -7.90
CA ILE F 686 25.32 10.85 -7.95
C ILE F 686 24.78 10.72 -6.52
N ALA F 687 23.53 11.13 -6.35
CA ALA F 687 22.95 11.23 -5.01
C ALA F 687 22.85 9.87 -4.34
N VAL F 688 22.35 8.87 -5.07
CA VAL F 688 22.05 7.57 -4.44
C VAL F 688 23.33 6.86 -4.04
N PHE F 689 24.38 6.94 -4.87
CA PHE F 689 25.63 6.28 -4.50
C PHE F 689 26.33 7.01 -3.36
N GLU F 690 26.22 8.34 -3.32
CA GLU F 690 26.75 9.08 -2.19
C GLU F 690 26.03 8.68 -0.90
N LYS F 691 24.71 8.54 -0.98
CA LYS F 691 23.94 8.10 0.18
C LYS F 691 24.33 6.69 0.60
N MET F 692 24.59 5.82 -0.39
CA MET F 692 25.03 4.47 -0.08
C MET F 692 26.36 4.50 0.67
N TRP F 693 27.29 5.34 0.23
CA TRP F 693 28.54 5.47 0.96
C TRP F 693 28.31 6.00 2.36
N THR F 694 27.44 7.00 2.50
CA THR F 694 27.16 7.57 3.81
C THR F 694 26.66 6.48 4.76
N TYR F 695 25.76 5.63 4.28
CA TYR F 695 25.24 4.56 5.12
C TYR F 695 26.30 3.50 5.40
N MET F 696 27.15 3.21 4.41
CA MET F 696 28.14 2.15 4.60
C MET F 696 29.20 2.56 5.62
N LYS F 697 29.75 3.77 5.48
CA LYS F 697 30.74 4.24 6.42
C LYS F 697 30.14 4.40 7.81
N SER F 698 28.91 4.91 7.88
CA SER F 698 28.21 5.11 9.15
C SER F 698 27.35 3.87 9.42
N ALA F 699 27.98 2.85 9.98
CA ALA F 699 27.28 1.63 10.34
C ALA F 699 28.09 0.85 11.34
N GLU F 700 27.39 0.03 12.13
CA GLU F 700 28.02 -0.84 13.10
C GLU F 700 27.07 -2.02 13.30
N PRO F 701 27.53 -3.26 13.13
CA PRO F 701 28.90 -3.65 12.76
C PRO F 701 29.20 -3.31 11.31
N SER F 702 30.48 -3.10 11.00
CA SER F 702 30.88 -2.71 9.66
C SER F 702 30.28 -3.65 8.63
N VAL F 703 29.44 -3.11 7.76
CA VAL F 703 28.83 -3.90 6.70
C VAL F 703 29.90 -4.51 5.81
N PHE F 704 31.05 -3.87 5.71
CA PHE F 704 32.06 -4.26 4.74
C PHE F 704 32.73 -5.56 5.18
N VAL F 705 33.38 -6.23 4.23
CA VAL F 705 34.03 -7.50 4.48
C VAL F 705 35.43 -7.46 3.88
N ARG F 706 36.30 -8.33 4.42
CA ARG F 706 37.68 -8.35 3.96
C ARG F 706 37.81 -9.02 2.60
N THR F 707 37.08 -10.10 2.37
CA THR F 707 37.18 -10.88 1.15
C THR F 707 35.79 -11.13 0.58
N THR F 708 35.75 -11.56 -0.69
CA THR F 708 34.48 -11.81 -1.35
C THR F 708 33.81 -13.07 -0.83
N GLU F 709 34.60 -14.10 -0.51
CA GLU F 709 34.03 -15.28 0.12
C GLU F 709 33.32 -14.89 1.41
N GLU F 710 33.90 -13.95 2.17
CA GLU F 710 33.26 -13.46 3.37
C GLU F 710 31.90 -12.86 3.06
N GLY F 711 31.84 -12.00 2.04
CA GLY F 711 30.57 -11.39 1.68
C GLY F 711 29.54 -12.42 1.25
N MET F 712 29.96 -13.42 0.47
CA MET F 712 29.03 -14.44 0.01
C MET F 712 28.46 -15.22 1.19
N ILE F 713 29.33 -15.66 2.10
CA ILE F 713 28.86 -16.43 3.24
C ILE F 713 27.98 -15.56 4.13
N ARG F 714 28.31 -14.28 4.28
CA ARG F 714 27.50 -13.39 5.08
C ARG F 714 26.12 -13.21 4.48
N VAL F 715 26.04 -13.06 3.16
CA VAL F 715 24.73 -12.98 2.50
C VAL F 715 23.95 -14.26 2.75
N ARG F 716 24.61 -15.41 2.60
CA ARG F 716 23.91 -16.68 2.75
C ARG F 716 23.39 -16.87 4.17
N LYS F 717 24.19 -16.51 5.17
CA LYS F 717 23.80 -16.72 6.56
C LYS F 717 22.77 -15.70 7.03
N SER F 718 22.93 -14.43 6.65
CA SER F 718 22.12 -13.37 7.23
C SER F 718 20.65 -13.45 6.86
N LYS F 719 20.28 -14.31 5.91
CA LYS F 719 18.87 -14.56 5.59
C LYS F 719 18.18 -13.26 5.15
N GLY F 720 18.67 -12.70 4.04
CA GLY F 720 18.05 -11.53 3.45
C GLY F 720 18.43 -10.22 4.07
N LYS F 721 19.11 -10.22 5.21
CA LYS F 721 19.49 -8.97 5.85
C LYS F 721 20.70 -8.31 5.20
N TYR F 722 21.39 -9.01 4.31
CA TYR F 722 22.61 -8.52 3.70
C TYR F 722 22.49 -8.50 2.18
N ALA F 723 22.98 -7.43 1.58
CA ALA F 723 23.14 -7.32 0.14
C ALA F 723 24.57 -6.94 -0.18
N TYR F 724 25.21 -7.72 -1.05
CA TYR F 724 26.62 -7.54 -1.39
C TYR F 724 26.73 -6.91 -2.77
N LEU F 725 27.53 -5.87 -2.88
CA LEU F 725 27.74 -5.15 -4.13
C LEU F 725 29.08 -5.55 -4.72
N LEU F 726 29.08 -6.07 -5.94
CA LEU F 726 30.31 -6.60 -6.51
C LEU F 726 30.20 -6.65 -8.02
N GLU F 727 31.28 -7.10 -8.66
CA GLU F 727 31.32 -7.25 -10.10
C GLU F 727 30.21 -8.20 -10.56
N SER F 728 29.57 -7.85 -11.68
CA SER F 728 28.46 -8.63 -12.19
C SER F 728 28.89 -10.05 -12.53
N THR F 729 30.09 -10.21 -13.10
CA THR F 729 30.52 -11.52 -13.56
C THR F 729 30.66 -12.50 -12.41
N MET F 730 31.26 -12.06 -11.31
CA MET F 730 31.40 -12.94 -10.16
C MET F 730 30.04 -13.25 -9.56
N ASN F 731 29.14 -12.27 -9.56
CA ASN F 731 27.79 -12.51 -9.07
C ASN F 731 27.10 -13.58 -9.89
N GLU F 732 27.24 -13.53 -11.21
CA GLU F 732 26.63 -14.54 -12.07
C GLU F 732 27.26 -15.90 -11.83
N TYR F 733 28.58 -15.95 -11.71
CA TYR F 733 29.24 -17.23 -11.48
C TYR F 733 28.79 -17.85 -10.16
N ILE F 734 28.77 -17.05 -9.10
CA ILE F 734 28.33 -17.54 -7.79
C ILE F 734 26.89 -18.01 -7.86
N GLU F 735 26.04 -17.26 -8.53
CA GLU F 735 24.64 -17.65 -8.66
C GLU F 735 24.52 -19.02 -9.33
N GLN F 736 25.52 -19.41 -10.12
CA GLN F 736 25.50 -20.71 -10.78
C GLN F 736 26.27 -21.79 -10.05
N ARG F 737 26.98 -21.45 -8.98
CA ARG F 737 27.70 -22.43 -8.19
C ARG F 737 26.81 -23.01 -7.08
N LYS F 738 27.14 -24.22 -6.65
CA LYS F 738 26.51 -24.82 -5.48
C LYS F 738 27.16 -24.26 -4.22
N PRO F 739 26.36 -23.78 -3.24
CA PRO F 739 24.90 -23.76 -3.16
C PRO F 739 24.26 -22.73 -4.08
N CYS F 740 23.00 -22.96 -4.44
CA CYS F 740 22.28 -22.10 -5.37
C CYS F 740 21.50 -21.00 -4.65
N ASP F 741 21.90 -20.63 -3.44
CA ASP F 741 21.13 -19.72 -2.61
C ASP F 741 21.69 -18.30 -2.69
N THR F 742 21.61 -17.73 -3.89
CA THR F 742 21.97 -16.34 -4.07
C THR F 742 21.52 -15.91 -5.46
N MET F 743 21.11 -14.65 -5.57
CA MET F 743 20.54 -14.12 -6.79
C MET F 743 21.06 -12.73 -7.06
N LYS F 744 21.22 -12.40 -8.34
CA LYS F 744 21.52 -11.04 -8.75
C LYS F 744 20.24 -10.31 -9.12
N VAL F 745 20.14 -9.06 -8.71
CA VAL F 745 18.97 -8.24 -8.96
C VAL F 745 19.40 -6.92 -9.58
N GLY F 746 18.57 -6.40 -10.48
CA GLY F 746 18.79 -5.10 -11.06
C GLY F 746 19.80 -5.13 -12.19
N GLY F 747 19.96 -3.97 -12.81
CA GLY F 747 20.99 -3.78 -13.80
C GLY F 747 22.29 -3.35 -13.17
N ASN F 748 23.33 -3.36 -14.00
CA ASN F 748 24.64 -2.94 -13.54
C ASN F 748 24.64 -1.45 -13.25
N LEU F 749 25.21 -1.06 -12.12
CA LEU F 749 25.18 0.34 -11.70
C LEU F 749 26.07 1.19 -12.59
N ASP F 750 27.30 0.75 -12.84
CA ASP F 750 28.23 1.42 -13.72
C ASP F 750 28.65 0.47 -14.83
N SER F 751 29.38 1.01 -15.79
CA SER F 751 29.82 0.26 -16.97
C SER F 751 31.34 0.25 -17.03
N LYS F 752 31.91 -0.94 -17.15
CA LYS F 752 33.35 -1.12 -17.30
C LYS F 752 33.62 -2.12 -18.40
N GLY F 753 34.87 -2.55 -18.54
CA GLY F 753 35.21 -3.52 -19.56
C GLY F 753 36.56 -4.12 -19.31
N TYR F 754 36.67 -5.42 -19.55
CA TYR F 754 37.92 -6.15 -19.52
C TYR F 754 38.52 -6.19 -20.92
N GLY F 755 39.85 -6.15 -20.99
CA GLY F 755 40.52 -6.15 -22.27
C GLY F 755 41.87 -6.82 -22.21
N ILE F 756 42.32 -7.24 -23.38
CA ILE F 756 43.64 -7.82 -23.56
C ILE F 756 44.65 -6.70 -23.75
N ALA F 757 45.71 -6.71 -22.95
CA ALA F 757 46.67 -5.63 -22.88
C ALA F 757 48.02 -6.06 -23.41
N THR F 758 48.69 -5.13 -24.09
CA THR F 758 50.04 -5.33 -24.59
C THR F 758 50.87 -4.08 -24.34
N PRO F 759 52.20 -4.20 -24.33
CA PRO F 759 53.04 -3.03 -24.06
C PRO F 759 52.93 -1.99 -25.16
N LYS F 760 53.21 -0.75 -24.77
CA LYS F 760 53.24 0.33 -25.75
C LYS F 760 54.27 0.01 -26.83
N GLY F 761 53.91 0.29 -28.08
CA GLY F 761 54.80 0.02 -29.19
C GLY F 761 54.86 -1.42 -29.63
N SER F 762 54.03 -2.29 -29.08
CA SER F 762 54.03 -3.69 -29.47
C SER F 762 53.40 -3.87 -30.85
N ALA F 763 53.73 -5.00 -31.47
CA ALA F 763 53.21 -5.31 -32.79
C ALA F 763 51.90 -6.09 -32.74
N LEU F 764 51.51 -6.59 -31.56
CA LEU F 764 50.32 -7.42 -31.42
C LEU F 764 49.07 -6.63 -31.07
N ARG F 765 49.16 -5.31 -30.93
CA ARG F 765 48.01 -4.53 -30.49
C ARG F 765 46.87 -4.60 -31.51
N GLY F 766 47.17 -4.26 -32.77
CA GLY F 766 46.17 -4.20 -33.80
C GLY F 766 45.58 -5.56 -34.11
N PRO F 767 46.44 -6.54 -34.37
CA PRO F 767 45.93 -7.90 -34.62
C PRO F 767 45.10 -8.43 -33.48
N VAL F 768 45.51 -8.15 -32.24
CA VAL F 768 44.76 -8.64 -31.09
C VAL F 768 43.39 -7.97 -31.02
N ASN F 769 43.33 -6.66 -31.26
CA ASN F 769 42.04 -5.99 -31.22
C ASN F 769 41.11 -6.52 -32.30
N LEU F 770 41.64 -6.71 -33.51
CA LEU F 770 40.83 -7.25 -34.59
C LEU F 770 40.37 -8.67 -34.27
N ALA F 771 41.23 -9.48 -33.66
CA ALA F 771 40.81 -10.82 -33.27
C ALA F 771 39.70 -10.77 -32.23
N VAL F 772 39.82 -9.87 -31.25
CA VAL F 772 38.79 -9.77 -30.23
C VAL F 772 37.45 -9.44 -30.87
N LEU F 773 37.45 -8.48 -31.78
CA LEU F 773 36.19 -8.12 -32.45
C LEU F 773 35.67 -9.26 -33.32
N LYS F 774 36.55 -9.92 -34.06
CA LYS F 774 36.16 -11.07 -34.86
C LYS F 774 35.45 -12.12 -34.00
N LEU F 775 36.02 -12.41 -32.83
CA LEU F 775 35.42 -13.37 -31.93
C LEU F 775 34.09 -12.88 -31.38
N SER F 776 33.99 -11.58 -31.12
CA SER F 776 32.74 -11.04 -30.56
C SER F 776 31.61 -11.17 -31.57
N GLU F 777 31.87 -10.79 -32.83
CA GLU F 777 30.85 -10.88 -33.87
C GLU F 777 30.46 -12.33 -34.13
N GLN F 778 31.45 -13.22 -34.19
CA GLN F 778 31.18 -14.64 -34.42
C GLN F 778 30.43 -15.30 -33.28
N GLY F 779 30.32 -14.65 -32.13
CA GLY F 779 29.68 -15.25 -30.99
C GLY F 779 30.57 -16.15 -30.16
N VAL F 780 31.87 -16.16 -30.43
CA VAL F 780 32.78 -17.03 -29.69
C VAL F 780 32.77 -16.67 -28.21
N LEU F 781 32.85 -15.37 -27.91
CA LEU F 781 32.91 -14.94 -26.52
C LEU F 781 31.63 -15.27 -25.77
N ASP F 782 30.48 -15.07 -26.41
CA ASP F 782 29.22 -15.42 -25.78
C ASP F 782 29.14 -16.91 -25.52
N LYS F 783 29.60 -17.72 -26.48
CA LYS F 783 29.61 -19.16 -26.31
C LYS F 783 30.49 -19.58 -25.14
N LEU F 784 31.67 -18.97 -25.03
CA LEU F 784 32.58 -19.29 -23.93
C LEU F 784 31.99 -18.86 -22.59
N LYS F 785 31.37 -17.69 -22.56
CA LYS F 785 30.71 -17.23 -21.34
C LYS F 785 29.64 -18.22 -20.91
N SER F 786 28.78 -18.61 -21.85
CA SER F 786 27.73 -19.57 -21.52
C SER F 786 28.31 -20.88 -21.04
N LYS F 787 29.39 -21.34 -21.69
CA LYS F 787 29.99 -22.61 -21.34
C LYS F 787 30.56 -22.60 -19.93
N TRP F 788 31.37 -21.59 -19.61
CA TRP F 788 32.09 -21.56 -18.35
C TRP F 788 31.29 -20.95 -17.21
N TRP F 789 30.13 -20.36 -17.48
CA TRP F 789 29.26 -19.83 -16.44
C TRP F 789 28.01 -20.66 -16.21
N TYR F 790 27.45 -21.25 -17.26
CA TYR F 790 26.18 -21.96 -17.18
C TYR F 790 26.31 -23.44 -17.49
N ASP F 791 26.95 -23.81 -18.60
CA ASP F 791 27.07 -25.22 -18.94
C ASP F 791 27.81 -25.98 -17.86
N LYS F 792 28.92 -25.42 -17.37
CA LYS F 792 29.61 -25.98 -16.22
C LYS F 792 28.90 -25.69 -14.91
N GLY F 793 27.79 -24.95 -14.95
CA GLY F 793 27.09 -24.55 -13.74
C GLY F 793 26.51 -25.70 -12.95
N GLU F 794 26.83 -25.74 -11.66
CA GLU F 794 26.24 -26.75 -10.78
C GLU F 794 24.73 -26.60 -10.74
N CYS F 795 24.25 -25.37 -10.57
CA CYS F 795 22.81 -25.14 -10.56
C CYS F 795 22.19 -25.51 -11.90
N GLY F 796 22.81 -25.06 -12.99
CA GLY F 796 22.40 -25.48 -14.32
C GLY F 796 20.93 -25.22 -14.62
N SER F 797 20.42 -24.04 -14.25
CA SER F 797 19.00 -23.75 -14.40
C SER F 797 18.83 -22.25 -14.64
N LYS F 798 18.64 -21.86 -15.90
CA LYS F 798 18.31 -20.48 -16.20
C LYS F 798 16.97 -20.09 -15.58
N ASP F 799 15.98 -20.97 -15.69
CA ASP F 799 14.66 -20.71 -15.11
C ASP F 799 14.46 -21.55 -13.85
N ASP F 804 5.71 -18.22 -11.73
CA ASP F 804 4.26 -18.36 -11.77
C ASP F 804 3.61 -17.62 -10.61
N LYS F 805 3.63 -16.29 -10.67
CA LYS F 805 3.05 -15.46 -9.64
C LYS F 805 1.55 -15.33 -9.88
N THR F 806 0.75 -15.87 -8.96
CA THR F 806 -0.70 -15.86 -9.07
C THR F 806 -1.39 -15.30 -7.84
N SER F 807 -0.88 -15.60 -6.65
CA SER F 807 -1.45 -15.23 -5.36
C SER F 807 -2.70 -16.02 -5.05
N ALA F 808 -3.17 -16.87 -5.95
CA ALA F 808 -4.27 -17.77 -5.65
C ALA F 808 -3.86 -18.78 -4.61
N LEU F 809 -4.81 -19.12 -3.75
CA LEU F 809 -4.53 -20.07 -2.69
C LEU F 809 -4.33 -21.47 -3.24
N SER F 810 -3.33 -22.16 -2.74
CA SER F 810 -2.99 -23.50 -3.16
C SER F 810 -3.42 -24.51 -2.10
N LEU F 811 -3.45 -25.77 -2.52
CA LEU F 811 -3.84 -26.83 -1.62
C LEU F 811 -2.91 -26.93 -0.41
N SER F 812 -1.70 -26.38 -0.51
CA SER F 812 -0.80 -26.38 0.62
C SER F 812 -1.23 -25.37 1.69
N ASN F 813 -1.97 -24.34 1.28
CA ASN F 813 -2.42 -23.34 2.23
C ASN F 813 -3.55 -23.84 3.11
N VAL F 814 -4.33 -24.80 2.62
CA VAL F 814 -5.52 -25.28 3.30
C VAL F 814 -5.46 -26.79 3.46
N ALA F 815 -4.25 -27.33 3.57
CA ALA F 815 -4.10 -28.78 3.65
C ALA F 815 -4.57 -29.33 4.98
N GLY F 816 -4.31 -28.59 6.06
CA GLY F 816 -4.66 -29.07 7.38
C GLY F 816 -6.14 -29.34 7.54
N VAL F 817 -6.98 -28.49 6.92
CA VAL F 817 -8.41 -28.68 7.08
C VAL F 817 -8.87 -29.91 6.31
N PHE F 818 -8.23 -30.20 5.16
CA PHE F 818 -8.49 -31.45 4.45
C PHE F 818 -8.08 -32.66 5.28
N TYR F 819 -6.93 -32.58 5.94
CA TYR F 819 -6.48 -33.68 6.80
C TYR F 819 -7.46 -33.89 7.95
N ILE F 820 -7.93 -32.80 8.54
CA ILE F 820 -8.92 -32.88 9.61
C ILE F 820 -10.19 -33.54 9.08
N LEU F 821 -10.61 -33.18 7.88
CA LEU F 821 -11.77 -33.80 7.27
C LEU F 821 -11.61 -35.30 7.16
N ILE F 822 -10.47 -35.74 6.61
CA ILE F 822 -10.25 -37.17 6.41
C ILE F 822 -10.22 -37.89 7.75
N GLY F 823 -9.51 -37.32 8.73
CA GLY F 823 -9.45 -37.94 10.04
C GLY F 823 -10.80 -38.03 10.71
N GLY F 824 -11.63 -37.00 10.55
CA GLY F 824 -12.96 -37.03 11.12
C GLY F 824 -13.83 -38.07 10.48
N LEU F 825 -13.73 -38.23 9.16
CA LEU F 825 -14.48 -39.28 8.48
C LEU F 825 -14.04 -40.65 8.96
N GLY F 826 -12.74 -40.86 9.10
CA GLY F 826 -12.25 -42.13 9.63
C GLY F 826 -12.75 -42.40 11.03
N LEU F 827 -12.66 -41.40 11.90
CA LEU F 827 -13.16 -41.55 13.27
C LEU F 827 -14.65 -41.82 13.29
N ALA F 828 -15.39 -41.23 12.36
CA ALA F 828 -16.83 -41.48 12.28
C ALA F 828 -17.12 -42.92 11.87
N MET F 829 -16.40 -43.44 10.88
CA MET F 829 -16.59 -44.84 10.51
C MET F 829 -16.24 -45.76 11.68
N LEU F 830 -15.15 -45.46 12.39
CA LEU F 830 -14.77 -46.26 13.54
C LEU F 830 -15.85 -46.22 14.63
N VAL F 831 -16.40 -45.04 14.89
CA VAL F 831 -17.43 -44.93 15.93
C VAL F 831 -18.71 -45.64 15.50
N ALA F 832 -19.03 -45.62 14.21
CA ALA F 832 -20.17 -46.40 13.74
C ALA F 832 -19.94 -47.88 13.93
N LEU F 833 -18.72 -48.33 13.67
CA LEU F 833 -18.37 -49.73 13.92
C LEU F 833 -18.57 -50.07 15.38
N ILE F 834 -18.13 -49.18 16.29
CA ILE F 834 -18.32 -49.42 17.72
C ILE F 834 -19.80 -49.49 18.05
N GLU F 835 -20.59 -48.55 17.52
CA GLU F 835 -22.02 -48.56 17.76
C GLU F 835 -22.66 -49.84 17.26
N PHE F 836 -22.10 -50.44 16.22
CA PHE F 836 -22.63 -51.69 15.69
C PHE F 836 -22.23 -52.88 16.55
N CYS F 837 -20.97 -52.95 16.96
CA CYS F 837 -20.56 -53.99 17.89
C CYS F 837 -21.36 -53.92 19.18
N TYR F 838 -21.42 -52.74 19.79
CA TYR F 838 -22.44 -52.46 20.77
C TYR F 838 -23.81 -52.61 20.09
N LYS F 839 -24.82 -52.94 20.89
CA LYS F 839 -26.11 -53.41 20.39
C LYS F 839 -26.04 -54.85 19.90
N SER F 840 -24.99 -55.59 20.27
CA SER F 840 -24.93 -57.00 19.94
C SER F 840 -26.07 -57.76 20.62
N ARG F 841 -26.54 -57.25 21.75
CA ARG F 841 -27.68 -57.85 22.44
C ARG F 841 -28.93 -57.02 22.22
#